data_5NEX
# 
_entry.id   5NEX 
# 
_audit_conform.dict_name       mmcif_pdbx.dic 
_audit_conform.dict_version    5.391 
_audit_conform.dict_location   http://mmcif.pdb.org/dictionaries/ascii/mmcif_pdbx.dic 
# 
loop_
_database_2.database_id 
_database_2.database_code 
_database_2.pdbx_database_accession 
_database_2.pdbx_DOI 
PDB   5NEX         pdb_00005nex 10.2210/pdb5nex/pdb 
WWPDB D_1200003994 ?            ?                   
# 
loop_
_pdbx_audit_revision_history.ordinal 
_pdbx_audit_revision_history.data_content_type 
_pdbx_audit_revision_history.major_revision 
_pdbx_audit_revision_history.minor_revision 
_pdbx_audit_revision_history.revision_date 
1 'Structure model' 1 0 2017-05-31 
2 'Structure model' 1 1 2017-07-05 
3 'Structure model' 1 2 2017-08-30 
4 'Structure model' 1 3 2019-03-20 
5 'Structure model' 1 4 2024-05-08 
# 
_pdbx_audit_revision_details.ordinal             1 
_pdbx_audit_revision_details.revision_ordinal    1 
_pdbx_audit_revision_details.data_content_type   'Structure model' 
_pdbx_audit_revision_details.provider            repository 
_pdbx_audit_revision_details.type                'Initial release' 
_pdbx_audit_revision_details.description         ? 
_pdbx_audit_revision_details.details             ? 
# 
loop_
_pdbx_audit_revision_group.ordinal 
_pdbx_audit_revision_group.revision_ordinal 
_pdbx_audit_revision_group.data_content_type 
_pdbx_audit_revision_group.group 
1 2 'Structure model' 'Database references'        
2 3 'Structure model' 'Author supporting evidence' 
3 4 'Structure model' 'Data collection'            
4 4 'Structure model' 'Derived calculations'       
5 4 'Structure model' 'Structure summary'          
6 5 'Structure model' 'Data collection'            
7 5 'Structure model' 'Database references'        
8 5 'Structure model' 'Derived calculations'       
# 
loop_
_pdbx_audit_revision_category.ordinal 
_pdbx_audit_revision_category.revision_ordinal 
_pdbx_audit_revision_category.data_content_type 
_pdbx_audit_revision_category.category 
1  2 'Structure model' citation                  
2  3 'Structure model' pdbx_audit_support        
3  4 'Structure model' pdbx_struct_assembly      
4  4 'Structure model' pdbx_struct_assembly_gen  
5  4 'Structure model' pdbx_struct_assembly_prop 
6  4 'Structure model' pdbx_struct_oper_list     
7  4 'Structure model' struct_keywords           
8  5 'Structure model' chem_comp_atom            
9  5 'Structure model' chem_comp_bond            
10 5 'Structure model' database_2                
11 5 'Structure model' struct_conn               
12 5 'Structure model' struct_conn_type          
# 
loop_
_pdbx_audit_revision_item.ordinal 
_pdbx_audit_revision_item.revision_ordinal 
_pdbx_audit_revision_item.data_content_type 
_pdbx_audit_revision_item.item 
1  2 'Structure model' '_citation.country'                        
2  2 'Structure model' '_citation.journal_volume'                 
3  2 'Structure model' '_citation.page_first'                     
4  2 'Structure model' '_citation.page_last'                      
5  3 'Structure model' '_pdbx_audit_support.funding_organization' 
6  4 'Structure model' '_pdbx_struct_assembly.details'            
7  4 'Structure model' '_pdbx_struct_assembly.method_details'     
8  4 'Structure model' '_pdbx_struct_assembly.oligomeric_count'   
9  4 'Structure model' '_pdbx_struct_assembly.oligomeric_details' 
10 4 'Structure model' '_struct_keywords.text'                    
11 5 'Structure model' '_database_2.pdbx_DOI'                     
12 5 'Structure model' '_database_2.pdbx_database_accession'      
13 5 'Structure model' '_struct_conn.conn_type_id'                
14 5 'Structure model' '_struct_conn.id'                          
15 5 'Structure model' '_struct_conn.pdbx_dist_value'             
16 5 'Structure model' '_struct_conn.pdbx_leaving_atom_flag'      
17 5 'Structure model' '_struct_conn.ptnr1_auth_comp_id'          
18 5 'Structure model' '_struct_conn.ptnr1_auth_seq_id'           
19 5 'Structure model' '_struct_conn.ptnr1_label_atom_id'         
20 5 'Structure model' '_struct_conn.ptnr1_label_comp_id'         
21 5 'Structure model' '_struct_conn.ptnr1_label_seq_id'          
22 5 'Structure model' '_struct_conn.ptnr2_auth_comp_id'          
23 5 'Structure model' '_struct_conn.ptnr2_auth_seq_id'           
24 5 'Structure model' '_struct_conn.ptnr2_label_asym_id'         
25 5 'Structure model' '_struct_conn.ptnr2_label_atom_id'         
26 5 'Structure model' '_struct_conn.ptnr2_label_comp_id'         
27 5 'Structure model' '_struct_conn.ptnr2_label_seq_id'          
28 5 'Structure model' '_struct_conn.ptnr2_symmetry'              
29 5 'Structure model' '_struct_conn_type.id'                     
# 
_pdbx_database_status.status_code                     REL 
_pdbx_database_status.status_code_sf                  REL 
_pdbx_database_status.status_code_mr                  ? 
_pdbx_database_status.entry_id                        5NEX 
_pdbx_database_status.recvd_initial_deposition_date   2017-03-13 
_pdbx_database_status.SG_entry                        N 
_pdbx_database_status.deposit_site                    PDBE 
_pdbx_database_status.process_site                    PDBE 
_pdbx_database_status.status_code_cs                  ? 
_pdbx_database_status.methods_development_category    ? 
_pdbx_database_status.pdb_format_compatible           Y 
_pdbx_database_status.status_code_nmr_data            ? 
# 
loop_
_audit_author.name 
_audit_author.pdbx_ordinal 
_audit_author.identifier_ORCID 
'Huang, L.'      1 ? 
'Wang, J.'       2 ? 
'Lilley, D.M.J.' 3 ? 
# 
_citation.abstract                  ? 
_citation.abstract_id_CAS           ? 
_citation.book_id_ISBN              ? 
_citation.book_publisher            ? 
_citation.book_publisher_city       ? 
_citation.book_title                ? 
_citation.coordinate_linkage        ? 
_citation.country                   US 
_citation.database_id_Medline       ? 
_citation.details                   ? 
_citation.id                        primary 
_citation.journal_abbrev            'Cell Chem Biol' 
_citation.journal_id_ASTM           ? 
_citation.journal_id_CSD            ? 
_citation.journal_id_ISSN           2451-9456 
_citation.journal_full              ? 
_citation.journal_issue             ? 
_citation.journal_volume            24 
_citation.language                  ? 
_citation.page_first                695 
_citation.page_last                 702.e2 
_citation.title                     'The Structure of the Guanidine-II Riboswitch.' 
_citation.year                      2017 
_citation.database_id_CSD           ? 
_citation.pdbx_database_id_DOI      10.1016/j.chembiol.2017.05.014 
_citation.pdbx_database_id_PubMed   28529131 
_citation.unpublished_flag          ? 
# 
loop_
_citation_author.citation_id 
_citation_author.name 
_citation_author.ordinal 
_citation_author.identifier_ORCID 
primary 'Huang, L.'      1 ? 
primary 'Wang, J.'       2 ? 
primary 'Lilley, D.M.J.' 3 ? 
# 
loop_
_entity.id 
_entity.type 
_entity.src_method 
_entity.pdbx_description 
_entity.formula_weight 
_entity.pdbx_number_of_molecules 
_entity.pdbx_ec 
_entity.pdbx_mutation 
_entity.pdbx_fragment 
_entity.details 
1 polymer     syn 
;RNA (5'-R(*GP*GP*UP*GP*GP*GP*GP*AP*CP*GP*AP*CP*CP*CP*CP*AP*(CBV)P*C)-3')
;
5880.434 1  ? ? ? ? 
2 non-polymer syn 'SODIUM ION'                                                               22.990   8  ? ? ? ? 
3 non-polymer syn AGMATINE                                                                   130.191  1  ? ? ? ? 
4 water       nat water                                                                      18.015   15 ? ? ? ? 
# 
_entity_poly.entity_id                      1 
_entity_poly.type                           polyribonucleotide 
_entity_poly.nstd_linkage                   no 
_entity_poly.nstd_monomer                   yes 
_entity_poly.pdbx_seq_one_letter_code       'GGUGGGGACGACCCCA(CBV)C' 
_entity_poly.pdbx_seq_one_letter_code_can   GGUGGGGACGACCCCACC 
_entity_poly.pdbx_strand_id                 A 
_entity_poly.pdbx_target_identifier         ? 
# 
loop_
_pdbx_entity_nonpoly.entity_id 
_pdbx_entity_nonpoly.name 
_pdbx_entity_nonpoly.comp_id 
2 'SODIUM ION' NA  
3 AGMATINE     AG2 
4 water        HOH 
# 
loop_
_entity_poly_seq.entity_id 
_entity_poly_seq.num 
_entity_poly_seq.mon_id 
_entity_poly_seq.hetero 
1 1  G   n 
1 2  G   n 
1 3  U   n 
1 4  G   n 
1 5  G   n 
1 6  G   n 
1 7  G   n 
1 8  A   n 
1 9  C   n 
1 10 G   n 
1 11 A   n 
1 12 C   n 
1 13 C   n 
1 14 C   n 
1 15 C   n 
1 16 A   n 
1 17 CBV n 
1 18 C   n 
# 
_pdbx_entity_src_syn.entity_id              1 
_pdbx_entity_src_syn.pdbx_src_id            1 
_pdbx_entity_src_syn.pdbx_alt_source_flag   sample 
_pdbx_entity_src_syn.pdbx_beg_seq_num       1 
_pdbx_entity_src_syn.pdbx_end_seq_num       18 
_pdbx_entity_src_syn.organism_scientific    'Gloeobacter violaceus' 
_pdbx_entity_src_syn.organism_common_name   ? 
_pdbx_entity_src_syn.ncbi_taxonomy_id       33072 
_pdbx_entity_src_syn.details                ? 
# 
loop_
_chem_comp.id 
_chem_comp.type 
_chem_comp.mon_nstd_flag 
_chem_comp.name 
_chem_comp.pdbx_synonyms 
_chem_comp.formula 
_chem_comp.formula_weight 
A   'RNA linking' y "ADENOSINE-5'-MONOPHOSPHATE"                ?                         'C10 H14 N5 O7 P'   347.221 
AG2 non-polymer   . AGMATINE                                    '(4-AMINOBUTYL)GUANIDINE' 'C5 H14 N4'         130.191 
C   'RNA linking' y "CYTIDINE-5'-MONOPHOSPHATE"                 ?                         'C9 H14 N3 O8 P'    323.197 
CBV 'RNA linking' n 
;5-BROMOCYTIDINE 5'-(DIHYDROGEN PHOSPHATE)
;
?                         'C9 H13 Br N3 O8 P' 402.093 
G   'RNA linking' y "GUANOSINE-5'-MONOPHOSPHATE"                ?                         'C10 H14 N5 O8 P'   363.221 
HOH non-polymer   . WATER                                       ?                         'H2 O'              18.015  
NA  non-polymer   . 'SODIUM ION'                                ?                         'Na 1'              22.990  
U   'RNA linking' y "URIDINE-5'-MONOPHOSPHATE"                  ?                         'C9 H13 N2 O9 P'    324.181 
# 
loop_
_pdbx_poly_seq_scheme.asym_id 
_pdbx_poly_seq_scheme.entity_id 
_pdbx_poly_seq_scheme.seq_id 
_pdbx_poly_seq_scheme.mon_id 
_pdbx_poly_seq_scheme.ndb_seq_num 
_pdbx_poly_seq_scheme.pdb_seq_num 
_pdbx_poly_seq_scheme.auth_seq_num 
_pdbx_poly_seq_scheme.pdb_mon_id 
_pdbx_poly_seq_scheme.auth_mon_id 
_pdbx_poly_seq_scheme.pdb_strand_id 
_pdbx_poly_seq_scheme.pdb_ins_code 
_pdbx_poly_seq_scheme.hetero 
A 1 1  G   1  1  1  G   G   A . n 
A 1 2  G   2  2  2  G   G   A . n 
A 1 3  U   3  3  3  U   U   A . n 
A 1 4  G   4  4  4  G   G   A . n 
A 1 5  G   5  5  5  G   G   A . n 
A 1 6  G   6  6  6  G   G   A . n 
A 1 7  G   7  7  7  G   G   A . n 
A 1 8  A   8  8  8  A   A   A . n 
A 1 9  C   9  9  9  C   C   A . n 
A 1 10 G   10 10 10 G   G   A . n 
A 1 11 A   11 11 11 A   A   A . n 
A 1 12 C   12 12 12 C   C   A . n 
A 1 13 C   13 13 13 C   C   A . n 
A 1 14 C   14 14 14 C   C   A . n 
A 1 15 C   15 15 15 C   C   A . n 
A 1 16 A   16 16 16 A   A   A . n 
A 1 17 CBV 17 17 17 CBV CBV A . n 
A 1 18 C   18 18 18 C   C   A . n 
# 
loop_
_pdbx_nonpoly_scheme.asym_id 
_pdbx_nonpoly_scheme.entity_id 
_pdbx_nonpoly_scheme.mon_id 
_pdbx_nonpoly_scheme.ndb_seq_num 
_pdbx_nonpoly_scheme.pdb_seq_num 
_pdbx_nonpoly_scheme.auth_seq_num 
_pdbx_nonpoly_scheme.pdb_mon_id 
_pdbx_nonpoly_scheme.auth_mon_id 
_pdbx_nonpoly_scheme.pdb_strand_id 
_pdbx_nonpoly_scheme.pdb_ins_code 
B 2 NA  1  101 1  NA  NA  A . 
C 2 NA  1  102 2  NA  NA  A . 
D 2 NA  1  103 3  NA  NA  A . 
E 2 NA  1  104 4  NA  NA  A . 
F 2 NA  1  105 5  NA  NA  A . 
G 2 NA  1  106 6  NA  NA  A . 
H 2 NA  1  107 7  NA  NA  A . 
I 2 NA  1  108 8  NA  NA  A . 
J 3 AG2 1  109 1  AG2 AG2 A . 
K 4 HOH 1  201 9  HOH HOH A . 
K 4 HOH 2  202 8  HOH HOH A . 
K 4 HOH 3  203 3  HOH HOH A . 
K 4 HOH 4  204 12 HOH HOH A . 
K 4 HOH 5  205 1  HOH HOH A . 
K 4 HOH 6  206 4  HOH HOH A . 
K 4 HOH 7  207 10 HOH HOH A . 
K 4 HOH 8  208 14 HOH HOH A . 
K 4 HOH 9  209 7  HOH HOH A . 
K 4 HOH 10 210 6  HOH HOH A . 
K 4 HOH 11 211 11 HOH HOH A . 
K 4 HOH 12 212 2  HOH HOH A . 
K 4 HOH 13 213 5  HOH HOH A . 
K 4 HOH 14 214 13 HOH HOH A . 
K 4 HOH 15 215 15 HOH HOH A . 
# 
loop_
_software.citation_id 
_software.classification 
_software.compiler_name 
_software.compiler_version 
_software.contact_author 
_software.contact_author_email 
_software.date 
_software.description 
_software.dependencies 
_software.hardware 
_software.language 
_software.location 
_software.mods 
_software.name 
_software.os 
_software.os_version 
_software.type 
_software.version 
_software.pdbx_ordinal 
? refinement       ? ? ? ? ? ? ? ? ? ? ? PHENIX ? ? ? '(dev_2219: ???)' 1 
? 'data reduction' ? ? ? ? ? ? ? ? ? ? ? xia2   ? ? ? .                 2 
? 'data scaling'   ? ? ? ? ? ? ? ? ? ? ? xia2   ? ? ? .                 3 
? phasing          ? ? ? ? ? ? ? ? ? ? ? PHENIX ? ? ? .                 4 
# 
_cell.angle_alpha                  90.00 
_cell.angle_alpha_esd              ? 
_cell.angle_beta                   90.00 
_cell.angle_beta_esd               ? 
_cell.angle_gamma                  120.00 
_cell.angle_gamma_esd              ? 
_cell.entry_id                     5NEX 
_cell.details                      ? 
_cell.formula_units_Z              ? 
_cell.length_a                     55.639 
_cell.length_a_esd                 ? 
_cell.length_b                     55.639 
_cell.length_b_esd                 ? 
_cell.length_c                     135.927 
_cell.length_c_esd                 ? 
_cell.volume                       ? 
_cell.volume_esd                   ? 
_cell.Z_PDB                        18 
_cell.reciprocal_angle_alpha       ? 
_cell.reciprocal_angle_beta        ? 
_cell.reciprocal_angle_gamma       ? 
_cell.reciprocal_angle_alpha_esd   ? 
_cell.reciprocal_angle_beta_esd    ? 
_cell.reciprocal_angle_gamma_esd   ? 
_cell.reciprocal_length_a          ? 
_cell.reciprocal_length_b          ? 
_cell.reciprocal_length_c          ? 
_cell.reciprocal_length_a_esd      ? 
_cell.reciprocal_length_b_esd      ? 
_cell.reciprocal_length_c_esd      ? 
_cell.pdbx_unique_axis             ? 
# 
_symmetry.entry_id                         5NEX 
_symmetry.cell_setting                     ? 
_symmetry.Int_Tables_number                155 
_symmetry.space_group_name_Hall            ? 
_symmetry.space_group_name_H-M             'H 3 2' 
_symmetry.pdbx_full_space_group_name_H-M   ? 
# 
_exptl.absorpt_coefficient_mu     ? 
_exptl.absorpt_correction_T_max   ? 
_exptl.absorpt_correction_T_min   ? 
_exptl.absorpt_correction_type    ? 
_exptl.absorpt_process_details    ? 
_exptl.entry_id                   5NEX 
_exptl.crystals_number            1 
_exptl.details                    ? 
_exptl.method                     'X-RAY DIFFRACTION' 
_exptl.method_details             ? 
# 
_exptl_crystal.colour                      ? 
_exptl_crystal.density_diffrn              ? 
_exptl_crystal.density_Matthews            3.44 
_exptl_crystal.density_method              ? 
_exptl_crystal.density_percent_sol         64.27 
_exptl_crystal.description                 ? 
_exptl_crystal.F_000                       ? 
_exptl_crystal.id                          1 
_exptl_crystal.preparation                 ? 
_exptl_crystal.size_max                    ? 
_exptl_crystal.size_mid                    ? 
_exptl_crystal.size_min                    ? 
_exptl_crystal.size_rad                    ? 
_exptl_crystal.colour_lustre               ? 
_exptl_crystal.colour_modifier             ? 
_exptl_crystal.colour_primary              ? 
_exptl_crystal.density_meas                ? 
_exptl_crystal.density_meas_esd            ? 
_exptl_crystal.density_meas_gt             ? 
_exptl_crystal.density_meas_lt             ? 
_exptl_crystal.density_meas_temp           ? 
_exptl_crystal.density_meas_temp_esd       ? 
_exptl_crystal.density_meas_temp_gt        ? 
_exptl_crystal.density_meas_temp_lt        ? 
_exptl_crystal.pdbx_crystal_image_url      ? 
_exptl_crystal.pdbx_crystal_image_format   ? 
_exptl_crystal.pdbx_mosaicity              ? 
_exptl_crystal.pdbx_mosaicity_esd          ? 
# 
_exptl_crystal_grow.apparatus       ? 
_exptl_crystal_grow.atmosphere      ? 
_exptl_crystal_grow.crystal_id      1 
_exptl_crystal_grow.details         ? 
_exptl_crystal_grow.method          'VAPOR DIFFUSION, HANGING DROP' 
_exptl_crystal_grow.method_ref      ? 
_exptl_crystal_grow.pH              ? 
_exptl_crystal_grow.pressure        ? 
_exptl_crystal_grow.pressure_esd    ? 
_exptl_crystal_grow.seeding         ? 
_exptl_crystal_grow.seeding_ref     ? 
_exptl_crystal_grow.temp            293 
_exptl_crystal_grow.temp_details    ? 
_exptl_crystal_grow.temp_esd        ? 
_exptl_crystal_grow.time            ? 
_exptl_crystal_grow.pdbx_details    
;0.01 M Magnesium Acetate, 
0.05 M MES pH 5.6,  
2.5 M Ammonium Sulfate
soaking with 500mM agmatine
;
_exptl_crystal_grow.pdbx_pH_range   ? 
# 
_diffrn.ambient_environment    ? 
_diffrn.ambient_temp           100 
_diffrn.ambient_temp_details   ? 
_diffrn.ambient_temp_esd       ? 
_diffrn.crystal_id             1 
_diffrn.crystal_support        ? 
_diffrn.crystal_treatment      ? 
_diffrn.details                ? 
_diffrn.id                     1 
_diffrn.ambient_pressure       ? 
_diffrn.ambient_pressure_esd   ? 
_diffrn.ambient_pressure_gt    ? 
_diffrn.ambient_pressure_lt    ? 
_diffrn.ambient_temp_gt        ? 
_diffrn.ambient_temp_lt        ? 
# 
_diffrn_detector.details                      ? 
_diffrn_detector.detector                     PIXEL 
_diffrn_detector.diffrn_id                    1 
_diffrn_detector.type                         'DECTRIS PILATUS 6M-F' 
_diffrn_detector.area_resol_mean              ? 
_diffrn_detector.dtime                        ? 
_diffrn_detector.pdbx_frames_total            ? 
_diffrn_detector.pdbx_collection_time_total   ? 
_diffrn_detector.pdbx_collection_date         2017-03-11 
# 
_diffrn_radiation.collimation                      ? 
_diffrn_radiation.diffrn_id                        1 
_diffrn_radiation.filter_edge                      ? 
_diffrn_radiation.inhomogeneity                    ? 
_diffrn_radiation.monochromator                    ? 
_diffrn_radiation.polarisn_norm                    ? 
_diffrn_radiation.polarisn_ratio                   ? 
_diffrn_radiation.probe                            ? 
_diffrn_radiation.type                             ? 
_diffrn_radiation.xray_symbol                      ? 
_diffrn_radiation.wavelength_id                    1 
_diffrn_radiation.pdbx_monochromatic_or_laue_m_l   M 
_diffrn_radiation.pdbx_wavelength_list             ? 
_diffrn_radiation.pdbx_wavelength                  ? 
_diffrn_radiation.pdbx_diffrn_protocol             'SINGLE WAVELENGTH' 
_diffrn_radiation.pdbx_analyzer                    ? 
_diffrn_radiation.pdbx_scattering_type             x-ray 
# 
_diffrn_radiation_wavelength.id           1 
_diffrn_radiation_wavelength.wavelength   0.9179 
_diffrn_radiation_wavelength.wt           1.0 
# 
_diffrn_source.current                     ? 
_diffrn_source.details                     ? 
_diffrn_source.diffrn_id                   1 
_diffrn_source.power                       ? 
_diffrn_source.size                        ? 
_diffrn_source.source                      SYNCHROTRON 
_diffrn_source.target                      ? 
_diffrn_source.type                        'ESRF BEAMLINE ID23-1' 
_diffrn_source.voltage                     ? 
_diffrn_source.take-off_angle              ? 
_diffrn_source.pdbx_wavelength_list        0.9179 
_diffrn_source.pdbx_wavelength             ? 
_diffrn_source.pdbx_synchrotron_beamline   ID23-1 
_diffrn_source.pdbx_synchrotron_site       ESRF 
# 
_reflns.B_iso_Wilson_estimate            ? 
_reflns.entry_id                         5NEX 
_reflns.data_reduction_details           ? 
_reflns.data_reduction_method            ? 
_reflns.d_resolution_high                1.719 
_reflns.d_resolution_low                 45.42 
_reflns.details                          ? 
_reflns.limit_h_max                      ? 
_reflns.limit_h_min                      ? 
_reflns.limit_k_max                      ? 
_reflns.limit_k_min                      ? 
_reflns.limit_l_max                      ? 
_reflns.limit_l_min                      ? 
_reflns.number_all                       ? 
_reflns.number_obs                       16643 
_reflns.observed_criterion               ? 
_reflns.observed_criterion_F_max         ? 
_reflns.observed_criterion_F_min         ? 
_reflns.observed_criterion_I_max         ? 
_reflns.observed_criterion_I_min         ? 
_reflns.observed_criterion_sigma_F       ? 
_reflns.observed_criterion_sigma_I       1.4 
_reflns.percent_possible_obs             100 
_reflns.R_free_details                   ? 
_reflns.Rmerge_F_all                     ? 
_reflns.Rmerge_F_obs                     ? 
_reflns.Friedel_coverage                 ? 
_reflns.number_gt                        ? 
_reflns.threshold_expression             ? 
_reflns.pdbx_redundancy                  18.5 
_reflns.pdbx_Rmerge_I_obs                0.129 
_reflns.pdbx_Rmerge_I_all                ? 
_reflns.pdbx_Rsym_value                  ? 
_reflns.pdbx_netI_over_av_sigmaI         ? 
_reflns.pdbx_netI_over_sigmaI            10.7 
_reflns.pdbx_res_netI_over_av_sigmaI_2   ? 
_reflns.pdbx_res_netI_over_sigmaI_2      ? 
_reflns.pdbx_chi_squared                 ? 
_reflns.pdbx_scaling_rejects             ? 
_reflns.pdbx_d_res_high_opt              ? 
_reflns.pdbx_d_res_low_opt               ? 
_reflns.pdbx_d_res_opt_method            ? 
_reflns.phase_calculation_details        ? 
_reflns.pdbx_Rrim_I_all                  ? 
_reflns.pdbx_Rpim_I_all                  0.031 
_reflns.pdbx_d_opt                       ? 
_reflns.pdbx_number_measured_all         ? 
_reflns.pdbx_diffrn_id                   1 
_reflns.pdbx_ordinal                     1 
_reflns.pdbx_CC_half                     0.996 
_reflns.pdbx_R_split                     ? 
# 
_reflns_shell.d_res_high                  1.719 
_reflns_shell.d_res_low                   1.75 
_reflns_shell.meanI_over_sigI_all         ? 
_reflns_shell.meanI_over_sigI_obs         ? 
_reflns_shell.number_measured_all         ? 
_reflns_shell.number_measured_obs         ? 
_reflns_shell.number_possible             ? 
_reflns_shell.number_unique_all           ? 
_reflns_shell.number_unique_obs           452 
_reflns_shell.percent_possible_all        99.8 
_reflns_shell.percent_possible_obs        ? 
_reflns_shell.Rmerge_F_all                ? 
_reflns_shell.Rmerge_F_obs                ? 
_reflns_shell.Rmerge_I_all                ? 
_reflns_shell.Rmerge_I_obs                1.5 
_reflns_shell.meanI_over_sigI_gt          ? 
_reflns_shell.meanI_over_uI_all           ? 
_reflns_shell.meanI_over_uI_gt            ? 
_reflns_shell.number_measured_gt          ? 
_reflns_shell.number_unique_gt            ? 
_reflns_shell.percent_possible_gt         ? 
_reflns_shell.Rmerge_F_gt                 ? 
_reflns_shell.Rmerge_I_gt                 ? 
_reflns_shell.pdbx_redundancy             17.8 
_reflns_shell.pdbx_Rsym_value             ? 
_reflns_shell.pdbx_chi_squared            ? 
_reflns_shell.pdbx_netI_over_sigmaI_all   ? 
_reflns_shell.pdbx_netI_over_sigmaI_obs   ? 
_reflns_shell.pdbx_Rrim_I_all             ? 
_reflns_shell.pdbx_Rpim_I_all             0.948 
_reflns_shell.pdbx_rejects                ? 
_reflns_shell.pdbx_ordinal                1 
_reflns_shell.pdbx_diffrn_id              1 
_reflns_shell.pdbx_CC_half                0.752 
_reflns_shell.pdbx_R_split                ? 
# 
_refine.aniso_B[1][1]                            ? 
_refine.aniso_B[1][2]                            ? 
_refine.aniso_B[1][3]                            ? 
_refine.aniso_B[2][2]                            ? 
_refine.aniso_B[2][3]                            ? 
_refine.aniso_B[3][3]                            ? 
_refine.B_iso_max                                ? 
_refine.B_iso_mean                               ? 
_refine.B_iso_min                                ? 
_refine.correlation_coeff_Fo_to_Fc               ? 
_refine.correlation_coeff_Fo_to_Fc_free          ? 
_refine.details                                  ? 
_refine.diff_density_max                         ? 
_refine.diff_density_max_esd                     ? 
_refine.diff_density_min                         ? 
_refine.diff_density_min_esd                     ? 
_refine.diff_density_rms                         ? 
_refine.diff_density_rms_esd                     ? 
_refine.entry_id                                 5NEX 
_refine.pdbx_refine_id                           'X-RAY DIFFRACTION' 
_refine.ls_abs_structure_details                 ? 
_refine.ls_abs_structure_Flack                   ? 
_refine.ls_abs_structure_Flack_esd               ? 
_refine.ls_abs_structure_Rogers                  ? 
_refine.ls_abs_structure_Rogers_esd              ? 
_refine.ls_d_res_high                            1.72 
_refine.ls_d_res_low                             45.416 
_refine.ls_extinction_coef                       ? 
_refine.ls_extinction_coef_esd                   ? 
_refine.ls_extinction_expression                 ? 
_refine.ls_extinction_method                     ? 
_refine.ls_goodness_of_fit_all                   ? 
_refine.ls_goodness_of_fit_all_esd               ? 
_refine.ls_goodness_of_fit_obs                   ? 
_refine.ls_goodness_of_fit_obs_esd               ? 
_refine.ls_hydrogen_treatment                    ? 
_refine.ls_matrix_type                           ? 
_refine.ls_number_constraints                    ? 
_refine.ls_number_parameters                     ? 
_refine.ls_number_reflns_all                     ? 
_refine.ls_number_reflns_obs                     16643 
_refine.ls_number_reflns_R_free                  930 
_refine.ls_number_reflns_R_work                  ? 
_refine.ls_number_restraints                     ? 
_refine.ls_percent_reflns_obs                    99.50 
_refine.ls_percent_reflns_R_free                 5.59 
_refine.ls_R_factor_all                          ? 
_refine.ls_R_factor_obs                          0.2022 
_refine.ls_R_factor_R_free                       0.2331 
_refine.ls_R_factor_R_free_error                 ? 
_refine.ls_R_factor_R_free_error_details         ? 
_refine.ls_R_factor_R_work                       0.2005 
_refine.ls_R_Fsqd_factor_obs                     ? 
_refine.ls_R_I_factor_obs                        ? 
_refine.ls_redundancy_reflns_all                 ? 
_refine.ls_redundancy_reflns_obs                 ? 
_refine.ls_restrained_S_all                      ? 
_refine.ls_restrained_S_obs                      ? 
_refine.ls_shift_over_esd_max                    ? 
_refine.ls_shift_over_esd_mean                   ? 
_refine.ls_structure_factor_coef                 ? 
_refine.ls_weighting_details                     ? 
_refine.ls_weighting_scheme                      ? 
_refine.ls_wR_factor_all                         ? 
_refine.ls_wR_factor_obs                         ? 
_refine.ls_wR_factor_R_free                      ? 
_refine.ls_wR_factor_R_work                      ? 
_refine.occupancy_max                            ? 
_refine.occupancy_min                            ? 
_refine.solvent_model_details                    ? 
_refine.solvent_model_param_bsol                 ? 
_refine.solvent_model_param_ksol                 ? 
_refine.ls_R_factor_gt                           ? 
_refine.ls_goodness_of_fit_gt                    ? 
_refine.ls_goodness_of_fit_ref                   ? 
_refine.ls_shift_over_su_max                     ? 
_refine.ls_shift_over_su_max_lt                  ? 
_refine.ls_shift_over_su_mean                    ? 
_refine.ls_shift_over_su_mean_lt                 ? 
_refine.pdbx_ls_sigma_I                          ? 
_refine.pdbx_ls_sigma_F                          1.33 
_refine.pdbx_ls_sigma_Fsqd                       ? 
_refine.pdbx_data_cutoff_high_absF               ? 
_refine.pdbx_data_cutoff_high_rms_absF           ? 
_refine.pdbx_data_cutoff_low_absF                ? 
_refine.pdbx_isotropic_thermal_model             ? 
_refine.pdbx_ls_cross_valid_method               'FREE R-VALUE' 
_refine.pdbx_method_to_determine_struct          SAD 
_refine.pdbx_starting_model                      ? 
_refine.pdbx_stereochemistry_target_values       ? 
_refine.pdbx_R_Free_selection_details            ? 
_refine.pdbx_stereochem_target_val_spec_case     ? 
_refine.pdbx_overall_ESU_R                       ? 
_refine.pdbx_overall_ESU_R_Free                  ? 
_refine.pdbx_solvent_vdw_probe_radii             1.11 
_refine.pdbx_solvent_ion_probe_radii             ? 
_refine.pdbx_solvent_shrinkage_radii             0.90 
_refine.pdbx_real_space_R                        ? 
_refine.pdbx_density_correlation                 ? 
_refine.pdbx_pd_number_of_powder_patterns        ? 
_refine.pdbx_pd_number_of_points                 ? 
_refine.pdbx_pd_meas_number_of_points            ? 
_refine.pdbx_pd_proc_ls_prof_R_factor            ? 
_refine.pdbx_pd_proc_ls_prof_wR_factor           ? 
_refine.pdbx_pd_Marquardt_correlation_coeff      ? 
_refine.pdbx_pd_Fsqrd_R_factor                   ? 
_refine.pdbx_pd_ls_matrix_band_width             ? 
_refine.pdbx_overall_phase_error                 25.40 
_refine.pdbx_overall_SU_R_free_Cruickshank_DPI   ? 
_refine.pdbx_overall_SU_R_free_Blow_DPI          ? 
_refine.pdbx_overall_SU_R_Blow_DPI               ? 
_refine.pdbx_TLS_residual_ADP_flag               ? 
_refine.pdbx_diffrn_id                           1 
_refine.overall_SU_B                             ? 
_refine.overall_SU_ML                            0.24 
_refine.overall_SU_R_Cruickshank_DPI             ? 
_refine.overall_SU_R_free                        ? 
_refine.overall_FOM_free_R_set                   ? 
_refine.overall_FOM_work_R_set                   ? 
_refine.pdbx_average_fsc_overall                 ? 
_refine.pdbx_average_fsc_work                    ? 
_refine.pdbx_average_fsc_free                    ? 
# 
_refine_hist.pdbx_refine_id                   'X-RAY DIFFRACTION' 
_refine_hist.cycle_id                         LAST 
_refine_hist.pdbx_number_atoms_protein        0 
_refine_hist.pdbx_number_atoms_nucleic_acid   386 
_refine_hist.pdbx_number_atoms_ligand         17 
_refine_hist.number_atoms_solvent             15 
_refine_hist.number_atoms_total               418 
_refine_hist.d_res_high                       1.72 
_refine_hist.d_res_low                        45.416 
# 
loop_
_refine_ls_restr.pdbx_refine_id 
_refine_ls_restr.criterion 
_refine_ls_restr.dev_ideal 
_refine_ls_restr.dev_ideal_target 
_refine_ls_restr.number 
_refine_ls_restr.rejects 
_refine_ls_restr.type 
_refine_ls_restr.weight 
_refine_ls_restr.pdbx_restraint_function 
'X-RAY DIFFRACTION' ? 0.008  ? 447 ? f_bond_d           ? ? 
'X-RAY DIFFRACTION' ? 1.383  ? 689 ? f_angle_d          ? ? 
'X-RAY DIFFRACTION' ? 11.776 ? 212 ? f_dihedral_angle_d ? ? 
'X-RAY DIFFRACTION' ? 0.044  ? 88  ? f_chiral_restr     ? ? 
'X-RAY DIFFRACTION' ? 0.009  ? 20  ? f_plane_restr      ? ? 
# 
loop_
_refine_ls_shell.pdbx_refine_id 
_refine_ls_shell.d_res_high 
_refine_ls_shell.d_res_low 
_refine_ls_shell.number_reflns_all 
_refine_ls_shell.number_reflns_obs 
_refine_ls_shell.number_reflns_R_free 
_refine_ls_shell.number_reflns_R_work 
_refine_ls_shell.percent_reflns_obs 
_refine_ls_shell.percent_reflns_R_free 
_refine_ls_shell.R_factor_all 
_refine_ls_shell.R_factor_obs 
_refine_ls_shell.R_factor_R_free 
_refine_ls_shell.R_factor_R_free_error 
_refine_ls_shell.R_factor_R_work 
_refine_ls_shell.redundancy_reflns_all 
_refine_ls_shell.redundancy_reflns_obs 
_refine_ls_shell.wR_factor_all 
_refine_ls_shell.wR_factor_obs 
_refine_ls_shell.wR_factor_R_free 
_refine_ls_shell.wR_factor_R_work 
_refine_ls_shell.pdbx_total_number_of_bins_used 
_refine_ls_shell.pdbx_phase_error 
_refine_ls_shell.pdbx_fsc_work 
_refine_ls_shell.pdbx_fsc_free 
'X-RAY DIFFRACTION' 1.7193 1.8099  . . 135 2237 99.00  . . . 0.3276 . 0.3159 . . . . . . . . . . 
'X-RAY DIFFRACTION' 1.8099 1.9233  . . 129 2267 100.00 . . . 0.2988 . 0.2953 . . . . . . . . . . 
'X-RAY DIFFRACTION' 1.9233 2.0718  . . 115 2272 100.00 . . . 0.2795 . 0.2532 . . . . . . . . . . 
'X-RAY DIFFRACTION' 2.0718 2.2803  . . 133 2209 100.00 . . . 0.2800 . 0.2148 . . . . . . . . . . 
'X-RAY DIFFRACTION' 2.2803 2.6103  . . 151 2248 100.00 . . . 0.2657 . 0.2186 . . . . . . . . . . 
'X-RAY DIFFRACTION' 2.6103 3.2885  . . 169 2202 99.00  . . . 0.2417 . 0.2150 . . . . . . . . . . 
'X-RAY DIFFRACTION' 3.2885 45.4314 . . 98  2278 99.00  . . . 0.1735 . 0.1605 . . . . . . . . . . 
# 
_struct.entry_id                     5NEX 
_struct.title                        'The structure of the G. violaceus guanidine II riboswitch P1 stem-loop with agmatine' 
_struct.pdbx_model_details           ? 
_struct.pdbx_formula_weight          ? 
_struct.pdbx_formula_weight_method   ? 
_struct.pdbx_model_type_details      ? 
_struct.pdbx_CASP_flag               N 
# 
_struct_keywords.entry_id        5NEX 
_struct_keywords.text            'guanidine II riboswitch, stem-loop, tetra loop, dimer, RNA, agmatine' 
_struct_keywords.pdbx_keywords   RNA 
# 
loop_
_struct_asym.id 
_struct_asym.pdbx_blank_PDB_chainid_flag 
_struct_asym.pdbx_modified 
_struct_asym.entity_id 
_struct_asym.details 
A N N 1 ? 
B N N 2 ? 
C N N 2 ? 
D N N 2 ? 
E N N 2 ? 
F N N 2 ? 
G N N 2 ? 
H N N 2 ? 
I N N 2 ? 
J N N 3 ? 
K N N 4 ? 
# 
_struct_ref.id                         1 
_struct_ref.db_name                    PDB 
_struct_ref.db_code                    5NEX 
_struct_ref.pdbx_db_accession          5NEX 
_struct_ref.pdbx_db_isoform            ? 
_struct_ref.entity_id                  1 
_struct_ref.pdbx_seq_one_letter_code   ? 
_struct_ref.pdbx_align_begin           1 
# 
_struct_ref_seq.align_id                      1 
_struct_ref_seq.ref_id                        1 
_struct_ref_seq.pdbx_PDB_id_code              5NEX 
_struct_ref_seq.pdbx_strand_id                A 
_struct_ref_seq.seq_align_beg                 1 
_struct_ref_seq.pdbx_seq_align_beg_ins_code   ? 
_struct_ref_seq.seq_align_end                 18 
_struct_ref_seq.pdbx_seq_align_end_ins_code   ? 
_struct_ref_seq.pdbx_db_accession             5NEX 
_struct_ref_seq.db_align_beg                  1 
_struct_ref_seq.pdbx_db_align_beg_ins_code    ? 
_struct_ref_seq.db_align_end                  18 
_struct_ref_seq.pdbx_db_align_end_ins_code    ? 
_struct_ref_seq.pdbx_auth_seq_align_beg       1 
_struct_ref_seq.pdbx_auth_seq_align_end       18 
# 
_pdbx_struct_assembly.id                   1 
_pdbx_struct_assembly.details              author_defined_assembly 
_pdbx_struct_assembly.method_details       ? 
_pdbx_struct_assembly.oligomeric_details   dimeric 
_pdbx_struct_assembly.oligomeric_count     2 
# 
loop_
_pdbx_struct_assembly_gen.assembly_id 
_pdbx_struct_assembly_gen.oper_expression 
_pdbx_struct_assembly_gen.asym_id_list 
1 1 A,B,C,D,E,F,G,H,I,J,K 
1 2 A,B,C,D,E,F,G,H,I,J,K 
# 
_pdbx_struct_assembly_auth_evidence.id                     1 
_pdbx_struct_assembly_auth_evidence.assembly_id            1 
_pdbx_struct_assembly_auth_evidence.experimental_support   none 
_pdbx_struct_assembly_auth_evidence.details                ? 
# 
loop_
_pdbx_struct_oper_list.id 
_pdbx_struct_oper_list.type 
_pdbx_struct_oper_list.name 
_pdbx_struct_oper_list.symmetry_operation 
_pdbx_struct_oper_list.matrix[1][1] 
_pdbx_struct_oper_list.matrix[1][2] 
_pdbx_struct_oper_list.matrix[1][3] 
_pdbx_struct_oper_list.vector[1] 
_pdbx_struct_oper_list.matrix[2][1] 
_pdbx_struct_oper_list.matrix[2][2] 
_pdbx_struct_oper_list.matrix[2][3] 
_pdbx_struct_oper_list.vector[2] 
_pdbx_struct_oper_list.matrix[3][1] 
_pdbx_struct_oper_list.matrix[3][2] 
_pdbx_struct_oper_list.matrix[3][3] 
_pdbx_struct_oper_list.vector[3] 
1 'identity operation'         1_555  x,y,z              1.0000000000 0.0000000000 0.0000000000  0.0000000000 0.0000000000 1.0000000000  0.0000000000  0.0000000000  0.0000000000  0.0000000000  1.0000000000  0.0000000000  
2 'crystal symmetry operation' 10_455 y-1/3,x+1/3,-z+1/3 0.8467281679 0.5114031627 -0.1466908820 1.3653725501 0.5114031627 -0.8583802428 -0.0406222108 -5.0340029947 -0.1466908820 -0.0406222108 -0.9883479252 -0.3608479508 
# 
loop_
_struct_conn.id 
_struct_conn.conn_type_id 
_struct_conn.pdbx_leaving_atom_flag 
_struct_conn.pdbx_PDB_id 
_struct_conn.ptnr1_label_asym_id 
_struct_conn.ptnr1_label_comp_id 
_struct_conn.ptnr1_label_seq_id 
_struct_conn.ptnr1_label_atom_id 
_struct_conn.pdbx_ptnr1_label_alt_id 
_struct_conn.pdbx_ptnr1_PDB_ins_code 
_struct_conn.pdbx_ptnr1_standard_comp_id 
_struct_conn.ptnr1_symmetry 
_struct_conn.ptnr2_label_asym_id 
_struct_conn.ptnr2_label_comp_id 
_struct_conn.ptnr2_label_seq_id 
_struct_conn.ptnr2_label_atom_id 
_struct_conn.pdbx_ptnr2_label_alt_id 
_struct_conn.pdbx_ptnr2_PDB_ins_code 
_struct_conn.ptnr1_auth_asym_id 
_struct_conn.ptnr1_auth_comp_id 
_struct_conn.ptnr1_auth_seq_id 
_struct_conn.ptnr2_auth_asym_id 
_struct_conn.ptnr2_auth_comp_id 
_struct_conn.ptnr2_auth_seq_id 
_struct_conn.ptnr2_symmetry 
_struct_conn.pdbx_ptnr3_label_atom_id 
_struct_conn.pdbx_ptnr3_label_seq_id 
_struct_conn.pdbx_ptnr3_label_comp_id 
_struct_conn.pdbx_ptnr3_label_asym_id 
_struct_conn.pdbx_ptnr3_label_alt_id 
_struct_conn.pdbx_ptnr3_PDB_ins_code 
_struct_conn.details 
_struct_conn.pdbx_dist_value 
_struct_conn.pdbx_value_order 
_struct_conn.pdbx_role 
covale1  covale both ? A A   16 "O3'" ? ? ? 1_555 A CBV 17 P  ? ? A A   16  A CBV 17  1_555 ? ? ? ? ? ? ?            1.625 ? ? 
covale2  covale one  ? A CBV 17 "O3'" ? ? ? 1_555 A C   18 P  ? ? A CBV 17  A C   18  1_555 ? ? ? ? ? ? ?            1.605 ? ? 
metalc1  metalc ?    ? A G   5  "O2'" ? ? ? 1_555 F NA  .  NA ? ? A G   5   A NA  105 1_555 ? ? ? ? ? ? ?            2.842 ? ? 
metalc2  metalc ?    ? A G   5  "O2'" ? ? ? 1_555 F NA  .  NA ? ? A G   5   A NA  105 2_565 ? ? ? ? ? ? ?            2.842 ? ? 
metalc3  metalc ?    ? A G   5  "O2'" ? ? ? 1_555 I NA  .  NA ? ? A G   5   A NA  108 1_555 ? ? ? ? ? ? ?            3.100 ? ? 
metalc4  metalc ?    ? A G   6  OP1   ? ? ? 1_555 C NA  .  NA ? ? A G   6   A NA  102 1_555 ? ? ? ? ? ? ?            2.809 ? ? 
metalc5  metalc ?    ? A G   6  OP1   ? ? ? 1_555 C NA  .  NA ? ? A G   6   A NA  102 2_565 ? ? ? ? ? ? ?            2.810 ? ? 
metalc6  metalc ?    ? A G   6  "O2'" ? ? ? 1_555 H NA  .  NA ? ? A G   6   A NA  107 1_555 ? ? ? ? ? ? ?            2.856 ? ? 
metalc7  metalc ?    ? A G   6  OP2   ? ? ? 1_555 H NA  .  NA ? ? A G   6   A NA  107 2_565 ? ? ? ? ? ? ?            2.908 ? ? 
metalc8  metalc ?    ? A A   16 "O2'" ? ? ? 1_555 B NA  .  NA ? ? A A   16  A NA  101 1_555 ? ? ? ? ? ? ?            2.892 ? ? 
metalc9  metalc ?    ? A A   16 "O2'" ? ? ? 1_555 G NA  .  NA ? ? A A   16  A NA  106 1_555 ? ? ? ? ? ? ?            2.934 ? ? 
metalc10 metalc ?    ? A A   16 "O2'" ? ? ? 1_555 G NA  .  NA ? ? A A   16  A NA  106 2_565 ? ? ? ? ? ? ?            2.935 ? ? 
metalc11 metalc ?    ? A CBV 17 O2P   ? ? ? 1_555 D NA  .  NA ? ? A CBV 17  A NA  103 1_555 ? ? ? ? ? ? ?            2.851 ? ? 
metalc12 metalc ?    ? A CBV 17 O2P   ? ? ? 1_555 D NA  .  NA ? ? A CBV 17  A NA  103 2_565 ? ? ? ? ? ? ?            2.852 ? ? 
metalc13 metalc ?    ? A CBV 17 "O2'" ? ? ? 1_555 E NA  .  NA ? ? A CBV 17  A NA  104 1_555 ? ? ? ? ? ? ?            2.780 ? ? 
metalc14 metalc ?    ? A CBV 17 O1P   ? ? ? 1_555 E NA  .  NA ? ? A CBV 17  A NA  104 3_455 ? ? ? ? ? ? ?            2.944 ? ? 
metalc15 metalc ?    ? E NA  .  NA    ? ? ? 1_555 K HOH .  O  ? ? A NA  104 A HOH 215 2_565 ? ? ? ? ? ? ?            3.028 ? ? 
metalc16 metalc ?    ? I NA  .  NA    ? ? ? 1_555 K HOH .  O  ? ? A NA  108 A HOH 214 3_455 ? ? ? ? ? ? ?            2.835 ? ? 
hydrog1  hydrog ?    ? A G   1  N1    ? ? ? 1_555 A C   18 N3 ? ? A G   1   A C   18  1_555 ? ? ? ? ? ? WATSON-CRICK ?     ? ? 
hydrog2  hydrog ?    ? A G   1  N2    ? ? ? 1_555 A C   18 O2 ? ? A G   1   A C   18  1_555 ? ? ? ? ? ? WATSON-CRICK ?     ? ? 
hydrog3  hydrog ?    ? A G   1  O6    ? ? ? 1_555 A C   18 N4 ? ? A G   1   A C   18  1_555 ? ? ? ? ? ? WATSON-CRICK ?     ? ? 
hydrog4  hydrog ?    ? A G   2  N1    ? ? ? 1_555 A CBV 17 N3 ? ? A G   2   A CBV 17  1_555 ? ? ? ? ? ? WATSON-CRICK ?     ? ? 
hydrog5  hydrog ?    ? A G   2  N2    ? ? ? 1_555 A CBV 17 O2 ? ? A G   2   A CBV 17  1_555 ? ? ? ? ? ? WATSON-CRICK ?     ? ? 
hydrog6  hydrog ?    ? A G   2  O6    ? ? ? 1_555 A CBV 17 N4 ? ? A G   2   A CBV 17  1_555 ? ? ? ? ? ? WATSON-CRICK ?     ? ? 
hydrog7  hydrog ?    ? A U   3  N3    ? ? ? 1_555 A A   16 N1 ? ? A U   3   A A   16  1_555 ? ? ? ? ? ? WATSON-CRICK ?     ? ? 
hydrog8  hydrog ?    ? A U   3  O4    ? ? ? 1_555 A A   16 N6 ? ? A U   3   A A   16  1_555 ? ? ? ? ? ? WATSON-CRICK ?     ? ? 
hydrog9  hydrog ?    ? A G   4  N1    ? ? ? 1_555 A C   15 N3 ? ? A G   4   A C   15  1_555 ? ? ? ? ? ? WATSON-CRICK ?     ? ? 
hydrog10 hydrog ?    ? A G   4  N2    ? ? ? 1_555 A C   15 O2 ? ? A G   4   A C   15  1_555 ? ? ? ? ? ? WATSON-CRICK ?     ? ? 
hydrog11 hydrog ?    ? A G   4  O6    ? ? ? 1_555 A C   15 N4 ? ? A G   4   A C   15  1_555 ? ? ? ? ? ? WATSON-CRICK ?     ? ? 
hydrog12 hydrog ?    ? A G   5  N1    ? ? ? 1_555 A C   14 N3 ? ? A G   5   A C   14  1_555 ? ? ? ? ? ? WATSON-CRICK ?     ? ? 
hydrog13 hydrog ?    ? A G   5  N2    ? ? ? 1_555 A C   14 O2 ? ? A G   5   A C   14  1_555 ? ? ? ? ? ? WATSON-CRICK ?     ? ? 
hydrog14 hydrog ?    ? A G   5  O6    ? ? ? 1_555 A C   14 N4 ? ? A G   5   A C   14  1_555 ? ? ? ? ? ? WATSON-CRICK ?     ? ? 
hydrog15 hydrog ?    ? A G   6  N1    ? ? ? 1_555 A C   13 N3 ? ? A G   6   A C   13  1_555 ? ? ? ? ? ? WATSON-CRICK ?     ? ? 
hydrog16 hydrog ?    ? A G   6  N2    ? ? ? 1_555 A C   13 O2 ? ? A G   6   A C   13  1_555 ? ? ? ? ? ? WATSON-CRICK ?     ? ? 
hydrog17 hydrog ?    ? A G   6  O6    ? ? ? 1_555 A C   13 N4 ? ? A G   6   A C   13  1_555 ? ? ? ? ? ? WATSON-CRICK ?     ? ? 
hydrog18 hydrog ?    ? A G   7  N1    ? ? ? 1_555 A C   12 N3 ? ? A G   7   A C   12  1_555 ? ? ? ? ? ? WATSON-CRICK ?     ? ? 
hydrog19 hydrog ?    ? A G   7  N2    ? ? ? 1_555 A C   12 O2 ? ? A G   7   A C   12  1_555 ? ? ? ? ? ? WATSON-CRICK ?     ? ? 
hydrog20 hydrog ?    ? A G   7  O6    ? ? ? 1_555 A C   12 N4 ? ? A G   7   A C   12  1_555 ? ? ? ? ? ? WATSON-CRICK ?     ? ? 
# 
loop_
_struct_conn_type.id 
_struct_conn_type.criteria 
_struct_conn_type.reference 
covale ? ? 
metalc ? ? 
hydrog ? ? 
# 
loop_
_pdbx_struct_conn_angle.id 
_pdbx_struct_conn_angle.ptnr1_label_atom_id 
_pdbx_struct_conn_angle.ptnr1_label_alt_id 
_pdbx_struct_conn_angle.ptnr1_label_asym_id 
_pdbx_struct_conn_angle.ptnr1_label_comp_id 
_pdbx_struct_conn_angle.ptnr1_label_seq_id 
_pdbx_struct_conn_angle.ptnr1_auth_atom_id 
_pdbx_struct_conn_angle.ptnr1_auth_asym_id 
_pdbx_struct_conn_angle.ptnr1_auth_comp_id 
_pdbx_struct_conn_angle.ptnr1_auth_seq_id 
_pdbx_struct_conn_angle.ptnr1_PDB_ins_code 
_pdbx_struct_conn_angle.ptnr1_symmetry 
_pdbx_struct_conn_angle.ptnr2_label_atom_id 
_pdbx_struct_conn_angle.ptnr2_label_alt_id 
_pdbx_struct_conn_angle.ptnr2_label_asym_id 
_pdbx_struct_conn_angle.ptnr2_label_comp_id 
_pdbx_struct_conn_angle.ptnr2_label_seq_id 
_pdbx_struct_conn_angle.ptnr2_auth_atom_id 
_pdbx_struct_conn_angle.ptnr2_auth_asym_id 
_pdbx_struct_conn_angle.ptnr2_auth_comp_id 
_pdbx_struct_conn_angle.ptnr2_auth_seq_id 
_pdbx_struct_conn_angle.ptnr2_PDB_ins_code 
_pdbx_struct_conn_angle.ptnr2_symmetry 
_pdbx_struct_conn_angle.ptnr3_label_atom_id 
_pdbx_struct_conn_angle.ptnr3_label_alt_id 
_pdbx_struct_conn_angle.ptnr3_label_asym_id 
_pdbx_struct_conn_angle.ptnr3_label_comp_id 
_pdbx_struct_conn_angle.ptnr3_label_seq_id 
_pdbx_struct_conn_angle.ptnr3_auth_atom_id 
_pdbx_struct_conn_angle.ptnr3_auth_asym_id 
_pdbx_struct_conn_angle.ptnr3_auth_comp_id 
_pdbx_struct_conn_angle.ptnr3_auth_seq_id 
_pdbx_struct_conn_angle.ptnr3_PDB_ins_code 
_pdbx_struct_conn_angle.ptnr3_symmetry 
_pdbx_struct_conn_angle.value 
_pdbx_struct_conn_angle.value_esd 
1 "O2'" ? A G   5  ? A G   5  ? 1_555 NA ? F NA . ? A NA 105 ? 1_555 "O2'" ? A G   5  ? A G   5   ? 1_555 0.0   ? 
2 "O2'" ? A G   5  ? A G   5  ? 1_555 NA ? I NA . ? A NA 108 ? 1_555 O     ? K HOH .  ? A HOH 214 ? 3_455 144.9 ? 
3 OP1   ? A G   6  ? A G   6  ? 1_555 NA ? C NA . ? A NA 102 ? 1_555 OP1   ? A G   6  ? A G   6   ? 1_555 0.0   ? 
4 "O2'" ? A G   6  ? A G   6  ? 1_555 NA ? H NA . ? A NA 107 ? 1_555 OP2   ? A G   6  ? A G   6   ? 1_555 52.9  ? 
5 "O2'" ? A A   16 ? A A   16 ? 1_555 NA ? G NA . ? A NA 106 ? 1_555 "O2'" ? A A   16 ? A A   16  ? 1_555 0.0   ? 
6 O2P   ? A CBV 17 ? A CBV 17 ? 1_555 NA ? D NA . ? A NA 103 ? 1_555 O2P   ? A CBV 17 ? A CBV 17  ? 1_555 0.0   ? 
7 "O2'" ? A CBV 17 ? A CBV 17 ? 1_555 NA ? E NA . ? A NA 104 ? 1_555 O1P   ? A CBV 17 ? A CBV 17  ? 1_555 51.6  ? 
8 "O2'" ? A CBV 17 ? A CBV 17 ? 1_555 NA ? E NA . ? A NA 104 ? 1_555 O     ? K HOH .  ? A HOH 215 ? 2_565 98.9  ? 
9 O1P   ? A CBV 17 ? A CBV 17 ? 1_555 NA ? E NA . ? A NA 104 ? 1_555 O     ? K HOH .  ? A HOH 215 ? 2_565 140.7 ? 
# 
loop_
_struct_site.id 
_struct_site.pdbx_evidence_code 
_struct_site.pdbx_auth_asym_id 
_struct_site.pdbx_auth_comp_id 
_struct_site.pdbx_auth_seq_id 
_struct_site.pdbx_auth_ins_code 
_struct_site.pdbx_num_residues 
_struct_site.details 
AC1 Software A NA  101 ? 3 'binding site for residue NA A 101'  
AC2 Software A NA  102 ? 6 'binding site for residue NA A 102'  
AC3 Software A NA  103 ? 3 'binding site for residue NA A 103'  
AC4 Software A NA  104 ? 3 'binding site for residue NA A 104'  
AC5 Software A NA  105 ? 9 'binding site for residue NA A 105'  
AC6 Software A NA  106 ? 6 'binding site for residue NA A 106'  
AC7 Software A NA  107 ? 2 'binding site for residue NA A 107'  
AC8 Software A NA  108 ? 4 'binding site for residue NA A 108'  
AC9 Software A AG2 109 ? 8 'binding site for residue AG2 A 109' 
# 
loop_
_struct_site_gen.id 
_struct_site_gen.site_id 
_struct_site_gen.pdbx_num_res 
_struct_site_gen.label_comp_id 
_struct_site_gen.label_asym_id 
_struct_site_gen.label_seq_id 
_struct_site_gen.pdbx_auth_ins_code 
_struct_site_gen.auth_comp_id 
_struct_site_gen.auth_asym_id 
_struct_site_gen.auth_seq_id 
_struct_site_gen.label_atom_id 
_struct_site_gen.label_alt_id 
_struct_site_gen.symmetry 
_struct_site_gen.details 
1  AC1 3 A   A 16 ? A   A 16  . ? 2_565  ? 
2  AC1 3 A   A 16 ? A   A 16  . ? 1_555  ? 
3  AC1 3 CBV A 17 ? CBV A 17  . ? 1_555  ? 
4  AC2 6 G   A 6  ? G   A 6   . ? 3_455  ? 
5  AC2 6 G   A 6  ? G   A 6   . ? 2_565  ? 
6  AC2 6 G   A 6  ? G   A 6   . ? 1_555  ? 
7  AC2 6 NA  F .  ? NA  A 105 . ? 3_455  ? 
8  AC2 6 NA  F .  ? NA  A 105 . ? 2_565  ? 
9  AC2 6 NA  F .  ? NA  A 105 . ? 1_555  ? 
10 AC3 3 CBV A 17 ? CBV A 17  . ? 3_455  ? 
11 AC3 3 CBV A 17 ? CBV A 17  . ? 2_565  ? 
12 AC3 3 CBV A 17 ? CBV A 17  . ? 1_555  ? 
13 AC4 3 CBV A 17 ? CBV A 17  . ? 1_555  ? 
14 AC4 3 CBV A 17 ? CBV A 17  . ? 2_565  ? 
15 AC4 3 HOH K .  ? HOH A 215 . ? 2_565  ? 
16 AC5 9 G   A 5  ? G   A 5   . ? 3_455  ? 
17 AC5 9 G   A 5  ? G   A 5   . ? 1_555  ? 
18 AC5 9 G   A 5  ? G   A 5   . ? 2_565  ? 
19 AC5 9 G   A 6  ? G   A 6   . ? 2_565  ? 
20 AC5 9 G   A 6  ? G   A 6   . ? 1_555  ? 
21 AC5 9 G   A 6  ? G   A 6   . ? 3_455  ? 
22 AC5 9 NA  C .  ? NA  A 102 . ? 3_455  ? 
23 AC5 9 NA  C .  ? NA  A 102 . ? 2_565  ? 
24 AC5 9 NA  C .  ? NA  A 102 . ? 1_555  ? 
25 AC6 6 A   A 16 ? A   A 16  . ? 3_455  ? 
26 AC6 6 A   A 16 ? A   A 16  . ? 2_565  ? 
27 AC6 6 A   A 16 ? A   A 16  . ? 1_555  ? 
28 AC6 6 CBV A 17 ? CBV A 17  . ? 2_565  ? 
29 AC6 6 CBV A 17 ? CBV A 17  . ? 1_555  ? 
30 AC6 6 CBV A 17 ? CBV A 17  . ? 3_455  ? 
31 AC7 2 G   A 6  ? G   A 6   . ? 3_455  ? 
32 AC7 2 G   A 6  ? G   A 6   . ? 1_555  ? 
33 AC8 4 G   A 4  ? G   A 4   . ? 3_455  ? 
34 AC8 4 G   A 5  ? G   A 5   . ? 3_455  ? 
35 AC8 4 G   A 5  ? G   A 5   . ? 1_555  ? 
36 AC8 4 HOH K .  ? HOH A 214 . ? 3_455  ? 
37 AC9 8 G   A 7  ? G   A 7   . ? 1_555  ? 
38 AC9 8 A   A 8  ? A   A 8   . ? 10_455 ? 
39 AC9 8 A   A 8  ? A   A 8   . ? 1_555  ? 
40 AC9 8 C   A 9  ? C   A 9   . ? 10_455 ? 
41 AC9 8 C   A 9  ? C   A 9   . ? 1_555  ? 
42 AC9 8 G   A 10 ? G   A 10  . ? 1_555  ? 
43 AC9 8 HOH K .  ? HOH A 201 . ? 1_555  ? 
44 AC9 8 HOH K .  ? HOH A 211 . ? 1_555  ? 
# 
loop_
_pdbx_validate_close_contact.id 
_pdbx_validate_close_contact.PDB_model_num 
_pdbx_validate_close_contact.auth_atom_id_1 
_pdbx_validate_close_contact.auth_asym_id_1 
_pdbx_validate_close_contact.auth_comp_id_1 
_pdbx_validate_close_contact.auth_seq_id_1 
_pdbx_validate_close_contact.PDB_ins_code_1 
_pdbx_validate_close_contact.label_alt_id_1 
_pdbx_validate_close_contact.auth_atom_id_2 
_pdbx_validate_close_contact.auth_asym_id_2 
_pdbx_validate_close_contact.auth_comp_id_2 
_pdbx_validate_close_contact.auth_seq_id_2 
_pdbx_validate_close_contact.PDB_ins_code_2 
_pdbx_validate_close_contact.label_alt_id_2 
_pdbx_validate_close_contact.dist 
1 1 "O3'"  A A   16 ? ? O3P A CBV 17  ? ? 0.41 
2 1 "HO3'" A CBV 17 ? ? P   A C   18  ? ? 0.79 
3 1 OP2    A G   10 ? ? O   A HOH 201 ? ? 2.12 
# 
loop_
_pdbx_struct_special_symmetry.id 
_pdbx_struct_special_symmetry.PDB_model_num 
_pdbx_struct_special_symmetry.auth_asym_id 
_pdbx_struct_special_symmetry.auth_comp_id 
_pdbx_struct_special_symmetry.auth_seq_id 
_pdbx_struct_special_symmetry.PDB_ins_code 
_pdbx_struct_special_symmetry.label_asym_id 
_pdbx_struct_special_symmetry.label_comp_id 
_pdbx_struct_special_symmetry.label_seq_id 
1 1 A NA 102 ? C NA . 
2 1 A NA 103 ? D NA . 
3 1 A NA 105 ? F NA . 
4 1 A NA 106 ? G NA . 
# 
loop_
_pdbx_refine_tls.pdbx_refine_id 
_pdbx_refine_tls.id 
_pdbx_refine_tls.details 
_pdbx_refine_tls.method 
_pdbx_refine_tls.origin_x 
_pdbx_refine_tls.origin_y 
_pdbx_refine_tls.origin_z 
_pdbx_refine_tls.T[1][1] 
_pdbx_refine_tls.T[2][2] 
_pdbx_refine_tls.T[3][3] 
_pdbx_refine_tls.T[1][2] 
_pdbx_refine_tls.T[1][3] 
_pdbx_refine_tls.T[2][3] 
_pdbx_refine_tls.L[1][1] 
_pdbx_refine_tls.L[2][2] 
_pdbx_refine_tls.L[3][3] 
_pdbx_refine_tls.L[1][2] 
_pdbx_refine_tls.L[1][3] 
_pdbx_refine_tls.L[2][3] 
_pdbx_refine_tls.S[1][1] 
_pdbx_refine_tls.S[1][2] 
_pdbx_refine_tls.S[1][3] 
_pdbx_refine_tls.S[2][1] 
_pdbx_refine_tls.S[2][2] 
_pdbx_refine_tls.S[2][3] 
_pdbx_refine_tls.S[3][1] 
_pdbx_refine_tls.S[3][2] 
_pdbx_refine_tls.S[3][3] 
'X-RAY DIFFRACTION' 1 ? refined 6.0850 2.3610 11.5300 0.2741 0.2700 0.3445 0.0336  0.0223 0.0076 2.2032 4.4624 3.8596  2.3085 1.4939 3.3919 0.1812 0.1006 -0.1517 -0.0695 0.0626 -0.4285 0.0346  0.0740 -0.1615 
'X-RAY DIFFRACTION' 2 ? refined 2.9250 8.6552 10.8633 0.2733 0.2270 0.2646 -0.0046 0.0321 0.0094 1.9408 5.0740 11.3075 1.6746 0.8605 3.1733 0.0671 0.1385 0.1153  -0.4215 0.2181 -0.4805 -0.3833 0.4071 -0.3346  
# 
loop_
_pdbx_refine_tls_group.pdbx_refine_id 
_pdbx_refine_tls_group.id 
_pdbx_refine_tls_group.refine_tls_id 
_pdbx_refine_tls_group.beg_auth_asym_id 
_pdbx_refine_tls_group.beg_auth_seq_id 
_pdbx_refine_tls_group.beg_label_asym_id 
_pdbx_refine_tls_group.beg_label_seq_id 
_pdbx_refine_tls_group.end_auth_asym_id 
_pdbx_refine_tls_group.end_auth_seq_id 
_pdbx_refine_tls_group.end_label_asym_id 
_pdbx_refine_tls_group.end_label_seq_id 
_pdbx_refine_tls_group.selection 
_pdbx_refine_tls_group.selection_details 
'X-RAY DIFFRACTION' 1 1 ? ? ? ? ? ? ? ? ? 
;chain 'A' and (resid 1 through 10 )
;
'X-RAY DIFFRACTION' 2 2 ? ? ? ? ? ? ? ? ? 
;chain 'A' and (resid 11 through 18 )
;
# 
loop_
_chem_comp_atom.comp_id 
_chem_comp_atom.atom_id 
_chem_comp_atom.type_symbol 
_chem_comp_atom.pdbx_aromatic_flag 
_chem_comp_atom.pdbx_stereo_config 
_chem_comp_atom.pdbx_ordinal 
A   OP3    O  N N 1   
A   P      P  N N 2   
A   OP1    O  N N 3   
A   OP2    O  N N 4   
A   "O5'"  O  N N 5   
A   "C5'"  C  N N 6   
A   "C4'"  C  N R 7   
A   "O4'"  O  N N 8   
A   "C3'"  C  N S 9   
A   "O3'"  O  N N 10  
A   "C2'"  C  N R 11  
A   "O2'"  O  N N 12  
A   "C1'"  C  N R 13  
A   N9     N  Y N 14  
A   C8     C  Y N 15  
A   N7     N  Y N 16  
A   C5     C  Y N 17  
A   C6     C  Y N 18  
A   N6     N  N N 19  
A   N1     N  Y N 20  
A   C2     C  Y N 21  
A   N3     N  Y N 22  
A   C4     C  Y N 23  
A   HOP3   H  N N 24  
A   HOP2   H  N N 25  
A   "H5'"  H  N N 26  
A   "H5''" H  N N 27  
A   "H4'"  H  N N 28  
A   "H3'"  H  N N 29  
A   "HO3'" H  N N 30  
A   "H2'"  H  N N 31  
A   "HO2'" H  N N 32  
A   "H1'"  H  N N 33  
A   H8     H  N N 34  
A   H61    H  N N 35  
A   H62    H  N N 36  
A   H2     H  N N 37  
AG2 N      N  N N 38  
AG2 CA     C  N N 39  
AG2 CB     C  N N 40  
AG2 CG     C  N N 41  
AG2 CD     C  N N 42  
AG2 NE     N  N N 43  
AG2 CZ     C  N N 44  
AG2 NH1    N  N N 45  
AG2 NH2    N  N N 46  
AG2 HN1    H  N N 47  
AG2 HN2    H  N N 48  
AG2 HA1    H  N N 49  
AG2 HA2    H  N N 50  
AG2 HB1    H  N N 51  
AG2 HB2    H  N N 52  
AG2 HG1    H  N N 53  
AG2 HG2    H  N N 54  
AG2 HD1    H  N N 55  
AG2 HD2    H  N N 56  
AG2 HE1    H  N N 57  
AG2 HH11   H  N N 58  
AG2 HH21   H  N N 59  
AG2 HH22   H  N N 60  
C   OP3    O  N N 61  
C   P      P  N N 62  
C   OP1    O  N N 63  
C   OP2    O  N N 64  
C   "O5'"  O  N N 65  
C   "C5'"  C  N N 66  
C   "C4'"  C  N R 67  
C   "O4'"  O  N N 68  
C   "C3'"  C  N S 69  
C   "O3'"  O  N N 70  
C   "C2'"  C  N R 71  
C   "O2'"  O  N N 72  
C   "C1'"  C  N R 73  
C   N1     N  N N 74  
C   C2     C  N N 75  
C   O2     O  N N 76  
C   N3     N  N N 77  
C   C4     C  N N 78  
C   N4     N  N N 79  
C   C5     C  N N 80  
C   C6     C  N N 81  
C   HOP3   H  N N 82  
C   HOP2   H  N N 83  
C   "H5'"  H  N N 84  
C   "H5''" H  N N 85  
C   "H4'"  H  N N 86  
C   "H3'"  H  N N 87  
C   "HO3'" H  N N 88  
C   "H2'"  H  N N 89  
C   "HO2'" H  N N 90  
C   "H1'"  H  N N 91  
C   H41    H  N N 92  
C   H42    H  N N 93  
C   H5     H  N N 94  
C   H6     H  N N 95  
CBV O3P    O  N N 96  
CBV P      P  N N 97  
CBV O1P    O  N N 98  
CBV O2P    O  N N 99  
CBV "O5'"  O  N N 100 
CBV "C5'"  C  N N 101 
CBV "C4'"  C  N R 102 
CBV "O4'"  O  N N 103 
CBV "C3'"  C  N S 104 
CBV "O3'"  O  N N 105 
CBV "C2'"  C  N R 106 
CBV "O2'"  O  N N 107 
CBV "C1'"  C  N R 108 
CBV N1     N  N N 109 
CBV C2     C  N N 110 
CBV O2     O  N N 111 
CBV N3     N  N N 112 
CBV C4     C  N N 113 
CBV N4     N  N N 114 
CBV C5     C  N N 115 
CBV C6     C  N N 116 
CBV BR     BR N N 117 
CBV HO3P   H  N N 118 
CBV HO1P   H  N N 119 
CBV "H5'1" H  N N 120 
CBV "H5'2" H  N N 121 
CBV "H4'"  H  N N 122 
CBV "H3'"  H  N N 123 
CBV "HO3'" H  N N 124 
CBV "H2'"  H  N N 125 
CBV "HO2'" H  N N 126 
CBV "H1'"  H  N N 127 
CBV HN41   H  N N 128 
CBV HN42   H  N N 129 
CBV H6     H  N N 130 
G   OP3    O  N N 131 
G   P      P  N N 132 
G   OP1    O  N N 133 
G   OP2    O  N N 134 
G   "O5'"  O  N N 135 
G   "C5'"  C  N N 136 
G   "C4'"  C  N R 137 
G   "O4'"  O  N N 138 
G   "C3'"  C  N S 139 
G   "O3'"  O  N N 140 
G   "C2'"  C  N R 141 
G   "O2'"  O  N N 142 
G   "C1'"  C  N R 143 
G   N9     N  Y N 144 
G   C8     C  Y N 145 
G   N7     N  Y N 146 
G   C5     C  Y N 147 
G   C6     C  N N 148 
G   O6     O  N N 149 
G   N1     N  N N 150 
G   C2     C  N N 151 
G   N2     N  N N 152 
G   N3     N  N N 153 
G   C4     C  Y N 154 
G   HOP3   H  N N 155 
G   HOP2   H  N N 156 
G   "H5'"  H  N N 157 
G   "H5''" H  N N 158 
G   "H4'"  H  N N 159 
G   "H3'"  H  N N 160 
G   "HO3'" H  N N 161 
G   "H2'"  H  N N 162 
G   "HO2'" H  N N 163 
G   "H1'"  H  N N 164 
G   H8     H  N N 165 
G   H1     H  N N 166 
G   H21    H  N N 167 
G   H22    H  N N 168 
HOH O      O  N N 169 
HOH H1     H  N N 170 
HOH H2     H  N N 171 
NA  NA     NA N N 172 
U   OP3    O  N N 173 
U   P      P  N N 174 
U   OP1    O  N N 175 
U   OP2    O  N N 176 
U   "O5'"  O  N N 177 
U   "C5'"  C  N N 178 
U   "C4'"  C  N R 179 
U   "O4'"  O  N N 180 
U   "C3'"  C  N S 181 
U   "O3'"  O  N N 182 
U   "C2'"  C  N R 183 
U   "O2'"  O  N N 184 
U   "C1'"  C  N R 185 
U   N1     N  N N 186 
U   C2     C  N N 187 
U   O2     O  N N 188 
U   N3     N  N N 189 
U   C4     C  N N 190 
U   O4     O  N N 191 
U   C5     C  N N 192 
U   C6     C  N N 193 
U   HOP3   H  N N 194 
U   HOP2   H  N N 195 
U   "H5'"  H  N N 196 
U   "H5''" H  N N 197 
U   "H4'"  H  N N 198 
U   "H3'"  H  N N 199 
U   "HO3'" H  N N 200 
U   "H2'"  H  N N 201 
U   "HO2'" H  N N 202 
U   "H1'"  H  N N 203 
U   H3     H  N N 204 
U   H5     H  N N 205 
U   H6     H  N N 206 
# 
loop_
_chem_comp_bond.comp_id 
_chem_comp_bond.atom_id_1 
_chem_comp_bond.atom_id_2 
_chem_comp_bond.value_order 
_chem_comp_bond.pdbx_aromatic_flag 
_chem_comp_bond.pdbx_stereo_config 
_chem_comp_bond.pdbx_ordinal 
A   OP3   P      sing N N 1   
A   OP3   HOP3   sing N N 2   
A   P     OP1    doub N N 3   
A   P     OP2    sing N N 4   
A   P     "O5'"  sing N N 5   
A   OP2   HOP2   sing N N 6   
A   "O5'" "C5'"  sing N N 7   
A   "C5'" "C4'"  sing N N 8   
A   "C5'" "H5'"  sing N N 9   
A   "C5'" "H5''" sing N N 10  
A   "C4'" "O4'"  sing N N 11  
A   "C4'" "C3'"  sing N N 12  
A   "C4'" "H4'"  sing N N 13  
A   "O4'" "C1'"  sing N N 14  
A   "C3'" "O3'"  sing N N 15  
A   "C3'" "C2'"  sing N N 16  
A   "C3'" "H3'"  sing N N 17  
A   "O3'" "HO3'" sing N N 18  
A   "C2'" "O2'"  sing N N 19  
A   "C2'" "C1'"  sing N N 20  
A   "C2'" "H2'"  sing N N 21  
A   "O2'" "HO2'" sing N N 22  
A   "C1'" N9     sing N N 23  
A   "C1'" "H1'"  sing N N 24  
A   N9    C8     sing Y N 25  
A   N9    C4     sing Y N 26  
A   C8    N7     doub Y N 27  
A   C8    H8     sing N N 28  
A   N7    C5     sing Y N 29  
A   C5    C6     sing Y N 30  
A   C5    C4     doub Y N 31  
A   C6    N6     sing N N 32  
A   C6    N1     doub Y N 33  
A   N6    H61    sing N N 34  
A   N6    H62    sing N N 35  
A   N1    C2     sing Y N 36  
A   C2    N3     doub Y N 37  
A   C2    H2     sing N N 38  
A   N3    C4     sing Y N 39  
AG2 N     CA     sing N N 40  
AG2 N     HN1    sing N N 41  
AG2 N     HN2    sing N N 42  
AG2 CA    CB     sing N N 43  
AG2 CA    HA1    sing N N 44  
AG2 CA    HA2    sing N N 45  
AG2 CB    CG     sing N N 46  
AG2 CB    HB1    sing N N 47  
AG2 CB    HB2    sing N N 48  
AG2 CG    CD     sing N N 49  
AG2 CG    HG1    sing N N 50  
AG2 CG    HG2    sing N N 51  
AG2 CD    NE     sing N N 52  
AG2 CD    HD1    sing N N 53  
AG2 CD    HD2    sing N N 54  
AG2 NE    CZ     sing N N 55  
AG2 NE    HE1    sing N N 56  
AG2 CZ    NH1    doub N N 57  
AG2 CZ    NH2    sing N N 58  
AG2 NH1   HH11   sing N N 59  
AG2 NH2   HH21   sing N N 60  
AG2 NH2   HH22   sing N N 61  
C   OP3   P      sing N N 62  
C   OP3   HOP3   sing N N 63  
C   P     OP1    doub N N 64  
C   P     OP2    sing N N 65  
C   P     "O5'"  sing N N 66  
C   OP2   HOP2   sing N N 67  
C   "O5'" "C5'"  sing N N 68  
C   "C5'" "C4'"  sing N N 69  
C   "C5'" "H5'"  sing N N 70  
C   "C5'" "H5''" sing N N 71  
C   "C4'" "O4'"  sing N N 72  
C   "C4'" "C3'"  sing N N 73  
C   "C4'" "H4'"  sing N N 74  
C   "O4'" "C1'"  sing N N 75  
C   "C3'" "O3'"  sing N N 76  
C   "C3'" "C2'"  sing N N 77  
C   "C3'" "H3'"  sing N N 78  
C   "O3'" "HO3'" sing N N 79  
C   "C2'" "O2'"  sing N N 80  
C   "C2'" "C1'"  sing N N 81  
C   "C2'" "H2'"  sing N N 82  
C   "O2'" "HO2'" sing N N 83  
C   "C1'" N1     sing N N 84  
C   "C1'" "H1'"  sing N N 85  
C   N1    C2     sing N N 86  
C   N1    C6     sing N N 87  
C   C2    O2     doub N N 88  
C   C2    N3     sing N N 89  
C   N3    C4     doub N N 90  
C   C4    N4     sing N N 91  
C   C4    C5     sing N N 92  
C   N4    H41    sing N N 93  
C   N4    H42    sing N N 94  
C   C5    C6     doub N N 95  
C   C5    H5     sing N N 96  
C   C6    H6     sing N N 97  
CBV O3P   P      sing N N 98  
CBV O3P   HO3P   sing N N 99  
CBV P     O1P    sing N N 100 
CBV P     O2P    doub N N 101 
CBV P     "O5'"  sing N N 102 
CBV O1P   HO1P   sing N N 103 
CBV "O5'" "C5'"  sing N N 104 
CBV "C5'" "C4'"  sing N N 105 
CBV "C5'" "H5'1" sing N N 106 
CBV "C5'" "H5'2" sing N N 107 
CBV "C4'" "O4'"  sing N N 108 
CBV "C4'" "C3'"  sing N N 109 
CBV "C4'" "H4'"  sing N N 110 
CBV "O4'" "C1'"  sing N N 111 
CBV "C3'" "O3'"  sing N N 112 
CBV "C3'" "C2'"  sing N N 113 
CBV "C3'" "H3'"  sing N N 114 
CBV "O3'" "HO3'" sing N N 115 
CBV "C2'" "O2'"  sing N N 116 
CBV "C2'" "C1'"  sing N N 117 
CBV "C2'" "H2'"  sing N N 118 
CBV "O2'" "HO2'" sing N N 119 
CBV "C1'" N1     sing N N 120 
CBV "C1'" "H1'"  sing N N 121 
CBV N1    C2     sing N N 122 
CBV N1    C6     sing N N 123 
CBV C2    O2     doub N N 124 
CBV C2    N3     sing N N 125 
CBV N3    C4     doub N N 126 
CBV C4    N4     sing N N 127 
CBV C4    C5     sing N N 128 
CBV N4    HN41   sing N N 129 
CBV N4    HN42   sing N N 130 
CBV C5    C6     doub N N 131 
CBV C5    BR     sing N N 132 
CBV C6    H6     sing N N 133 
G   OP3   P      sing N N 134 
G   OP3   HOP3   sing N N 135 
G   P     OP1    doub N N 136 
G   P     OP2    sing N N 137 
G   P     "O5'"  sing N N 138 
G   OP2   HOP2   sing N N 139 
G   "O5'" "C5'"  sing N N 140 
G   "C5'" "C4'"  sing N N 141 
G   "C5'" "H5'"  sing N N 142 
G   "C5'" "H5''" sing N N 143 
G   "C4'" "O4'"  sing N N 144 
G   "C4'" "C3'"  sing N N 145 
G   "C4'" "H4'"  sing N N 146 
G   "O4'" "C1'"  sing N N 147 
G   "C3'" "O3'"  sing N N 148 
G   "C3'" "C2'"  sing N N 149 
G   "C3'" "H3'"  sing N N 150 
G   "O3'" "HO3'" sing N N 151 
G   "C2'" "O2'"  sing N N 152 
G   "C2'" "C1'"  sing N N 153 
G   "C2'" "H2'"  sing N N 154 
G   "O2'" "HO2'" sing N N 155 
G   "C1'" N9     sing N N 156 
G   "C1'" "H1'"  sing N N 157 
G   N9    C8     sing Y N 158 
G   N9    C4     sing Y N 159 
G   C8    N7     doub Y N 160 
G   C8    H8     sing N N 161 
G   N7    C5     sing Y N 162 
G   C5    C6     sing N N 163 
G   C5    C4     doub Y N 164 
G   C6    O6     doub N N 165 
G   C6    N1     sing N N 166 
G   N1    C2     sing N N 167 
G   N1    H1     sing N N 168 
G   C2    N2     sing N N 169 
G   C2    N3     doub N N 170 
G   N2    H21    sing N N 171 
G   N2    H22    sing N N 172 
G   N3    C4     sing N N 173 
HOH O     H1     sing N N 174 
HOH O     H2     sing N N 175 
U   OP3   P      sing N N 176 
U   OP3   HOP3   sing N N 177 
U   P     OP1    doub N N 178 
U   P     OP2    sing N N 179 
U   P     "O5'"  sing N N 180 
U   OP2   HOP2   sing N N 181 
U   "O5'" "C5'"  sing N N 182 
U   "C5'" "C4'"  sing N N 183 
U   "C5'" "H5'"  sing N N 184 
U   "C5'" "H5''" sing N N 185 
U   "C4'" "O4'"  sing N N 186 
U   "C4'" "C3'"  sing N N 187 
U   "C4'" "H4'"  sing N N 188 
U   "O4'" "C1'"  sing N N 189 
U   "C3'" "O3'"  sing N N 190 
U   "C3'" "C2'"  sing N N 191 
U   "C3'" "H3'"  sing N N 192 
U   "O3'" "HO3'" sing N N 193 
U   "C2'" "O2'"  sing N N 194 
U   "C2'" "C1'"  sing N N 195 
U   "C2'" "H2'"  sing N N 196 
U   "O2'" "HO2'" sing N N 197 
U   "C1'" N1     sing N N 198 
U   "C1'" "H1'"  sing N N 199 
U   N1    C2     sing N N 200 
U   N1    C6     sing N N 201 
U   C2    O2     doub N N 202 
U   C2    N3     sing N N 203 
U   N3    C4     sing N N 204 
U   N3    H3     sing N N 205 
U   C4    O4     doub N N 206 
U   C4    C5     sing N N 207 
U   C5    C6     doub N N 208 
U   C5    H5     sing N N 209 
U   C6    H6     sing N N 210 
# 
loop_
_ndb_struct_conf_na.entry_id 
_ndb_struct_conf_na.feature 
5NEX 'a-form double helix'  
5NEX 'hairpin loop'         
5NEX 'mismatched base pair' 
# 
loop_
_ndb_struct_na_base_pair.model_number 
_ndb_struct_na_base_pair.i_label_asym_id 
_ndb_struct_na_base_pair.i_label_comp_id 
_ndb_struct_na_base_pair.i_label_seq_id 
_ndb_struct_na_base_pair.i_symmetry 
_ndb_struct_na_base_pair.j_label_asym_id 
_ndb_struct_na_base_pair.j_label_comp_id 
_ndb_struct_na_base_pair.j_label_seq_id 
_ndb_struct_na_base_pair.j_symmetry 
_ndb_struct_na_base_pair.shear 
_ndb_struct_na_base_pair.stretch 
_ndb_struct_na_base_pair.stagger 
_ndb_struct_na_base_pair.buckle 
_ndb_struct_na_base_pair.propeller 
_ndb_struct_na_base_pair.opening 
_ndb_struct_na_base_pair.pair_number 
_ndb_struct_na_base_pair.pair_name 
_ndb_struct_na_base_pair.i_auth_asym_id 
_ndb_struct_na_base_pair.i_auth_seq_id 
_ndb_struct_na_base_pair.i_PDB_ins_code 
_ndb_struct_na_base_pair.j_auth_asym_id 
_ndb_struct_na_base_pair.j_auth_seq_id 
_ndb_struct_na_base_pair.j_PDB_ins_code 
_ndb_struct_na_base_pair.hbond_type_28 
_ndb_struct_na_base_pair.hbond_type_12 
1 A G 1 1_555 A C   18 1_555 -0.251 -0.151 -0.075 -5.261  -1.600  -1.570 1 A_G1:C18_A   A 1 ? A 18 ? 19 1 
1 A G 2 1_555 A CBV 17 1_555 -0.268 -0.199 0.065  -1.152  -10.462 -1.127 2 A_G2:CBV17_A A 2 ? A 17 ? 19 1 
1 A U 3 1_555 A A   16 1_555 -0.075 -0.084 -0.036 1.367   -11.336 5.343  3 A_U3:A16_A   A 3 ? A 16 ? 20 1 
1 A G 4 1_555 A C   15 1_555 -0.375 -0.138 -0.224 -5.058  -9.633  0.625  4 A_G4:C15_A   A 4 ? A 15 ? 19 1 
1 A G 5 1_555 A C   14 1_555 -0.416 -0.223 -0.304 -10.521 -9.204  -2.943 5 A_G5:C14_A   A 5 ? A 14 ? 19 1 
1 A G 6 1_555 A C   13 1_555 -0.162 -0.124 -0.077 -7.317  -4.904  -0.878 6 A_G6:C13_A   A 6 ? A 13 ? 19 1 
1 A G 7 1_555 A C   12 1_555 0.001  -0.133 -0.132 -0.784  -2.394  -2.728 7 A_G7:C12_A   A 7 ? A 12 ? 19 1 
# 
loop_
_ndb_struct_na_base_pair_step.model_number 
_ndb_struct_na_base_pair_step.i_label_asym_id_1 
_ndb_struct_na_base_pair_step.i_label_comp_id_1 
_ndb_struct_na_base_pair_step.i_label_seq_id_1 
_ndb_struct_na_base_pair_step.i_symmetry_1 
_ndb_struct_na_base_pair_step.j_label_asym_id_1 
_ndb_struct_na_base_pair_step.j_label_comp_id_1 
_ndb_struct_na_base_pair_step.j_label_seq_id_1 
_ndb_struct_na_base_pair_step.j_symmetry_1 
_ndb_struct_na_base_pair_step.i_label_asym_id_2 
_ndb_struct_na_base_pair_step.i_label_comp_id_2 
_ndb_struct_na_base_pair_step.i_label_seq_id_2 
_ndb_struct_na_base_pair_step.i_symmetry_2 
_ndb_struct_na_base_pair_step.j_label_asym_id_2 
_ndb_struct_na_base_pair_step.j_label_comp_id_2 
_ndb_struct_na_base_pair_step.j_label_seq_id_2 
_ndb_struct_na_base_pair_step.j_symmetry_2 
_ndb_struct_na_base_pair_step.shift 
_ndb_struct_na_base_pair_step.slide 
_ndb_struct_na_base_pair_step.rise 
_ndb_struct_na_base_pair_step.tilt 
_ndb_struct_na_base_pair_step.roll 
_ndb_struct_na_base_pair_step.twist 
_ndb_struct_na_base_pair_step.x_displacement 
_ndb_struct_na_base_pair_step.y_displacement 
_ndb_struct_na_base_pair_step.helical_rise 
_ndb_struct_na_base_pair_step.inclination 
_ndb_struct_na_base_pair_step.tip 
_ndb_struct_na_base_pair_step.helical_twist 
_ndb_struct_na_base_pair_step.step_number 
_ndb_struct_na_base_pair_step.step_name 
_ndb_struct_na_base_pair_step.i_auth_asym_id_1 
_ndb_struct_na_base_pair_step.i_auth_seq_id_1 
_ndb_struct_na_base_pair_step.i_PDB_ins_code_1 
_ndb_struct_na_base_pair_step.j_auth_asym_id_1 
_ndb_struct_na_base_pair_step.j_auth_seq_id_1 
_ndb_struct_na_base_pair_step.j_PDB_ins_code_1 
_ndb_struct_na_base_pair_step.i_auth_asym_id_2 
_ndb_struct_na_base_pair_step.i_auth_seq_id_2 
_ndb_struct_na_base_pair_step.i_PDB_ins_code_2 
_ndb_struct_na_base_pair_step.j_auth_asym_id_2 
_ndb_struct_na_base_pair_step.j_auth_seq_id_2 
_ndb_struct_na_base_pair_step.j_PDB_ins_code_2 
1 A G 1 1_555 A C   18 1_555 A G 2 1_555 A CBV 17 1_555 -0.089 -1.973 3.228 0.032 1.335  29.172 -4.196 0.183  3.136 2.648  -0.063 
29.202 1 AA_G1G2:CBV17C18_AA A 1 ? A 18 ? A 2 ? A 17 ? 
1 A G 2 1_555 A CBV 17 1_555 A U 3 1_555 A A   16 1_555 0.882  -1.853 3.225 1.765 3.988  32.079 -4.000 -1.283 3.022 7.174  -3.176 
32.367 2 AA_G2U3:A16CBV17_AA A 2 ? A 17 ? A 3 ? A 16 ? 
1 A U 3 1_555 A A   16 1_555 A G 4 1_555 A C   15 1_555 -0.549 -1.700 3.442 0.646 11.214 30.746 -4.891 1.082  2.663 20.319 -1.170 
32.688 3 AA_U3G4:C15A16_AA   A 3 ? A 16 ? A 4 ? A 15 ? 
1 A G 4 1_555 A C   15 1_555 A G 5 1_555 A C   14 1_555 0.182  -2.138 3.475 1.298 7.704  27.419 -6.063 -0.080 2.788 15.850 -2.669 
28.490 4 AA_G4G5:C14C15_AA   A 4 ? A 15 ? A 5 ? A 14 ? 
1 A G 5 1_555 A C   14 1_555 A G 6 1_555 A C   13 1_555 0.579  -1.923 3.234 0.847 4.022  32.151 -4.123 -0.895 2.991 7.226  -1.522 
32.406 5 AA_G5G6:C13C14_AA   A 5 ? A 14 ? A 6 ? A 13 ? 
1 A G 6 1_555 A C   13 1_555 A G 7 1_555 A C   12 1_555 -0.027 -2.130 3.219 2.031 0.690  29.968 -4.247 0.459  3.161 1.333  -3.921 
30.043 6 AA_G6G7:C12C13_AA   A 6 ? A 13 ? A 7 ? A 12 ? 
# 
_pdbx_audit_support.funding_organization   'Cancer Research UK' 
_pdbx_audit_support.country                'United Kingdom' 
_pdbx_audit_support.grant_number           ? 
_pdbx_audit_support.ordinal                1 
# 
_atom_sites.entry_id                    5NEX 
_atom_sites.fract_transf_matrix[1][1]   0.01558253 
_atom_sites.fract_transf_matrix[1][2]   0.00810107 
_atom_sites.fract_transf_matrix[1][3]   -0.01105750 
_atom_sites.fract_transf_matrix[2][1]   0.01895850 
_atom_sites.fract_transf_matrix[2][2]   0.00146420 
_atom_sites.fract_transf_matrix[2][3]   0.00831374 
_atom_sites.fract_transf_matrix[3][1]   0.00164777 
_atom_sites.fract_transf_matrix[3][2]   -0.00669011 
_atom_sites.fract_transf_matrix[3][3]   -0.00257930 
_atom_sites.fract_transf_vector[1]      -0.096438 
_atom_sites.fract_transf_vector[2]      0.221372 
_atom_sites.fract_transf_vector[3]      0.148240 
# 
loop_
_atom_type.symbol 
BR 
C  
H  
N  
NA 
O  
P  
# 
loop_
_atom_site.group_PDB 
_atom_site.id 
_atom_site.type_symbol 
_atom_site.label_atom_id 
_atom_site.label_alt_id 
_atom_site.label_comp_id 
_atom_site.label_asym_id 
_atom_site.label_entity_id 
_atom_site.label_seq_id 
_atom_site.pdbx_PDB_ins_code 
_atom_site.Cartn_x 
_atom_site.Cartn_y 
_atom_site.Cartn_z 
_atom_site.occupancy 
_atom_site.B_iso_or_equiv 
_atom_site.pdbx_formal_charge 
_atom_site.auth_seq_id 
_atom_site.auth_comp_id 
_atom_site.auth_asym_id 
_atom_site.auth_atom_id 
_atom_site.pdbx_PDB_model_num 
ATOM   1   O  "O5'"  . G   A 1 1  ? 12.570 16.301  11.589 1.00 51.16  ? 1   G   A "O5'"  1 
ATOM   2   C  "C5'"  . G   A 1 1  ? 13.915 16.461  12.014 1.00 42.57  ? 1   G   A "C5'"  1 
ATOM   3   C  "C4'"  . G   A 1 1  ? 14.052 16.312  13.508 1.00 38.82  ? 1   G   A "C4'"  1 
ATOM   4   O  "O4'"  . G   A 1 1  ? 13.271 17.337  14.185 1.00 39.32  ? 1   G   A "O4'"  1 
ATOM   5   C  "C3'"  . G   A 1 1  ? 13.541 15.009  14.107 1.00 37.96  ? 1   G   A "C3'"  1 
ATOM   6   O  "O3'"  . G   A 1 1  ? 14.461 13.944  13.951 1.00 43.53  ? 1   G   A "O3'"  1 
ATOM   7   C  "C2'"  . G   A 1 1  ? 13.306 15.412  15.551 1.00 34.97  ? 1   G   A "C2'"  1 
ATOM   8   O  "O2'"  . G   A 1 1  ? 14.543 15.542  16.235 1.00 37.54  ? 1   G   A "O2'"  1 
ATOM   9   C  "C1'"  . G   A 1 1  ? 12.711 16.809  15.365 1.00 32.21  ? 1   G   A "C1'"  1 
ATOM   10  N  N9     . G   A 1 1  ? 11.254 16.744  15.182 1.00 34.10  ? 1   G   A N9     1 
ATOM   11  C  C8     . G   A 1 1  ? 10.542 16.947  14.020 1.00 38.89  ? 1   G   A C8     1 
ATOM   12  N  N7     . G   A 1 1  ? 9.255  16.773  14.171 1.00 36.99  ? 1   G   A N7     1 
ATOM   13  C  C5     . G   A 1 1  ? 9.117  16.440  15.507 1.00 32.71  ? 1   G   A C5     1 
ATOM   14  C  C6     . G   A 1 1  ? 7.965  16.160  16.258 1.00 31.92  ? 1   G   A C6     1 
ATOM   15  O  O6     . G   A 1 1  ? 6.791  16.109  15.898 1.00 34.66  ? 1   G   A O6     1 
ATOM   16  N  N1     . G   A 1 1  ? 8.276  15.864  17.574 1.00 33.98  ? 1   G   A N1     1 
ATOM   17  C  C2     . G   A 1 1  ? 9.530  15.858  18.112 1.00 26.50  ? 1   G   A C2     1 
ATOM   18  N  N2     . G   A 1 1  ? 9.587  15.545  19.413 1.00 30.94  ? 1   G   A N2     1 
ATOM   19  N  N3     . G   A 1 1  ? 10.633 16.128  17.427 1.00 29.33  ? 1   G   A N3     1 
ATOM   20  C  C4     . G   A 1 1  ? 10.338 16.421  16.148 1.00 33.56  ? 1   G   A C4     1 
ATOM   21  H  "H5'"  . G   A 1 1  ? 14.225 17.342  11.755 1.00 51.09  ? 1   G   A "H5'"  1 
ATOM   22  H  "H5''" . G   A 1 1  ? 14.466 15.791  11.579 1.00 51.09  ? 1   G   A "H5''" 1 
ATOM   23  H  "H4'"  . G   A 1 1  ? 14.985 16.422  13.747 1.00 46.58  ? 1   G   A "H4'"  1 
ATOM   24  H  "H3'"  . G   A 1 1  ? 12.696 14.772  13.696 1.00 45.56  ? 1   G   A "H3'"  1 
ATOM   25  H  "H2'"  . G   A 1 1  ? 12.694 14.811  16.005 1.00 41.96  ? 1   G   A "H2'"  1 
ATOM   26  H  "HO2'" . G   A 1 1  ? 15.170 15.357  15.705 1.00 45.05  ? 1   G   A "HO2'" 1 
ATOM   27  H  "H1'"  . G   A 1 1  ? 12.930 17.374  16.124 1.00 38.65  ? 1   G   A "H1'"  1 
ATOM   28  H  H8     . G   A 1 1  ? 10.938 17.175  13.211 1.00 46.67  ? 1   G   A H8     1 
ATOM   29  H  H1     . G   A 1 1  ? 7.623  15.673  18.100 1.00 40.78  ? 1   G   A H1     1 
ATOM   30  H  H21    . G   A 1 1  ? 8.865  15.371  19.847 1.00 37.12  ? 1   G   A H21    1 
ATOM   31  H  H22    . G   A 1 1  ? 10.348 15.518  19.816 1.00 37.12  ? 1   G   A H22    1 
ATOM   32  H  "HO5'" . G   A 1 1  ? 12.357 16.481  10.796 1.00 61.40  ? 1   G   A "HO5'" 1 
ATOM   33  P  P      . G   A 1 2  ? 13.954 12.420  13.894 1.00 43.38  ? 2   G   A P      1 
ATOM   34  O  OP1    . G   A 1 2  ? 15.175 11.624  13.578 1.00 42.69  ? 2   G   A OP1    1 
ATOM   35  O  OP2    . G   A 1 2  ? 12.723 12.303  13.074 1.00 39.51  ? 2   G   A OP2    1 
ATOM   36  O  "O5'"  . G   A 1 2  ? 13.491 12.089  15.378 1.00 36.56  ? 2   G   A "O5'"  1 
ATOM   37  C  "C5'"  . G   A 1 2  ? 14.415 12.098  16.445 1.00 30.50  ? 2   G   A "C5'"  1 
ATOM   38  C  "C4'"  . G   A 1 2  ? 13.704 11.961  17.765 1.00 39.13  ? 2   G   A "C4'"  1 
ATOM   39  O  "O4'"  . G   A 1 2  ? 12.751 13.043  17.938 1.00 39.81  ? 2   G   A "O4'"  1 
ATOM   40  C  "C3'"  . G   A 1 2  ? 12.860 10.709  17.956 1.00 37.92  ? 2   G   A "C3'"  1 
ATOM   41  O  "O3'"  . G   A 1 2  ? 13.628 9.555   18.246 1.00 41.37  ? 2   G   A "O3'"  1 
ATOM   42  C  "C2'"  . G   A 1 2  ? 11.933 11.137  19.084 1.00 31.58  ? 2   G   A "C2'"  1 
ATOM   43  O  "O2'"  . G   A 1 2  ? 12.614 11.167  20.327 1.00 36.75  ? 2   G   A "O2'"  1 
ATOM   44  C  "C1'"  . G   A 1 2  ? 11.633 12.579  18.670 1.00 35.09  ? 2   G   A "C1'"  1 
ATOM   45  N  N9     . G   A 1 2  ? 10.466 12.632  17.784 1.00 32.28  ? 2   G   A N9     1 
ATOM   46  C  C8     . G   A 1 2  ? 10.441 12.824  16.434 1.00 27.81  ? 2   G   A C8     1 
ATOM   47  N  N7     . G   A 1 2  ? 9.243  12.794  15.941 1.00 29.76  ? 2   G   A N7     1 
ATOM   48  C  C5     . G   A 1 2  ? 8.442  12.570  17.044 1.00 26.84  ? 2   G   A C5     1 
ATOM   49  C  C6     . G   A 1 2  ? 7.041  12.447  17.133 1.00 30.18  ? 2   G   A C6     1 
ATOM   50  O  O6     . G   A 1 2  ? 6.198  12.516  16.238 1.00 30.77  ? 2   G   A O6     1 
ATOM   51  N  N1     . G   A 1 2  ? 6.659  12.212  18.450 1.00 27.56  ? 2   G   A N1     1 
ATOM   52  C  C2     . G   A 1 2  ? 7.477  12.114  19.537 1.00 29.34  ? 2   G   A C2     1 
ATOM   53  N  N2     . G   A 1 2  ? 6.853  11.869  20.698 1.00 26.58  ? 2   G   A N2     1 
ATOM   54  N  N3     . G   A 1 2  ? 8.794  12.244  19.471 1.00 31.55  ? 2   G   A N3     1 
ATOM   55  C  C4     . G   A 1 2  ? 9.181  12.451  18.192 1.00 32.65  ? 2   G   A C4     1 
ATOM   56  H  "H5'"  . G   A 1 2  ? 14.908 12.933  16.434 1.00 36.60  ? 2   G   A "H5'"  1 
ATOM   57  H  "H5''" . G   A 1 2  ? 15.035 11.361  16.338 1.00 36.60  ? 2   G   A "H5''" 1 
ATOM   58  H  "H4'"  . G   A 1 2  ? 14.360 12.006  18.478 1.00 46.96  ? 2   G   A "H4'"  1 
ATOM   59  H  "H3'"  . G   A 1 2  ? 12.337 10.552  17.154 1.00 45.50  ? 2   G   A "H3'"  1 
ATOM   60  H  "H2'"  . G   A 1 2  ? 11.128 10.596  19.118 1.00 37.90  ? 2   G   A "H2'"  1 
ATOM   61  H  "HO2'" . G   A 1 2  ? 13.253 10.623  20.302 1.00 44.10  ? 2   G   A "HO2'" 1 
ATOM   62  H  "H1'"  . G   A 1 2  ? 11.490 13.132  19.454 1.00 42.10  ? 2   G   A "H1'"  1 
ATOM   63  H  H8     . G   A 1 2  ? 11.204 12.967  15.922 1.00 33.38  ? 2   G   A H8     1 
ATOM   64  H  H1     . G   A 1 2  ? 5.816  12.121  18.595 1.00 33.07  ? 2   G   A H1     1 
ATOM   65  H  H21    . G   A 1 2  ? 5.998  11.788  20.719 1.00 31.90  ? 2   G   A H21    1 
ATOM   66  H  H22    . G   A 1 2  ? 7.310  11.791  21.424 1.00 31.90  ? 2   G   A H22    1 
ATOM   67  P  P      . U   A 1 3  ? 13.169 8.099   17.730 1.00 40.53  ? 3   U   A P      1 
ATOM   68  O  OP1    . U   A 1 3  ? 14.216 7.161   18.231 1.00 38.11  ? 3   U   A OP1    1 
ATOM   69  O  OP2    . U   A 1 3  ? 12.769 8.093   16.312 1.00 34.33  ? 3   U   A OP2    1 
ATOM   70  O  "O5'"  . U   A 1 3  ? 11.840 7.803   18.553 1.00 41.62  ? 3   U   A "O5'"  1 
ATOM   71  C  "C5'"  . U   A 1 3  ? 11.885 7.744   19.962 1.00 38.06  ? 3   U   A "C5'"  1 
ATOM   72  C  "C4'"  . U   A 1 3  ? 10.508 7.654   20.545 1.00 38.99  ? 3   U   A "C4'"  1 
ATOM   73  O  "O4'"  . U   A 1 3  ? 9.729  8.824   20.176 1.00 34.21  ? 3   U   A "O4'"  1 
ATOM   74  C  "C3'"  . U   A 1 3  ? 9.662  6.490   20.061 1.00 29.48  ? 3   U   A "C3'"  1 
ATOM   75  O  "O3'"  . U   A 1 3  ? 9.997  5.270   20.698 1.00 34.42  ? 3   U   A "O3'"  1 
ATOM   76  C  "C2'"  . U   A 1 3  ? 8.262  6.974   20.378 1.00 30.51  ? 3   U   A "C2'"  1 
ATOM   77  O  "O2'"  . U   A 1 3  ? 8.023  6.874   21.766 1.00 30.43  ? 3   U   A "O2'"  1 
ATOM   78  C  "C1'"  . U   A 1 3  ? 8.374  8.457   20.029 1.00 31.24  ? 3   U   A "C1'"  1 
ATOM   79  N  N1     . U   A 1 3  ? 7.956  8.738   18.646 1.00 28.53  ? 3   U   A N1     1 
ATOM   80  C  C2     . U   A 1 3  ? 6.593  8.809   18.460 1.00 27.06  ? 3   U   A C2     1 
ATOM   81  O  O2     . U   A 1 3  ? 5.814  8.635   19.380 1.00 30.03  ? 3   U   A O2     1 
ATOM   82  N  N3     . U   A 1 3  ? 6.203  9.088   17.194 1.00 26.59  ? 3   U   A N3     1 
ATOM   83  C  C4     . U   A 1 3  ? 7.028  9.286   16.093 1.00 30.81  ? 3   U   A C4     1 
ATOM   84  O  O4     . U   A 1 3  ? 6.533  9.527   14.993 1.00 31.46  ? 3   U   A O4     1 
ATOM   85  C  C5     . U   A 1 3  ? 8.428  9.203   16.362 1.00 34.31  ? 3   U   A C5     1 
ATOM   86  C  C6     . U   A 1 3  ? 8.838  8.926   17.605 1.00 33.76  ? 3   U   A C6     1 
ATOM   87  H  "H5'"  . U   A 1 3  ? 12.322 8.541   20.300 1.00 45.68  ? 3   U   A "H5'"  1 
ATOM   88  H  "H5''" . U   A 1 3  ? 12.395 6.964   20.231 1.00 45.68  ? 3   U   A "H5''" 1 
ATOM   89  H  "H4'"  . U   A 1 3  ? 10.577 7.613   21.511 1.00 46.79  ? 3   U   A "H4'"  1 
ATOM   90  H  "H3'"  . U   A 1 3  ? 9.762  6.394   19.101 1.00 35.37  ? 3   U   A "H3'"  1 
ATOM   91  H  "H2'"  . U   A 1 3  ? 7.586  6.521   19.849 1.00 36.62  ? 3   U   A "H2'"  1 
ATOM   92  H  "HO2'" . U   A 1 3  ? 7.959  6.063   21.974 1.00 36.52  ? 3   U   A "HO2'" 1 
ATOM   93  H  "H1'"  . U   A 1 3  ? 7.830  8.976   20.643 1.00 37.49  ? 3   U   A "H1'"  1 
ATOM   94  H  H3     . U   A 1 3  ? 5.356  9.129   17.052 1.00 31.91  ? 3   U   A H3     1 
ATOM   95  H  H5     . U   A 1 3  ? 9.046  9.326   15.678 1.00 41.18  ? 3   U   A H5     1 
ATOM   96  H  H6     . U   A 1 3  ? 9.751  8.879   17.777 1.00 40.51  ? 3   U   A H6     1 
ATOM   97  P  P      . G   A 1 4  ? 9.782  3.880   19.918 1.00 37.84  ? 4   G   A P      1 
ATOM   98  O  OP1    . G   A 1 4  ? 10.424 2.875   20.801 1.00 44.28  ? 4   G   A OP1    1 
ATOM   99  O  OP2    . G   A 1 4  ? 10.048 3.945   18.449 1.00 35.71  ? 4   G   A OP2    1 
ATOM   100 O  "O5'"  . G   A 1 4  ? 8.202  3.663   19.970 1.00 31.92  ? 4   G   A "O5'"  1 
ATOM   101 C  "C5'"  . G   A 1 4  ? 7.580  3.324   21.196 1.00 37.79  ? 4   G   A "C5'"  1 
ATOM   102 C  "C4'"  . G   A 1 4  ? 6.084  3.179   21.054 1.00 34.57  ? 4   G   A "C4'"  1 
ATOM   103 O  "O4'"  . G   A 1 4  ? 5.503  4.460   20.710 1.00 32.32  ? 4   G   A "O4'"  1 
ATOM   104 C  "C3'"  . G   A 1 4  ? 5.560  2.245   19.976 1.00 31.66  ? 4   G   A "C3'"  1 
ATOM   105 O  "O3'"  . G   A 1 4  ? 5.599  0.876   20.326 1.00 38.00  ? 4   G   A "O3'"  1 
ATOM   106 C  "C2'"  . G   A 1 4  ? 4.145  2.742   19.811 1.00 31.47  ? 4   G   A "C2'"  1 
ATOM   107 O  "O2'"  . G   A 1 4  ? 3.360  2.328   20.919 1.00 33.00  ? 4   G   A "O2'"  1 
ATOM   108 C  "C1'"  . G   A 1 4  ? 4.364  4.256   19.907 1.00 30.99  ? 4   G   A "C1'"  1 
ATOM   109 N  N9     . G   A 1 4  ? 4.629  4.841   18.582 1.00 31.33  ? 4   G   A N9     1 
ATOM   110 C  C8     . G   A 1 4  ? 5.835  5.144   18.010 1.00 31.09  ? 4   G   A C8     1 
ATOM   111 N  N7     . G   A 1 4  ? 5.713  5.632   16.796 1.00 28.28  ? 4   G   A N7     1 
ATOM   112 C  C5     . G   A 1 4  ? 4.335  5.634   16.565 1.00 26.74  ? 4   G   A C5     1 
ATOM   113 C  C6     . G   A 1 4  ? 3.594  6.043   15.425 1.00 31.08  ? 4   G   A C6     1 
ATOM   114 O  O6     . G   A 1 4  ? 4.039  6.501   14.370 1.00 30.31  ? 4   G   A O6     1 
ATOM   115 N  N1     . G   A 1 4  ? 2.229  5.866   15.615 1.00 26.71  ? 4   G   A N1     1 
ATOM   116 C  C2     . G   A 1 4  ? 1.650  5.364   16.749 1.00 28.92  ? 4   G   A C2     1 
ATOM   117 N  N2     . G   A 1 4  ? 0.325  5.252   16.758 1.00 32.00  ? 4   G   A N2     1 
ATOM   118 N  N3     . G   A 1 4  ? 2.334  4.978   17.819 1.00 36.17  ? 4   G   A N3     1 
ATOM   119 C  C4     . G   A 1 4  ? 3.659  5.147   17.649 1.00 37.40  ? 4   G   A C4     1 
ATOM   120 H  "H5'"  . G   A 1 4  ? 7.767  4.018   21.846 1.00 45.35  ? 4   G   A "H5'"  1 
ATOM   121 H  "H5''" . G   A 1 4  ? 7.948  2.485   21.514 1.00 45.35  ? 4   G   A "H5''" 1 
ATOM   122 H  "H4'"  . G   A 1 4  ? 5.721  2.896   21.908 1.00 41.48  ? 4   G   A "H4'"  1 
ATOM   123 H  "H3'"  . G   A 1 4  ? 6.054  2.387   19.152 1.00 37.99  ? 4   G   A "H3'"  1 
ATOM   124 H  "H2'"  . G   A 1 4  ? 3.758  2.480   18.960 1.00 37.76  ? 4   G   A "H2'"  1 
ATOM   125 H  "HO2'" . G   A 1 4  ? 3.554  1.533   21.108 1.00 39.59  ? 4   G   A "HO2'" 1 
ATOM   126 H  "H1'"  . G   A 1 4  ? 3.592  4.680   20.311 1.00 37.19  ? 4   G   A "H1'"  1 
ATOM   127 H  H8     . G   A 1 4  ? 6.652  5.032   18.441 1.00 37.31  ? 4   G   A H8     1 
ATOM   128 H  H1     . G   A 1 4  ? 1.706  6.091   14.970 1.00 32.05  ? 4   G   A H1     1 
ATOM   129 H  H21    . G   A 1 4  ? -0.133 5.497   16.072 1.00 38.39  ? 4   G   A H21    1 
ATOM   130 H  H22    . G   A 1 4  ? -0.075 4.935   17.451 1.00 38.39  ? 4   G   A H22    1 
ATOM   131 P  P      . G   A 1 5  ? 5.821  -0.215  19.163 1.00 40.68  ? 5   G   A P      1 
ATOM   132 O  OP1    . G   A 1 5  ? 5.917  -1.513  19.878 1.00 53.67  ? 5   G   A OP1    1 
ATOM   133 O  OP2    . G   A 1 5  ? 6.907  0.222   18.240 1.00 37.09  ? 5   G   A OP2    1 
ATOM   134 O  "O5'"  . G   A 1 5  ? 4.498  -0.145  18.249 1.00 49.03  ? 5   G   A "O5'"  1 
ATOM   135 C  "C5'"  . G   A 1 5  ? 3.258  -0.577  18.777 1.00 40.94  ? 5   G   A "C5'"  1 
ATOM   136 C  "C4'"  . G   A 1 5  ? 2.054  -0.242  17.926 1.00 30.75  ? 5   G   A "C4'"  1 
ATOM   137 O  "O4'"  . G   A 1 5  ? 1.959  1.189   17.669 1.00 34.34  ? 5   G   A "O4'"  1 
ATOM   138 C  "C3'"  . G   A 1 5  ? 1.939  -0.845  16.530 1.00 26.64  ? 5   G   A "C3'"  1 
ATOM   139 O  "O3'"  . G   A 1 5  ? 1.629  -2.227  16.527 1.00 26.54  ? 5   G   A "O3'"  1 
ATOM   140 C  "C2'"  . G   A 1 5  ? 0.835  0.016   15.934 1.00 24.56  ? 5   G   A "C2'"  1 
ATOM   141 O  "O2'"  . G   A 1 5  ? -0.421 -0.337  16.477 1.00 27.73  ? 5   G   A "O2'"  1 
ATOM   142 C  "C1'"  . G   A 1 5  ? 1.216  1.401   16.477 1.00 32.22  ? 5   G   A "C1'"  1 
ATOM   143 N  N9     . G   A 1 5  ? 2.052  2.098   15.488 1.00 28.35  ? 5   G   A N9     1 
ATOM   144 C  C8     . G   A 1 5  ? 3.397  2.307   15.489 1.00 26.57  ? 5   G   A C8     1 
ATOM   145 N  N7     . G   A 1 5  ? 3.832  2.919   14.420 1.00 30.02  ? 5   G   A N7     1 
ATOM   146 C  C5     . G   A 1 5  ? 2.700  3.103   13.652 1.00 27.78  ? 5   G   A C5     1 
ATOM   147 C  C6     . G   A 1 5  ? 2.557  3.693   12.370 1.00 29.22  ? 5   G   A C6     1 
ATOM   148 O  O6     . G   A 1 5  ? 3.447  4.186   11.695 1.00 34.60  ? 5   G   A O6     1 
ATOM   149 N  N1     . G   A 1 5  ? 1.238  3.698   11.963 1.00 28.62  ? 5   G   A N1     1 
ATOM   150 C  C2     . G   A 1 5  ? 0.191  3.183   12.644 1.00 30.28  ? 5   G   A C2     1 
ATOM   151 N  N2     . G   A 1 5  ? -0.990 3.264   12.031 1.00 35.41  ? 5   G   A N2     1 
ATOM   152 N  N3     . G   A 1 5  ? 0.313  2.610   13.845 1.00 32.99  ? 5   G   A N3     1 
ATOM   153 C  C4     . G   A 1 5  ? 1.586  2.624   14.272 1.00 23.62  ? 5   G   A C4     1 
ATOM   154 H  "H5'"  . G   A 1 5  ? 3.138  -0.170  19.649 1.00 49.13  ? 5   G   A "H5'"  1 
ATOM   155 H  "H5''" . G   A 1 5  ? 3.294  -1.540  18.891 1.00 49.13  ? 5   G   A "H5''" 1 
ATOM   156 H  "H4'"  . G   A 1 5  ? 1.264  -0.505  18.423 1.00 36.90  ? 5   G   A "H4'"  1 
ATOM   157 H  "H3'"  . G   A 1 5  ? 2.765  -0.695  16.044 1.00 31.97  ? 5   G   A "H3'"  1 
ATOM   158 H  "H2'"  . G   A 1 5  ? 0.837  -0.008  14.964 1.00 29.47  ? 5   G   A "H2'"  1 
ATOM   159 H  "HO2'" . G   A 1 5  ? -0.404 -1.145  16.706 1.00 33.28  ? 5   G   A "HO2'" 1 
ATOM   160 H  "H1'"  . G   A 1 5  ? 0.418  1.919   16.666 1.00 38.66  ? 5   G   A "H1'"  1 
ATOM   161 H  H8     . G   A 1 5  ? 3.952  2.051   16.191 1.00 31.89  ? 5   G   A H8     1 
ATOM   162 H  H1     . G   A 1 5  ? 1.069  4.044   11.194 1.00 34.35  ? 5   G   A H1     1 
ATOM   163 H  H21    . G   A 1 5  ? -1.048 3.636   11.258 1.00 42.49  ? 5   G   A H21    1 
ATOM   164 H  H22    . G   A 1 5  ? -1.693 2.944   12.409 1.00 42.49  ? 5   G   A H22    1 
ATOM   165 P  P      . G   A 1 6  ? 2.165  -3.163  15.339 1.00 31.05  ? 6   G   A P      1 
ATOM   166 O  OP1    . G   A 1 6  ? 1.763  -4.550  15.714 1.00 30.16  ? 6   G   A OP1    1 
ATOM   167 O  OP2    . G   A 1 6  ? 3.586  -2.830  15.065 1.00 28.16  ? 6   G   A OP2    1 
ATOM   168 O  "O5'"  . G   A 1 6  ? 1.337  -2.709  14.061 1.00 28.61  ? 6   G   A "O5'"  1 
ATOM   169 C  "C5'"  . G   A 1 6  ? -0.038 -3.033  13.981 1.00 28.25  ? 6   G   A "C5'"  1 
ATOM   170 C  "C4'"  . G   A 1 6  ? -0.705 -2.392  12.793 1.00 25.90  ? 6   G   A "C4'"  1 
ATOM   171 O  "O4'"  . G   A 1 6  ? -0.528 -0.954  12.802 1.00 28.47  ? 6   G   A "O4'"  1 
ATOM   172 C  "C3'"  . G   A 1 6  ? -0.181 -2.793  11.426 1.00 28.44  ? 6   G   A "C3'"  1 
ATOM   173 O  "O3'"  . G   A 1 6  ? -0.604 -4.083  11.035 1.00 32.51  ? 6   G   A "O3'"  1 
ATOM   174 C  "C2'"  . G   A 1 6  ? -0.750 -1.689  10.567 1.00 26.73  ? 6   G   A "C2'"  1 
ATOM   175 O  "O2'"  . G   A 1 6  ? -2.146 -1.877  10.419 1.00 30.47  ? 6   G   A "O2'"  1 
ATOM   176 C  "C1'"  . G   A 1 6  ? -0.507 -0.478  11.468 1.00 27.39  ? 6   G   A "C1'"  1 
ATOM   177 N  N9     . G   A 1 6  ? 0.821  0.095   11.187 1.00 23.11  ? 6   G   A N9     1 
ATOM   178 C  C8     . G   A 1 6  ? 1.998  -0.069  11.880 1.00 29.52  ? 6   G   A C8     1 
ATOM   179 N  N7     . G   A 1 6  ? 3.011  0.533   11.307 1.00 28.94  ? 6   G   A N7     1 
ATOM   180 C  C5     . G   A 1 6  ? 2.478  1.092   10.163 1.00 27.49  ? 6   G   A C5     1 
ATOM   181 C  C6     . G   A 1 6  ? 3.101  1.845   9.126  1.00 31.65  ? 6   G   A C6     1 
ATOM   182 O  O6     . G   A 1 6  ? 4.272  2.199   9.024  1.00 29.74  ? 6   G   A O6     1 
ATOM   183 N  N1     . G   A 1 6  ? 2.192  2.210   8.149  1.00 26.98  ? 6   G   A N1     1 
ATOM   184 C  C2     . G   A 1 6  ? 0.876  1.891   8.162  1.00 27.23  ? 6   G   A C2     1 
ATOM   185 N  N2     . G   A 1 6  ? 0.144  2.301   7.135  1.00 31.14  ? 6   G   A N2     1 
ATOM   186 N  N3     . G   A 1 6  ? 0.294  1.169   9.097  1.00 26.38  ? 6   G   A N3     1 
ATOM   187 C  C4     . G   A 1 6  ? 1.147  0.822   10.068 1.00 28.00  ? 6   G   A C4     1 
ATOM   188 H  "H5'"  . G   A 1 6  ? -0.481 -2.733  14.790 1.00 33.90  ? 6   G   A "H5'"  1 
ATOM   189 H  "H5''" . G   A 1 6  ? -0.130 -3.997  13.911 1.00 33.90  ? 6   G   A "H5''" 1 
ATOM   190 H  "H4'"  . G   A 1 6  ? -1.655 -2.587  12.829 1.00 31.08  ? 6   G   A "H4'"  1 
ATOM   191 H  "H3'"  . G   A 1 6  ? 0.788  -2.747  11.420 1.00 34.13  ? 6   G   A "H3'"  1 
ATOM   192 H  "H2'"  . G   A 1 6  ? -0.291 -1.611  9.715  1.00 32.07  ? 6   G   A "H2'"  1 
ATOM   193 H  "HO2'" . G   A 1 6  ? -2.415 -1.429  9.762  1.00 36.57  ? 6   G   A "HO2'" 1 
ATOM   194 H  "H1'"  . G   A 1 6  ? -1.200 0.188   11.335 1.00 32.87  ? 6   G   A "H1'"  1 
ATOM   195 H  H8     . G   A 1 6  ? 2.060  -0.527  12.686 1.00 35.42  ? 6   G   A H8     1 
ATOM   196 H  H1     . G   A 1 6  ? 2.483  2.679   7.488  1.00 32.37  ? 6   G   A H1     1 
ATOM   197 H  H21    . G   A 1 6  ? 0.503  2.774   6.512  1.00 37.37  ? 6   G   A H21    1 
ATOM   198 H  H22    . G   A 1 6  ? -0.690 2.095   7.091  1.00 37.37  ? 6   G   A H22    1 
ATOM   199 P  P      . G   A 1 7  ? 0.232  -4.909  9.940  1.00 32.89  ? 7   G   A P      1 
ATOM   200 O  OP1    . G   A 1 7  ? -0.420 -6.258  9.954  1.00 33.54  ? 7   G   A OP1    1 
ATOM   201 O  OP2    . G   A 1 7  ? 1.675  -4.782  10.198 1.00 30.66  ? 7   G   A OP2    1 
ATOM   202 O  "O5'"  . G   A 1 7  ? -0.020 -4.149  8.570  1.00 29.53  ? 7   G   A "O5'"  1 
ATOM   203 C  "C5'"  . G   A 1 7  ? -1.321 -4.054  8.029  1.00 29.72  ? 7   G   A "C5'"  1 
ATOM   204 C  "C4'"  . G   A 1 7  ? -1.337 -3.218  6.778  1.00 31.37  ? 7   G   A "C4'"  1 
ATOM   205 O  "O4'"  . G   A 1 7  ? -0.938 -1.845  7.054  1.00 34.04  ? 7   G   A "O4'"  1 
ATOM   206 C  "C3'"  . G   A 1 7  ? -0.394 -3.638  5.667  1.00 35.92  ? 7   G   A "C3'"  1 
ATOM   207 O  "O3'"  . G   A 1 7  ? -0.849 -4.788  4.965  1.00 34.24  ? 7   G   A "O3'"  1 
ATOM   208 C  "C2'"  . G   A 1 7  ? -0.353 -2.380  4.826  1.00 31.95  ? 7   G   A "C2'"  1 
ATOM   209 O  "O2'"  . G   A 1 7  ? -1.573 -2.221  4.128  1.00 38.14  ? 7   G   A "O2'"  1 
ATOM   210 C  "C1'"  . G   A 1 7  ? -0.297 -1.305  5.913  1.00 37.43  ? 7   G   A "C1'"  1 
ATOM   211 N  N9     . G   A 1 7  ? 1.101  -1.016  6.254  1.00 29.45  ? 7   G   A N9     1 
ATOM   212 C  C8     . G   A 1 7  ? 1.813  -1.547  7.289  1.00 30.59  ? 7   G   A C8     1 
ATOM   213 N  N7     . G   A 1 7  ? 3.050  -1.136  7.298  1.00 34.41  ? 7   G   A N7     1 
ATOM   214 C  C5     . G   A 1 7  ? 3.157  -0.303  6.199  1.00 36.27  ? 7   G   A C5     1 
ATOM   215 C  C6     . G   A 1 7  ? 4.272  0.424   5.722  1.00 39.66  ? 7   G   A C6     1 
ATOM   216 O  O6     . G   A 1 7  ? 5.415  0.454   6.195  1.00 34.59  ? 7   G   A O6     1 
ATOM   217 N  N1     . G   A 1 7  ? 3.947  1.150   4.583  1.00 34.33  ? 7   G   A N1     1 
ATOM   218 C  C2     . G   A 1 7  ? 2.718  1.158   3.967  1.00 34.11  ? 7   G   A C2     1 
ATOM   219 N  N2     . G   A 1 7  ? 2.620  1.917   2.856  1.00 35.20  ? 7   G   A N2     1 
ATOM   220 N  N3     . G   A 1 7  ? 1.669  0.479   4.422  1.00 34.07  ? 7   G   A N3     1 
ATOM   221 C  C4     . G   A 1 7  ? 1.966  -0.215  5.529  1.00 26.27  ? 7   G   A C4     1 
ATOM   222 H  "H5'"  . G   A 1 7  ? -1.909 -3.652  8.688  1.00 35.67  ? 7   G   A "H5'"  1 
ATOM   223 H  "H5''" . G   A 1 7  ? -1.643 -4.945  7.819  1.00 35.67  ? 7   G   A "H5''" 1 
ATOM   224 H  "H4'"  . G   A 1 7  ? -2.241 -3.211  6.427  1.00 37.65  ? 7   G   A "H4'"  1 
ATOM   225 H  "H3'"  . G   A 1 7  ? 0.486  -3.810  6.036  1.00 43.10  ? 7   G   A "H3'"  1 
ATOM   226 H  "H2'"  . G   A 1 7  ? 0.420  -2.351  4.240  1.00 38.34  ? 7   G   A "H2'"  1 
ATOM   227 H  "HO2'" . G   A 1 7  ? -1.673 -2.868  3.601  1.00 45.77  ? 7   G   A "HO2'" 1 
ATOM   228 H  "H1'"  . G   A 1 7  ? -0.750 -0.500  5.618  1.00 44.91  ? 7   G   A "H1'"  1 
ATOM   229 H  H8     . G   A 1 7  ? 1.455  -2.127  7.921  1.00 36.71  ? 7   G   A H8     1 
ATOM   230 H  H1     . G   A 1 7  ? 4.575  1.612   4.218  1.00 41.19  ? 7   G   A H1     1 
ATOM   231 H  H21    . G   A 1 7  ? 3.304  2.351   2.570  1.00 42.23  ? 7   G   A H21    1 
ATOM   232 H  H22    . G   A 1 7  ? 1.872  1.966   2.434  1.00 42.23  ? 7   G   A H22    1 
ATOM   233 P  P      . A   A 1 8  ? 0.155  -5.606  4.009  1.00 36.40  ? 8   A   A P      1 
ATOM   234 O  OP1    . A   A 1 8  ? 0.740  -4.730  2.968  1.00 35.30  ? 8   A   A OP1    1 
ATOM   235 O  OP2    . A   A 1 8  ? -0.507 -6.895  3.663  1.00 40.49  ? 8   A   A OP2    1 
ATOM   236 O  "O5'"  . A   A 1 8  ? 1.393  -5.971  4.940  1.00 32.76  ? 8   A   A "O5'"  1 
ATOM   237 C  "C5'"  . A   A 1 8  ? 1.218  -6.740  6.125  1.00 39.89  ? 8   A   A "C5'"  1 
ATOM   238 C  "C4'"  . A   A 1 8  ? 2.315  -7.762  6.257  1.00 38.08  ? 8   A   A "C4'"  1 
ATOM   239 O  "O4'"  . A   A 1 8  ? 2.208  -8.708  5.158  1.00 41.68  ? 8   A   A "O4'"  1 
ATOM   240 C  "C3'"  . A   A 1 8  ? 3.738  -7.228  6.151  1.00 41.73  ? 8   A   A "C3'"  1 
ATOM   241 O  "O3'"  . A   A 1 8  ? 4.233  -6.700  7.375  1.00 43.15  ? 8   A   A "O3'"  1 
ATOM   242 C  "C2'"  . A   A 1 8  ? 4.506  -8.443  5.655  1.00 49.02  ? 8   A   A "C2'"  1 
ATOM   243 O  "O2'"  . A   A 1 8  ? 4.757  -9.349  6.714  1.00 54.03  ? 8   A   A "O2'"  1 
ATOM   244 C  "C1'"  . A   A 1 8  ? 3.492  -9.069  4.698  1.00 41.39  ? 8   A   A "C1'"  1 
ATOM   245 N  N9     . A   A 1 8  ? 3.638  -8.533  3.335  1.00 39.89  ? 8   A   A N9     1 
ATOM   246 C  C8     . A   A 1 8  ? 2.658  -7.924  2.579  1.00 45.25  ? 8   A   A C8     1 
ATOM   247 N  N7     . A   A 1 8  ? 3.077  -7.493  1.408  1.00 40.32  ? 8   A   A N7     1 
ATOM   248 C  C5     . A   A 1 8  ? 4.418  -7.851  1.397  1.00 39.08  ? 8   A   A C5     1 
ATOM   249 C  C6     . A   A 1 8  ? 5.425  -7.675  0.433  1.00 50.62  ? 8   A   A C6     1 
ATOM   250 N  N6     . A   A 1 8  ? 5.214  -7.070  -0.734 1.00 43.58  ? 8   A   A N6     1 
ATOM   251 N  N1     . A   A 1 8  ? 6.663  -8.140  0.715  1.00 40.40  ? 8   A   A N1     1 
ATOM   252 C  C2     . A   A 1 8  ? 6.855  -8.729  1.909  1.00 48.47  ? 8   A   A C2     1 
ATOM   253 N  N3     . A   A 1 8  ? 5.990  -8.945  2.904  1.00 38.28  ? 8   A   A N3     1 
ATOM   254 C  C4     . A   A 1 8  ? 4.776  -8.485  2.574  1.00 39.15  ? 8   A   A C4     1 
ATOM   255 H  "H5'"  . A   A 1 8  ? 0.361  -7.192  6.089  1.00 47.87  ? 8   A   A "H5'"  1 
ATOM   256 H  "H5''" . A   A 1 8  ? 1.237  -6.149  6.895  1.00 47.87  ? 8   A   A "H5''" 1 
ATOM   257 H  "H4'"  . A   A 1 8  ? 2.213  -8.235  7.098  1.00 45.70  ? 8   A   A "H4'"  1 
ATOM   258 H  "H3'"  . A   A 1 8  ? 3.767  -6.536  5.472  1.00 50.08  ? 8   A   A "H3'"  1 
ATOM   259 H  "H2'"  . A   A 1 8  ? 5.322  -8.189  5.194  1.00 58.83  ? 8   A   A "H2'"  1 
ATOM   260 H  "HO2'" . A   A 1 8  ? 5.316  -9.007  7.240  1.00 64.84  ? 8   A   A "HO2'" 1 
ATOM   261 H  "H1'"  . A   A 1 8  ? 3.586  -10.035 4.691  1.00 49.67  ? 8   A   A "H1'"  1 
ATOM   262 H  H8     . A   A 1 8  ? 1.784  -7.815  2.875  1.00 54.30  ? 8   A   A H8     1 
ATOM   263 H  H61    . A   A 1 8  ? 5.860  -6.980  -1.294 1.00 52.29  ? 8   A   A H61    1 
ATOM   264 H  H62    . A   A 1 8  ? 4.432  -6.770  -0.926 1.00 52.29  ? 8   A   A H62    1 
ATOM   265 H  H2     . A   A 1 8  ? 7.721  -9.028  2.067  1.00 58.16  ? 8   A   A H2     1 
ATOM   266 P  P      . C   A 1 9  ? 5.073  -5.332  7.396  1.00 44.69  ? 9   C   A P      1 
ATOM   267 O  OP1    . C   A 1 9  ? 5.606  -5.128  8.765  1.00 68.03  ? 9   C   A OP1    1 
ATOM   268 O  OP2    . C   A 1 9  ? 4.258  -4.260  6.790  1.00 43.95  ? 9   C   A OP2    1 
ATOM   269 O  "O5'"  . C   A 1 9  ? 6.278  -5.613  6.400  1.00 43.47  ? 9   C   A "O5'"  1 
ATOM   270 C  "C5'"  . C   A 1 9  ? 7.354  -6.458  6.773  1.00 45.62  ? 9   C   A "C5'"  1 
ATOM   271 C  "C4'"  . C   A 1 9  ? 8.548  -6.237  5.883  1.00 46.89  ? 9   C   A "C4'"  1 
ATOM   272 O  "O4'"  . C   A 1 9  ? 8.267  -6.739  4.551  1.00 46.81  ? 9   C   A "O4'"  1 
ATOM   273 C  "C3'"  . C   A 1 9  ? 8.934  -4.781  5.664  1.00 43.66  ? 9   C   A "C3'"  1 
ATOM   274 O  "O3'"  . C   A 1 9  ? 9.740  -4.273  6.712  1.00 47.73  ? 9   C   A "O3'"  1 
ATOM   275 C  "C2'"  . C   A 1 9  ? 9.638  -4.816  4.318  1.00 41.79  ? 9   C   A "C2'"  1 
ATOM   276 O  "O2'"  . C   A 1 9  ? 10.977 -5.260  4.451  1.00 51.43  ? 9   C   A "O2'"  1 
ATOM   277 C  "C1'"  . C   A 1 9  ? 8.838  -5.891  3.583  1.00 46.08  ? 9   C   A "C1'"  1 
ATOM   278 N  N1     . C   A 1 9  ? 7.750  -5.306  2.765  1.00 35.33  ? 9   C   A N1     1 
ATOM   279 C  C2     . C   A 1 9  ? 8.129  -4.693  1.578  1.00 37.26  ? 9   C   A C2     1 
ATOM   280 O  O2     . C   A 1 9  ? 9.334  -4.669  1.293  1.00 39.78  ? 9   C   A O2     1 
ATOM   281 N  N3     . C   A 1 9  ? 7.190  -4.143  0.783  1.00 39.10  ? 9   C   A N3     1 
ATOM   282 C  C4     . C   A 1 9  ? 5.913  -4.205  1.132  1.00 47.34  ? 9   C   A C4     1 
ATOM   283 N  N4     . C   A 1 9  ? 5.039  -3.653  0.302  1.00 69.77  ? 9   C   A N4     1 
ATOM   284 C  C5     . C   A 1 9  ? 5.484  -4.833  2.340  1.00 48.56  ? 9   C   A C5     1 
ATOM   285 C  C6     . C   A 1 9  ? 6.432  -5.368  3.123  1.00 42.08  ? 9   C   A C6     1 
ATOM   286 H  "H5'"  . C   A 1 9  ? 7.072  -7.384  6.702  1.00 54.74  ? 9   C   A "H5'"  1 
ATOM   287 H  "H5''" . C   A 1 9  ? 7.603  -6.271  7.692  1.00 54.74  ? 9   C   A "H5''" 1 
ATOM   288 H  "H4'"  . C   A 1 9  ? 9.308  -6.715  6.247  1.00 56.26  ? 9   C   A "H4'"  1 
ATOM   289 H  "H3'"  . C   A 1 9  ? 8.129  -4.244  5.591  1.00 52.40  ? 9   C   A "H3'"  1 
ATOM   290 H  "H2'"  . C   A 1 9  ? 9.585  -3.961  3.864  1.00 50.15  ? 9   C   A "H2'"  1 
ATOM   291 H  "HO2'" . C   A 1 9  ? 11.420 -4.672  4.855  1.00 61.72  ? 9   C   A "HO2'" 1 
ATOM   292 H  "H1'"  . C   A 1 9  ? 9.432  -6.404  3.013  1.00 55.29  ? 9   C   A "H1'"  1 
ATOM   293 H  H41    . C   A 1 9  ? 4.201  -3.670  0.488  1.00 83.72  ? 9   C   A H41    1 
ATOM   294 H  H42    . C   A 1 9  ? 5.313  -3.279  -0.422 1.00 83.72  ? 9   C   A H42    1 
ATOM   295 H  H5     . C   A 1 9  ? 4.585  -4.865  2.576  1.00 58.27  ? 9   C   A H5     1 
ATOM   296 H  H6     . C   A 1 9  ? 6.190  -5.785  3.919  1.00 50.50  ? 9   C   A H6     1 
ATOM   297 P  P      . G   A 1 10 ? 9.467  -2.815  7.325  1.00 50.25  ? 10  G   A P      1 
ATOM   298 O  OP1    . G   A 1 10 ? 10.277 -2.740  8.562  1.00 83.77  ? 10  G   A OP1    1 
ATOM   299 O  OP2    . G   A 1 10 ? 8.034  -2.478  7.394  1.00 49.08  ? 10  G   A OP2    1 
ATOM   300 O  "O5'"  . G   A 1 10 ? 10.112 -1.842  6.248  1.00 52.77  ? 10  G   A "O5'"  1 
ATOM   301 C  "C5'"  . G   A 1 10 ? 11.481 -1.954  5.905  1.00 56.28  ? 10  G   A "C5'"  1 
ATOM   302 C  "C4'"  . G   A 1 10 ? 11.816 -1.077  4.731  1.00 54.49  ? 10  G   A "C4'"  1 
ATOM   303 O  "O4'"  . G   A 1 10 ? 11.228 -1.624  3.523  1.00 46.50  ? 10  G   A "O4'"  1 
ATOM   304 C  "C3'"  . G   A 1 10 ? 11.278 0.340   4.787  1.00 58.66  ? 10  G   A "C3'"  1 
ATOM   305 O  "O3'"  . G   A 1 10 ? 12.041 1.202   5.608  1.00 54.37  ? 10  G   A "O3'"  1 
ATOM   306 C  "C2'"  . G   A 1 10 ? 11.270 0.732   3.319  1.00 57.06  ? 10  G   A "C2'"  1 
ATOM   307 O  "O2'"  . G   A 1 10 ? 12.583 1.006   2.863  1.00 57.13  ? 10  G   A "O2'"  1 
ATOM   308 C  "C1'"  . G   A 1 10 ? 10.809 -0.573  2.679  1.00 54.84  ? 10  G   A "C1'"  1 
ATOM   309 N  N9     . G   A 1 10 ? 9.337  -0.628  2.543  1.00 44.90  ? 10  G   A N9     1 
ATOM   310 C  C8     . G   A 1 10 ? 8.420  -1.311  3.315  1.00 37.49  ? 10  G   A C8     1 
ATOM   311 N  N7     . G   A 1 10 ? 7.181  -1.136  2.913  1.00 36.37  ? 10  G   A N7     1 
ATOM   312 C  C5     . G   A 1 10 ? 7.303  -0.291  1.812  1.00 38.43  ? 10  G   A C5     1 
ATOM   313 C  C6     . G   A 1 10 ? 6.319  0.245   0.948  1.00 36.98  ? 10  G   A C6     1 
ATOM   314 O  O6     . G   A 1 10 ? 5.104  0.072   0.989  1.00 37.65  ? 10  G   A O6     1 
ATOM   315 N  N1     . G   A 1 10 ? 6.864  1.049   -0.051 1.00 35.53  ? 10  G   A N1     1 
ATOM   316 C  C2     . G   A 1 10 ? 8.208  1.317   -0.182 1.00 37.32  ? 10  G   A C2     1 
ATOM   317 N  N2     . G   A 1 10 ? 8.546  2.117   -1.195 1.00 39.80  ? 10  G   A N2     1 
ATOM   318 N  N3     . G   A 1 10 ? 9.145  0.820   0.611  1.00 40.45  ? 10  G   A N3     1 
ATOM   319 C  C4     . G   A 1 10 ? 8.621  0.034   1.580  1.00 36.91  ? 10  G   A C4     1 
ATOM   320 H  "H5'"  . G   A 1 10 ? 11.678 -2.877  5.680  1.00 67.54  ? 10  G   A "H5'"  1 
ATOM   321 H  "H5''" . G   A 1 10 ? 12.023 -1.689  6.665  1.00 67.54  ? 10  G   A "H5''" 1 
ATOM   322 H  "H4'"  . G   A 1 10 ? 12.780 -1.045  4.627  1.00 65.39  ? 10  G   A "H4'"  1 
ATOM   323 H  "H3'"  . G   A 1 10 ? 10.364 0.319   5.113  1.00 70.39  ? 10  G   A "H3'"  1 
ATOM   324 H  "H2'"  . G   A 1 10 ? 10.656 1.460   3.138  1.00 68.47  ? 10  G   A "H2'"  1 
ATOM   325 H  "HO2'" . G   A 1 10 ? 12.884 0.328   2.471  1.00 68.55  ? 10  G   A "HO2'" 1 
ATOM   326 H  "H1'"  . G   A 1 10 ? 11.220 -0.672  1.806  1.00 65.81  ? 10  G   A "H1'"  1 
ATOM   327 H  H8     . G   A 1 10 ? 8.653  -1.836  4.046  1.00 44.99  ? 10  G   A H8     1 
ATOM   328 H  H1     . G   A 1 10 ? 6.324  1.421   -0.607 1.00 42.64  ? 10  G   A H1     1 
ATOM   329 H  H21    . G   A 1 10 ? 7.938  2.440   -1.709 1.00 47.76  ? 10  G   A H21    1 
ATOM   330 H  H22    . G   A 1 10 ? 9.373  2.308   -1.333 1.00 47.76  ? 10  G   A H22    1 
ATOM   331 P  P      . A   A 1 11 ? 11.552 2.708   5.876  1.00 59.48  ? 11  A   A P      1 
ATOM   332 O  OP1    . A   A 1 11 ? 12.429 3.239   6.947  1.00 83.85  ? 11  A   A OP1    1 
ATOM   333 O  OP2    . A   A 1 11 ? 10.081 2.795   6.023  1.00 45.80  ? 11  A   A OP2    1 
ATOM   334 O  "O5'"  . A   A 1 11 ? 11.915 3.473   4.527  1.00 74.52  ? 11  A   A "O5'"  1 
ATOM   335 C  "C5'"  . A   A 1 11 ? 13.191 4.075   4.357  1.00 64.89  ? 11  A   A "C5'"  1 
ATOM   336 C  "C4'"  . A   A 1 11 ? 13.223 5.058   3.210  1.00 61.22  ? 11  A   A "C4'"  1 
ATOM   337 O  "O4'"  . A   A 1 11 ? 14.248 4.638   2.283  1.00 78.69  ? 11  A   A "O4'"  1 
ATOM   338 C  "C3'"  . A   A 1 11 ? 11.944 5.177   2.394  1.00 71.95  ? 11  A   A "C3'"  1 
ATOM   339 O  "O3'"  . A   A 1 11 ? 11.832 6.497   1.855  1.00 60.76  ? 11  A   A "O3'"  1 
ATOM   340 C  "C2'"  . A   A 1 11 ? 12.163 4.155   1.284  1.00 78.49  ? 11  A   A "C2'"  1 
ATOM   341 O  "O2'"  . A   A 1 11 ? 11.433 4.393   0.100  1.00 103.02 ? 11  A   A "O2'"  1 
ATOM   342 C  "C1'"  . A   A 1 11 ? 13.669 4.259   1.047  1.00 84.74  ? 11  A   A "C1'"  1 
ATOM   343 N  N9     . A   A 1 11 ? 14.285 2.987   0.663  1.00 97.82  ? 11  A   A N9     1 
ATOM   344 C  C8     . A   A 1 11 ? 13.674 1.774   0.455  1.00 97.03  ? 11  A   A C8     1 
ATOM   345 N  N7     . A   A 1 11 ? 14.504 0.814   0.136  1.00 121.21 ? 11  A   A N7     1 
ATOM   346 C  C5     . A   A 1 11 ? 15.746 1.432   0.140  1.00 109.29 ? 11  A   A C5     1 
ATOM   347 C  C6     . A   A 1 11 ? 17.039 0.956   -0.136 1.00 118.45 ? 11  A   A C6     1 
ATOM   348 N  N6     . A   A 1 11 ? 17.314 -0.308  -0.469 1.00 130.81 ? 11  A   A N6     1 
ATOM   349 N  N1     . A   A 1 11 ? 18.056 1.838   -0.054 1.00 125.69 ? 11  A   A N1     1 
ATOM   350 C  C2     . A   A 1 11 ? 17.783 3.107   0.279  1.00 120.10 ? 11  A   A C2     1 
ATOM   351 N  N3     . A   A 1 11 ? 16.611 3.674   0.552  1.00 108.18 ? 11  A   A N3     1 
ATOM   352 C  C4     . A   A 1 11 ? 15.623 2.771   0.459  1.00 103.78 ? 11  A   A C4     1 
ATOM   353 H  "H5'"  . A   A 1 11 ? 13.845 3.378   4.191  1.00 77.87  ? 11  A   A "H5'"  1 
ATOM   354 H  "H5''" . A   A 1 11 ? 13.428 4.539   5.174  1.00 77.87  ? 11  A   A "H5''" 1 
ATOM   355 H  "H4'"  . A   A 1 11 ? 13.454 5.934   3.556  1.00 73.46  ? 11  A   A "H4'"  1 
ATOM   356 H  "H3'"  . A   A 1 11 ? 11.167 4.948   2.929  1.00 86.33  ? 11  A   A "H3'"  1 
ATOM   357 H  "H2'"  . A   A 1 11 ? 11.952 3.270   1.618  1.00 94.19  ? 11  A   A "H2'"  1 
ATOM   358 H  "HO2'" . A   A 1 11 ? 11.972 4.550   -0.526 1.00 123.63 ? 11  A   A "HO2'" 1 
ATOM   359 H  "H1'"  . A   A 1 11 ? 13.854 4.933   0.375  1.00 101.69 ? 11  A   A "H1'"  1 
ATOM   360 H  H8     . A   A 1 11 ? 12.757 1.646   0.539  1.00 116.44 ? 11  A   A H8     1 
ATOM   361 H  H61    . A   A 1 11 ? 18.126 -0.545  -0.626 1.00 156.97 ? 11  A   A H61    1 
ATOM   362 H  H62    . A   A 1 11 ? 16.679 -0.885  -0.527 1.00 156.97 ? 11  A   A H62    1 
ATOM   363 H  H2     . A   A 1 11 ? 18.519 3.674   0.324  1.00 144.12 ? 11  A   A H2     1 
ATOM   364 P  P      . C   A 1 12 ? 10.758 7.532   2.465  1.00 61.74  ? 12  C   A P      1 
ATOM   365 O  OP1    . C   A 1 12 ? 11.124 8.879   1.965  1.00 74.46  ? 12  C   A OP1    1 
ATOM   366 O  OP2    . C   A 1 12 ? 10.559 7.310   3.920  1.00 49.90  ? 12  C   A OP2    1 
ATOM   367 O  "O5'"  . C   A 1 12 ? 9.392  7.103   1.767  1.00 54.45  ? 12  C   A "O5'"  1 
ATOM   368 C  "C5'"  . C   A 1 12 ? 9.188  7.316   0.377  1.00 48.68  ? 12  C   A "C5'"  1 
ATOM   369 C  "C4'"  . C   A 1 12 ? 7.827  6.829   -0.050 1.00 43.23  ? 12  C   A "C4'"  1 
ATOM   370 O  "O4'"  . C   A 1 12 ? 7.835  5.380   -0.128 1.00 44.84  ? 12  C   A "O4'"  1 
ATOM   371 C  "C3'"  . C   A 1 12 ? 6.683  7.139   0.903  1.00 42.09  ? 12  C   A "C3'"  1 
ATOM   372 O  "O3'"  . C   A 1 12 ? 6.186  8.459   0.773  1.00 48.05  ? 12  C   A "O3'"  1 
ATOM   373 C  "C2'"  . C   A 1 12 ? 5.677  6.051   0.555  1.00 39.97  ? 12  C   A "C2'"  1 
ATOM   374 O  "O2'"  . C   A 1 12 ? 5.054  6.327   -0.693 1.00 44.07  ? 12  C   A "O2'"  1 
ATOM   375 C  "C1'"  . C   A 1 12 ? 6.609  4.867   0.353  1.00 43.65  ? 12  C   A "C1'"  1 
ATOM   376 N  N1     . C   A 1 12 ? 6.869  4.129   1.609  1.00 42.80  ? 12  C   A N1     1 
ATOM   377 C  C2     . C   A 1 12 ? 5.845  3.350   2.146  1.00 38.56  ? 12  C   A C2     1 
ATOM   378 O  O2     . C   A 1 12 ? 4.747  3.334   1.585  1.00 37.87  ? 12  C   A O2     1 
ATOM   379 N  N3     . C   A 1 12 ? 6.067  2.651   3.273  1.00 35.05  ? 12  C   A N3     1 
ATOM   380 C  C4     . C   A 1 12 ? 7.259  2.709   3.852  1.00 40.07  ? 12  C   A C4     1 
ATOM   381 N  N4     . C   A 1 12 ? 7.418  2.010   4.966  1.00 42.66  ? 12  C   A N4     1 
ATOM   382 C  C5     . C   A 1 12 ? 8.329  3.488   3.333  1.00 50.53  ? 12  C   A C5     1 
ATOM   383 C  C6     . C   A 1 12 ? 8.095  4.167   2.210  1.00 45.57  ? 12  C   A C6     1 
ATOM   384 H  "H5'"  . C   A 1 12 ? 9.869  6.838   -0.122 1.00 58.41  ? 12  C   A "H5'"  1 
ATOM   385 H  "H5''" . C   A 1 12 ? 9.261  8.266   0.187  1.00 58.41  ? 12  C   A "H5''" 1 
ATOM   386 H  "H4'"  . C   A 1 12 ? 7.619  7.193   -0.925 1.00 51.88  ? 12  C   A "H4'"  1 
ATOM   387 H  "H3'"  . C   A 1 12 ? 6.988  7.005   1.815  1.00 50.51  ? 12  C   A "H3'"  1 
ATOM   388 H  "H2'"  . C   A 1 12 ? 5.037  5.898   1.267  1.00 47.96  ? 12  C   A "H2'"  1 
ATOM   389 H  "HO2'" . C   A 1 12 ? 4.534  6.980   -0.603 1.00 52.88  ? 12  C   A "HO2'" 1 
ATOM   390 H  "H1'"  . C   A 1 12 ? 6.229  4.264   -0.305 1.00 52.38  ? 12  C   A "H1'"  1 
ATOM   391 H  H41    . C   A 1 12 ? 8.174  2.019   5.375  1.00 51.19  ? 12  C   A H41    1 
ATOM   392 H  H42    . C   A 1 12 ? 6.765  1.548   5.279  1.00 51.19  ? 12  C   A H42    1 
ATOM   393 H  H5     . C   A 1 12 ? 9.160  3.511   3.750  1.00 60.64  ? 12  C   A H5     1 
ATOM   394 H  H6     . C   A 1 12 ? 8.773  4.683   1.836  1.00 54.68  ? 12  C   A H6     1 
ATOM   395 P  P      . C   A 1 13 ? 5.570  9.233   2.045  1.00 48.99  ? 13  C   A P      1 
ATOM   396 O  OP1    . C   A 1 13 ? 5.262  10.598  1.567  1.00 48.54  ? 13  C   A OP1    1 
ATOM   397 O  OP2    . C   A 1 13 ? 6.405  9.024   3.257  1.00 54.92  ? 13  C   A OP2    1 
ATOM   398 O  "O5'"  . C   A 1 13 ? 4.205  8.482   2.336  1.00 44.44  ? 13  C   A "O5'"  1 
ATOM   399 C  "C5'"  . C   A 1 13 ? 3.147  8.521   1.405  1.00 39.74  ? 13  C   A "C5'"  1 
ATOM   400 C  "C4'"  . C   A 1 13 ? 2.045  7.591   1.806  1.00 35.28  ? 13  C   A "C4'"  1 
ATOM   401 O  "O4'"  . C   A 1 13 ? 2.569  6.248   1.984  1.00 33.06  ? 13  C   A "O4'"  1 
ATOM   402 C  "C3'"  . C   A 1 13 ? 1.371  7.890   3.137  1.00 33.17  ? 13  C   A "C3'"  1 
ATOM   403 O  "O3'"  . C   A 1 13 ? 0.437  8.945   3.060  1.00 43.33  ? 13  C   A "O3'"  1 
ATOM   404 C  "C2'"  . C   A 1 13 ? 0.752  6.550   3.477  1.00 31.52  ? 13  C   A "C2'"  1 
ATOM   405 O  "O2'"  . C   A 1 13 ? -0.397 6.319   2.669  1.00 34.87  ? 13  C   A "O2'"  1 
ATOM   406 C  "C1'"  . C   A 1 13 ? 1.854  5.597   3.017  1.00 33.20  ? 13  C   A "C1'"  1 
ATOM   407 N  N1     . C   A 1 13 ? 2.802  5.231   4.094  1.00 29.16  ? 13  C   A N1     1 
ATOM   408 C  C2     . C   A 1 13 ? 2.375  4.319   5.069  1.00 29.19  ? 13  C   A C2     1 
ATOM   409 O  O2     . C   A 1 13 ? 1.219  3.869   5.009  1.00 32.84  ? 13  C   A O2     1 
ATOM   410 N  N3     . C   A 1 13 ? 3.234  3.938   6.045  1.00 34.36  ? 13  C   A N3     1 
ATOM   411 C  C4     . C   A 1 13 ? 4.469  4.412   6.080  1.00 31.70  ? 13  C   A C4     1 
ATOM   412 N  N4     . C   A 1 13 ? 5.265  3.995   7.060  1.00 32.57  ? 13  C   A N4     1 
ATOM   413 C  C5     . C   A 1 13 ? 4.939  5.340   5.098  1.00 36.70  ? 13  C   A C5     1 
ATOM   414 C  C6     . C   A 1 13 ? 4.072  5.716   4.145  1.00 31.95  ? 13  C   A C6     1 
ATOM   415 H  "H5'"  . C   A 1 13 ? 3.481  8.261   0.531  1.00 47.69  ? 13  C   A "H5'"  1 
ATOM   416 H  "H5''" . C   A 1 13 ? 2.799  9.426   1.355  1.00 47.69  ? 13  C   A "H5''" 1 
ATOM   417 H  "H4'"  . C   A 1 13 ? 1.372  7.578   1.108  1.00 42.34  ? 13  C   A "H4'"  1 
ATOM   418 H  "H3'"  . C   A 1 13 ? 2.048  8.106   3.798  1.00 39.80  ? 13  C   A "H3'"  1 
ATOM   419 H  "H2'"  . C   A 1 13 ? 0.564  6.461   4.424  1.00 37.83  ? 13  C   A "H2'"  1 
ATOM   420 H  "HO2'" . C   A 1 13 ? -0.224 5.712   2.115  1.00 41.85  ? 13  C   A "HO2'" 1 
ATOM   421 H  "H1'"  . C   A 1 13 ? 1.448  4.790   2.663  1.00 39.83  ? 13  C   A "H1'"  1 
ATOM   422 H  H41    . C   A 1 13 ? 6.074  4.285   7.110  1.00 39.08  ? 13  C   A H41    1 
ATOM   423 H  H42    . C   A 1 13 ? 4.971  3.437   7.644  1.00 39.08  ? 13  C   A H42    1 
ATOM   424 H  H5     . C   A 1 13 ? 5.803  5.680   5.129  1.00 44.04  ? 13  C   A H5     1 
ATOM   425 H  H6     . C   A 1 13 ? 4.356  6.310   3.487  1.00 38.34  ? 13  C   A H6     1 
ATOM   426 P  P      . C   A 1 14 ? 0.218  9.920   4.320  1.00 41.96  ? 14  C   A P      1 
ATOM   427 O  OP1    . C   A 1 14 ? -0.479 11.086  3.746  1.00 40.15  ? 14  C   A OP1    1 
ATOM   428 O  OP2    . C   A 1 14 ? 1.489  10.144  5.056  1.00 41.06  ? 14  C   A OP2    1 
ATOM   429 O  "O5'"  . C   A 1 14 ? -0.727 9.090   5.291  1.00 36.74  ? 14  C   A "O5'"  1 
ATOM   430 C  "C5'"  . C   A 1 14 ? -1.931 8.502   4.811  1.00 32.17  ? 14  C   A "C5'"  1 
ATOM   431 C  "C4'"  . C   A 1 14 ? -2.549 7.528   5.787  1.00 35.66  ? 14  C   A "C4'"  1 
ATOM   432 O  "O4'"  . C   A 1 14 ? -1.743 6.324   5.893  1.00 37.00  ? 14  C   A "O4'"  1 
ATOM   433 C  "C3'"  . C   A 1 14 ? -2.672 8.003   7.227  1.00 37.36  ? 14  C   A "C3'"  1 
ATOM   434 O  "O3'"  . C   A 1 14 ? -3.753 8.881   7.421  1.00 38.90  ? 14  C   A "O3'"  1 
ATOM   435 C  "C2'"  . C   A 1 14 ? -2.798 6.689   7.989  1.00 35.35  ? 14  C   A "C2'"  1 
ATOM   436 O  "O2'"  . C   A 1 14 ? -4.085 6.125   7.818  1.00 38.71  ? 14  C   A "O2'"  1 
ATOM   437 C  "C1'"  . C   A 1 14 ? -1.820 5.822   7.222  1.00 40.14  ? 14  C   A "C1'"  1 
ATOM   438 N  N1     . C   A 1 14 ? -0.477 5.854   7.802  1.00 29.65  ? 14  C   A N1     1 
ATOM   439 C  C2     . C   A 1 14 ? -0.207 5.026   8.902  1.00 29.82  ? 14  C   A C2     1 
ATOM   440 O  O2     . C   A 1 14 ? -1.137 4.350   9.373  1.00 33.43  ? 14  C   A O2     1 
ATOM   441 N  N3     . C   A 1 14 ? 1.037  5.011   9.390  1.00 30.07  ? 14  C   A N3     1 
ATOM   442 C  C4     . C   A 1 14 ? 1.968  5.764   8.822  1.00 31.56  ? 14  C   A C4     1 
ATOM   443 N  N4     . C   A 1 14 ? 3.194  5.731   9.334  1.00 31.56  ? 14  C   A N4     1 
ATOM   444 C  C5     . C   A 1 14 ? 1.723  6.619   7.692  1.00 34.00  ? 14  C   A C5     1 
ATOM   445 C  C6     . C   A 1 14 ? 0.483  6.621   7.212  1.00 32.95  ? 14  C   A C6     1 
ATOM   446 H  "H5'"  . C   A 1 14 ? -1.741 8.033   3.983  1.00 38.60  ? 14  C   A "H5'"  1 
ATOM   447 H  "H5''" . C   A 1 14 ? -2.572 9.208   4.629  1.00 38.60  ? 14  C   A "H5''" 1 
ATOM   448 H  "H4'"  . C   A 1 14 ? -3.431 7.285   5.464  1.00 42.79  ? 14  C   A "H4'"  1 
ATOM   449 H  "H3'"  . C   A 1 14 ? -1.849 8.446   7.488  1.00 44.84  ? 14  C   A "H3'"  1 
ATOM   450 H  "H2'"  . C   A 1 14 ? -2.553 6.780   8.923  1.00 42.42  ? 14  C   A "H2'"  1 
ATOM   451 H  "HO2'" . C   A 1 14 ? -4.646 6.589   8.237  1.00 46.45  ? 14  C   A "HO2'" 1 
ATOM   452 H  "H1'"  . C   A 1 14 ? -2.143 4.908   7.203  1.00 48.17  ? 14  C   A "H1'"  1 
ATOM   453 H  H41    . C   A 1 14 ? 3.819  6.210   8.988  1.00 37.88  ? 14  C   A H41    1 
ATOM   454 H  H42    . C   A 1 14 ? 3.363  5.232   10.014 1.00 37.88  ? 14  C   A H42    1 
ATOM   455 H  H5     . C   A 1 14 ? 2.397  7.134   7.311  1.00 40.80  ? 14  C   A H5     1 
ATOM   456 H  H6     . C   A 1 14 ? 0.273  7.140   6.471  1.00 39.54  ? 14  C   A H6     1 
ATOM   457 P  P      . C   A 1 15 ? -3.629 10.031  8.523  1.00 38.36  ? 15  C   A P      1 
ATOM   458 O  OP1    . C   A 1 15 ? -4.892 10.772  8.356  1.00 36.31  ? 15  C   A OP1    1 
ATOM   459 O  OP2    . C   A 1 15 ? -2.319 10.728  8.523  1.00 38.94  ? 15  C   A OP2    1 
ATOM   460 O  "O5'"  . C   A 1 15 ? -3.650 9.208   9.897  1.00 31.69  ? 15  C   A "O5'"  1 
ATOM   461 C  "C5'"  . C   A 1 15 ? -4.832 8.539   10.286 1.00 27.27  ? 15  C   A "C5'"  1 
ATOM   462 C  "C4'"  . C   A 1 15 ? -4.641 7.784   11.573 1.00 23.59  ? 15  C   A "C4'"  1 
ATOM   463 O  "O4'"  . C   A 1 15 ? -3.631 6.761   11.393 1.00 26.73  ? 15  C   A "O4'"  1 
ATOM   464 C  "C3'"  . C   A 1 15 ? -4.134 8.583   12.769 1.00 28.02  ? 15  C   A "C3'"  1 
ATOM   465 O  "O3'"  . C   A 1 15 ? -5.147 9.375   13.385 1.00 30.57  ? 15  C   A "O3'"  1 
ATOM   466 C  "C2'"  . C   A 1 15 ? -3.608 7.473   13.654 1.00 26.94  ? 15  C   A "C2'"  1 
ATOM   467 O  "O2'"  . C   A 1 15 ? -4.680 6.763   14.231 1.00 30.63  ? 15  C   A "O2'"  1 
ATOM   468 C  "C1'"  . C   A 1 15 ? -2.962 6.554   12.622 1.00 25.16  ? 15  C   A "C1'"  1 
ATOM   469 N  N1     . C   A 1 15 ? -1.538 6.860   12.431 1.00 23.91  ? 15  C   A N1     1 
ATOM   470 C  C2     . C   A 1 15 ? -0.662 6.390   13.399 1.00 25.07  ? 15  C   A C2     1 
ATOM   471 O  O2     . C   A 1 15 ? -1.147 5.751   14.341 1.00 29.46  ? 15  C   A O2     1 
ATOM   472 N  N3     . C   A 1 15 ? 0.652  6.641   13.276 1.00 28.55  ? 15  C   A N3     1 
ATOM   473 C  C4     . C   A 1 15 ? 1.083  7.346   12.239 1.00 27.46  ? 15  C   A C4     1 
ATOM   474 N  N4     . C   A 1 15 ? 2.397  7.600   12.144 1.00 32.27  ? 15  C   A N4     1 
ATOM   475 C  C5     . C   A 1 15 ? 0.202  7.878   11.254 1.00 32.23  ? 15  C   A C5     1 
ATOM   476 C  C6     . C   A 1 15 ? -1.098 7.607   11.386 1.00 28.14  ? 15  C   A C6     1 
ATOM   477 H  "H5'"  . C   A 1 15 ? -5.087 7.916   9.589  1.00 32.72  ? 15  C   A "H5'"  1 
ATOM   478 H  "H5''" . C   A 1 15 ? -5.540 9.191   10.403 1.00 32.72  ? 15  C   A "H5''" 1 
ATOM   479 H  "H4'"  . C   A 1 15 ? -5.479 7.358   11.814 1.00 28.31  ? 15  C   A "H4'"  1 
ATOM   480 H  "H3'"  . C   A 1 15 ? -3.400 9.151   12.491 1.00 33.62  ? 15  C   A "H3'"  1 
ATOM   481 H  "H2'"  . C   A 1 15 ? -2.971 7.794   14.313 1.00 32.33  ? 15  C   A "H2'"  1 
ATOM   482 H  "HO2'" . C   A 1 15 ? -5.053 7.251   14.805 1.00 36.76  ? 15  C   A "HO2'" 1 
ATOM   483 H  "H1'"  . C   A 1 15 ? -3.064 5.630   12.898 1.00 30.19  ? 15  C   A "H1'"  1 
ATOM   484 H  H41    . C   A 1 15 ? 2.700  8.053   11.480 1.00 38.72  ? 15  C   A H41    1 
ATOM   485 H  H42    . C   A 1 15 ? 2.936  7.308   12.747 1.00 38.72  ? 15  C   A H42    1 
ATOM   486 H  H5     . C   A 1 15 ? 0.524  8.360   10.528 1.00 38.67  ? 15  C   A H5     1 
ATOM   487 H  H6     . C   A 1 15 ? -1.703 7.914   10.750 1.00 33.77  ? 15  C   A H6     1 
ATOM   488 P  P      . A   A 1 16 ? -4.807 10.815  14.036 1.00 31.87  ? 16  A   A P      1 
ATOM   489 O  OP1    . A   A 1 16 ? -6.098 11.478  14.336 1.00 31.63  ? 16  A   A OP1    1 
ATOM   490 O  OP2    . A   A 1 16 ? -3.787 11.560  13.239 1.00 31.55  ? 16  A   A OP2    1 
ATOM   491 O  "O5'"  . A   A 1 16 ? -4.032 10.439  15.374 1.00 28.42  ? 16  A   A "O5'"  1 
ATOM   492 C  "C5'"  . A   A 1 16 ? -4.703 9.687   16.367 1.00 28.71  ? 16  A   A "C5'"  1 
ATOM   493 C  "C4'"  . A   A 1 16 ? -3.756 9.205   17.430 1.00 28.13  ? 16  A   A "C4'"  1 
ATOM   494 O  "O4'"  . A   A 1 16 ? -2.761 8.317   16.856 1.00 26.77  ? 16  A   A "O4'"  1 
ATOM   495 C  "C3'"  . A   A 1 16 ? -2.926 10.279  18.105 1.00 25.71  ? 16  A   A "C3'"  1 
ATOM   496 O  "O3'"  . A   A 1 16 ? -3.673 10.964  19.121 1.00 29.00  ? 16  A   A "O3'"  1 
ATOM   497 C  "C2'"  . A   A 1 16 ? -1.772 9.470   18.660 1.00 22.43  ? 16  A   A "C2'"  1 
ATOM   498 O  "O2'"  . A   A 1 16 ? -2.206 8.718   19.770 1.00 27.57  ? 16  A   A "O2'"  1 
ATOM   499 C  "C1'"  . A   A 1 16 ? -1.534 8.486   17.527 1.00 26.54  ? 16  A   A "C1'"  1 
ATOM   500 N  N9     . A   A 1 16 ? -0.535 8.956   16.571 1.00 26.48  ? 16  A   A N9     1 
ATOM   501 C  C8     . A   A 1 16 ? -0.720 9.468   15.305 1.00 29.21  ? 16  A   A C8     1 
ATOM   502 N  N7     . A   A 1 16 ? 0.394  9.778   14.705 1.00 31.63  ? 16  A   A N7     1 
ATOM   503 C  C5     . A   A 1 16 ? 1.364  9.428   15.646 1.00 26.90  ? 16  A   A C5     1 
ATOM   504 C  C6     . A   A 1 16 ? 2.754  9.493   15.619 1.00 29.16  ? 16  A   A C6     1 
ATOM   505 N  N6     . A   A 1 16 ? 3.454  9.955   14.586 1.00 30.59  ? 16  A   A N6     1 
ATOM   506 N  N1     . A   A 1 16 ? 3.409  9.079   16.714 1.00 24.29  ? 16  A   A N1     1 
ATOM   507 C  C2     . A   A 1 16 ? 2.729  8.610   17.767 1.00 26.01  ? 16  A   A C2     1 
ATOM   508 N  N3     . A   A 1 16 ? 1.404  8.497   17.907 1.00 24.65  ? 16  A   A N3     1 
ATOM   509 C  C4     . A   A 1 16 ? 0.798  8.918   16.794 1.00 28.95  ? 16  A   A C4     1 
ATOM   510 H  "H5'"  . A   A 1 16 ? -5.128 8.921   15.951 1.00 34.46  ? 16  A   A "H5'"  1 
ATOM   511 H  "H5''" . A   A 1 16 ? -5.384 10.242  16.779 1.00 34.46  ? 16  A   A "H5''" 1 
ATOM   512 H  "H4'"  . A   A 1 16 ? -4.258 8.722   18.106 1.00 33.76  ? 16  A   A "H4'"  1 
ATOM   513 H  "H3'"  . A   A 1 16 ? -2.602 10.912  17.445 1.00 30.85  ? 16  A   A "H3'"  1 
ATOM   514 H  "H2'"  . A   A 1 16 ? -0.991 10.014  18.852 1.00 26.91  ? 16  A   A "H2'"  1 
ATOM   515 H  "HO2'" . A   A 1 16 ? -2.345 9.237   20.416 1.00 33.08  ? 16  A   A "HO2'" 1 
ATOM   516 H  "H1'"  . A   A 1 16 ? -1.250 7.634   17.896 1.00 31.84  ? 16  A   A "H1'"  1 
ATOM   517 H  H8     . A   A 1 16 ? -1.558 9.586   14.919 1.00 35.05  ? 16  A   A H8     1 
ATOM   518 H  H61    . A   A 1 16 ? 4.313  9.986   14.627 1.00 36.71  ? 16  A   A H61    1 
ATOM   519 H  H62    . A   A 1 16 ? 3.049  10.224  13.877 1.00 36.71  ? 16  A   A H62    1 
ATOM   520 H  H2     . A   A 1 16 ? 3.240  8.331   18.493 1.00 31.21  ? 16  A   A H2     1 
HETATM 521 O  O3P    . CBV A 1 17 ? -3.998 11.182  19.255 1.00 61.29  ? 17  CBV A O3P    1 
HETATM 522 P  P      . CBV A 1 17 ? -3.324 12.478  19.600 1.00 30.58  ? 17  CBV A P      1 
HETATM 523 O  O1P    . CBV A 1 17 ? -2.962 13.285  18.367 1.00 30.53  ? 17  CBV A O1P    1 
HETATM 524 O  O2P    . CBV A 1 17 ? -4.401 12.957  20.546 1.00 26.38  ? 17  CBV A O2P    1 
HETATM 525 O  "O5'"  . CBV A 1 17 ? -1.966 12.272  20.423 1.00 25.66  ? 17  CBV A "O5'"  1 
HETATM 526 C  "C5'"  . CBV A 1 17 ? -2.020 11.823  21.763 1.00 25.72  ? 17  CBV A "C5'"  1 
HETATM 527 C  "C4'"  . CBV A 1 17 ? -0.651 11.605  22.333 1.00 28.05  ? 17  CBV A "C4'"  1 
HETATM 528 O  "O4'"  . CBV A 1 17 ? 0.118  10.729  21.473 1.00 29.08  ? 17  CBV A "O4'"  1 
HETATM 529 C  "C3'"  . CBV A 1 17 ? 0.236  12.832  22.440 1.00 25.92  ? 17  CBV A "C3'"  1 
HETATM 530 O  "O3'"  . CBV A 1 17 ? -0.119 13.637  23.526 1.00 28.15  ? 17  CBV A "O3'"  1 
HETATM 531 C  "C2'"  . CBV A 1 17 ? 1.607  12.186  22.593 1.00 25.23  ? 17  CBV A "C2'"  1 
HETATM 532 O  "O2'"  . CBV A 1 17 ? 1.757  11.630  23.887 1.00 30.40  ? 17  CBV A "O2'"  1 
HETATM 533 C  "C1'"  . CBV A 1 17 ? 1.491  11.047  21.601 1.00 25.69  ? 17  CBV A "C1'"  1 
HETATM 534 N  N1     . CBV A 1 17 ? 1.966  11.480  20.287 1.00 25.99  ? 17  CBV A N1     1 
HETATM 535 C  C2     . CBV A 1 17 ? 3.410  11.582  20.062 1.00 27.40  ? 17  CBV A C2     1 
HETATM 536 O  O2     . CBV A 1 17 ? 4.167  11.294  20.925 1.00 30.71  ? 17  CBV A O2     1 
HETATM 537 N  N3     . CBV A 1 17 ? 3.853  12.011  18.751 1.00 25.44  ? 17  CBV A N3     1 
HETATM 538 C  C4     . CBV A 1 17 ? 2.912  12.324  17.724 1.00 28.39  ? 17  CBV A C4     1 
HETATM 539 N  N4     . CBV A 1 17 ? 3.332  12.754  16.443 1.00 28.84  ? 17  CBV A N4     1 
HETATM 540 C  C5     . CBV A 1 17 ? 1.480  12.241  17.976 1.00 33.79  ? 17  CBV A C5     1 
HETATM 541 C  C6     . CBV A 1 17 ? 1.024  11.839  19.282 1.00 24.27  ? 17  CBV A C6     1 
HETATM 542 BR BR     . CBV A 1 17 ? 0.191  12.699  16.627 1.00 74.91  ? 17  CBV A BR     1 
HETATM 543 H  "H5'1" . CBV A 1 17 ? -2.485 12.484  22.300 1.00 30.86  ? 17  CBV A "H5'1" 1 
HETATM 544 H  "H5'2" . CBV A 1 17 ? -2.512 10.987  21.796 1.00 30.86  ? 17  CBV A "H5'2" 1 
HETATM 545 H  "H4'"  . CBV A 1 17 ? -0.730 11.197  23.210 1.00 33.66  ? 17  CBV A "H4'"  1 
HETATM 546 H  "H3'"  . CBV A 1 17 ? 0.199  13.341  21.615 1.00 31.10  ? 17  CBV A "H3'"  1 
HETATM 547 H  "HO3'" . CBV A 1 17 ? 0.090  14.444  23.361 1.00 33.78  ? 17  CBV A "HO3'" 1 
HETATM 548 H  "H2'"  . CBV A 1 17 ? 2.325  12.797  22.363 1.00 30.28  ? 17  CBV A "H2'"  1 
HETATM 549 H  "HO2'" . CBV A 1 17 ? 2.289  10.968  23.851 1.00 36.48  ? 17  CBV A "HO2'" 1 
HETATM 550 H  "H1'"  . CBV A 1 17 ? 1.989  10.274  21.911 1.00 30.83  ? 17  CBV A "H1'"  1 
HETATM 551 H  HN41   . CBV A 1 17 ? 4.171  12.820  16.266 1.00 34.61  ? 17  CBV A HN41   1 
HETATM 552 H  HN42   . CBV A 1 17 ? 2.750  12.955  15.843 1.00 34.61  ? 17  CBV A HN42   1 
HETATM 553 H  H6     . CBV A 1 17 ? 0.113  11.761  19.453 1.00 29.12  ? 17  CBV A H6     1 
ATOM   554 P  P      . C   A 1 18 ? 0.102  15.226  23.460 1.00 33.16  ? 18  C   A P      1 
ATOM   555 O  OP1    . C   A 1 18 ? -0.520 15.702  24.717 1.00 30.16  ? 18  C   A OP1    1 
ATOM   556 O  OP2    . C   A 1 18 ? -0.297 15.778  22.138 1.00 35.73  ? 18  C   A OP2    1 
ATOM   557 O  "O5'"  . C   A 1 18 ? 1.686  15.372  23.570 1.00 31.37  ? 18  C   A "O5'"  1 
ATOM   558 C  "C5'"  . C   A 1 18 ? 2.359  14.880  24.713 1.00 33.62  ? 18  C   A "C5'"  1 
ATOM   559 C  "C4'"  . C   A 1 18 ? 3.854  14.952  24.542 1.00 32.73  ? 18  C   A "C4'"  1 
ATOM   560 O  "O4'"  . C   A 1 18 ? 4.275  14.102  23.452 1.00 34.24  ? 18  C   A "O4'"  1 
ATOM   561 C  "C3'"  . C   A 1 18 ? 4.419  16.309  24.169 1.00 39.48  ? 18  C   A "C3'"  1 
ATOM   562 O  "O3'"  . C   A 1 18 ? 4.502  17.185  25.274 1.00 40.85  ? 18  C   A "O3'"  1 
ATOM   563 C  "C2'"  . C   A 1 18 ? 5.770  15.933  23.574 1.00 37.03  ? 18  C   A "C2'"  1 
ATOM   564 O  "O2'"  . C   A 1 18 ? 6.702  15.586  24.582 1.00 38.52  ? 18  C   A "O2'"  1 
ATOM   565 C  "C1'"  . C   A 1 18 ? 5.414  14.659  22.827 1.00 29.52  ? 18  C   A "C1'"  1 
ATOM   566 N  N1     . C   A 1 18 ? 5.096  14.930  21.417 1.00 32.51  ? 18  C   A N1     1 
ATOM   567 C  C2     . C   A 1 18 ? 6.168  15.122  20.553 1.00 35.68  ? 18  C   A C2     1 
ATOM   568 O  O2     . C   A 1 18 ? 7.308  15.073  21.016 1.00 32.36  ? 18  C   A O2     1 
ATOM   569 N  N3     . C   A 1 18 ? 5.925  15.354  19.252 1.00 32.92  ? 18  C   A N3     1 
ATOM   570 C  C4     . C   A 1 18 ? 4.681  15.422  18.805 1.00 30.84  ? 18  C   A C4     1 
ATOM   571 N  N4     . C   A 1 18 ? 4.509  15.674  17.509 1.00 34.07  ? 18  C   A N4     1 
ATOM   572 C  C5     . C   A 1 18 ? 3.564  15.245  19.663 1.00 33.01  ? 18  C   A C5     1 
ATOM   573 C  C6     . C   A 1 18 ? 3.813  15.005  20.965 1.00 32.88  ? 18  C   A C6     1 
ATOM   574 H  "H5'"  . C   A 1 18 ? 2.100  13.957  24.860 1.00 40.35  ? 18  C   A "H5'"  1 
ATOM   575 H  "H5''" . C   A 1 18 ? 2.102  15.409  25.485 1.00 40.35  ? 18  C   A "H5''" 1 
ATOM   576 H  "H4'"  . C   A 1 18 ? 4.279  14.648  25.359 1.00 39.28  ? 18  C   A "H4'"  1 
ATOM   577 H  "H3'"  . C   A 1 18 ? 3.865  16.709  23.481 1.00 47.37  ? 18  C   A "H3'"  1 
ATOM   578 H  "HO3'" . C   A 1 18 ? 4.084  17.912  25.265 1.00 49.02  ? 18  C   A "HO3'" 1 
ATOM   579 H  "H2'"  . C   A 1 18 ? 6.109  16.619  22.979 1.00 44.44  ? 18  C   A "H2'"  1 
ATOM   580 H  "HO2'" . C   A 1 18 ? 6.913  16.278  25.009 1.00 46.22  ? 18  C   A "HO2'" 1 
ATOM   581 H  "H1'"  . C   A 1 18 ? 6.153  14.034  22.879 1.00 35.42  ? 18  C   A "H1'"  1 
ATOM   582 H  H41    . C   A 1 18 ? 3.715  15.725  17.182 1.00 40.89  ? 18  C   A H41    1 
ATOM   583 H  H42    . C   A 1 18 ? 5.192  15.784  16.998 1.00 40.89  ? 18  C   A H42    1 
ATOM   584 H  H5     . C   A 1 18 ? 2.694  15.284  19.337 1.00 39.61  ? 18  C   A H5     1 
ATOM   585 H  H6     . C   A 1 18 ? 3.105  14.866  21.553 1.00 39.46  ? 18  C   A H6     1 
HETATM 586 NA NA     . NA  B 2 .  ? 0.358  7.482   20.287 1.00 42.34  ? 101 NA  A NA     1 
HETATM 587 NA NA     . NA  C 2 .  ? -0.746 -5.727  16.176 0.33 44.54  ? 102 NA  A NA     1 
HETATM 588 NA NA     . NA  D 2 .  ? -5.259 12.599  23.241 0.33 50.42  ? 103 NA  A NA     1 
HETATM 589 NA NA     . NA  E 2 .  ? 0.569  11.987  26.375 1.00 43.27  ? 104 NA  A NA     1 
HETATM 590 NA NA     . NA  F 2 .  ? -1.452 -2.860  17.281 0.33 41.83  ? 105 NA  A NA     1 
HETATM 591 NA NA     . NA  G 2 .  ? -4.332 8.833   21.789 0.33 57.98  ? 106 NA  A NA     1 
HETATM 592 NA NA     . NA  H 2 .  ? -3.997 -4.026  10.753 1.00 48.66  ? 107 NA  A NA     1 
HETATM 593 NA NA     . NA  I 2 .  ? -1.978 2.171   15.531 1.00 88.92  ? 108 NA  A NA     1 
HETATM 594 N  N      A AG2 J 3 .  ? 0.219  0.605   -0.975 0.45 48.52  ? 109 AG2 A N      1 
HETATM 595 N  N      B AG2 J 3 .  ? -0.249 1.927   1.370  0.55 48.58  ? 109 AG2 A N      1 
HETATM 596 C  CA     A AG2 J 3 .  ? 0.052  -0.761  -0.509 0.45 65.64  ? 109 AG2 A CA     1 
HETATM 597 C  CA     B AG2 J 3 .  ? -0.052 0.761   0.509  0.55 67.32  ? 109 AG2 A CA     1 
HETATM 598 C  CB     A AG2 J 3 .  ? 0.481  -0.890  0.954  0.45 71.27  ? 109 AG2 A CB     1 
HETATM 599 C  CB     B AG2 J 3 .  ? 0.390  -0.479  1.298  0.55 72.77  ? 109 AG2 A CB     1 
HETATM 600 C  CG     A AG2 J 3 .  ? 2.011  -0.935  1.056  0.45 65.72  ? 109 AG2 A CG     1 
HETATM 601 C  CG     B AG2 J 3 .  ? 1.867  -0.777  1.014  0.55 67.21  ? 109 AG2 A CG     1 
HETATM 602 C  CD     A AG2 J 3 .  ? 2.457  -2.189  1.802  0.45 51.99  ? 109 AG2 A CD     1 
HETATM 603 C  CD     B AG2 J 3 .  ? 2.314  -2.053  1.728  0.55 53.21  ? 109 AG2 A CD     1 
HETATM 604 N  NE     A AG2 J 3 .  ? 3.692  -1.942  2.530  0.45 59.71  ? 109 AG2 A NE     1 
HETATM 605 N  NE     B AG2 J 3 .  ? 3.550  -1.824  2.461  0.55 51.75  ? 109 AG2 A NE     1 
HETATM 606 C  CZ     A AG2 J 3 .  ? 3.895  -2.594  3.812  0.45 74.63  ? 109 AG2 A CZ     1 
HETATM 607 C  CZ     B AG2 J 3 .  ? 3.809  -2.548  3.697  0.55 74.41  ? 109 AG2 A CZ     1 
HETATM 608 N  NH1    A AG2 J 3 .  ? 2.999  -3.355  4.252  0.45 93.12  ? 109 AG2 A NH1    1 
HETATM 609 N  NH1    B AG2 J 3 .  ? 2.965  -3.372  4.126  0.55 94.65  ? 109 AG2 A NH1    1 
HETATM 610 N  NH2    A AG2 J 3 .  ? 5.120  -2.372  4.564  0.45 60.00  ? 109 AG2 A NH2    1 
HETATM 611 N  NH2    B AG2 J 3 .  ? 5.045  -2.321  4.428  0.55 61.88  ? 109 AG2 A NH2    1 
HETATM 612 H  HN1    A AG2 J 3 .  ? 0.772  0.617   -1.671 0.45 58.22  ? 109 AG2 A HN1    1 
HETATM 613 H  HN1    B AG2 J 3 .  ? 0.286  2.586   1.104  0.55 58.29  ? 109 AG2 A HN1    1 
HETATM 614 H  HN2    A AG2 J 3 .  ? 0.557  1.103   -0.318 0.45 58.22  ? 109 AG2 A HN2    1 
HETATM 615 H  HN2    B AG2 J 3 .  ? -0.059 1.710   2.212  0.55 58.29  ? 109 AG2 A HN2    1 
HETATM 616 H  HA1    A AG2 J 3 .  ? -0.879 -1.016  -0.592 0.45 78.77  ? 109 AG2 A HA1    1 
HETATM 617 H  HA1    B AG2 J 3 .  ? -0.885 0.563   0.053  0.55 80.79  ? 109 AG2 A HA1    1 
HETATM 618 H  HA2    A AG2 J 3 .  ? 0.595  -1.352  -1.055 0.45 78.77  ? 109 AG2 A HA2    1 
HETATM 619 H  HA2    B AG2 J 3 .  ? 0.626  0.971   -0.152 0.55 80.79  ? 109 AG2 A HA2    1 
HETATM 620 H  HB1    A AG2 J 3 .  ? 0.150  -0.128  1.453  0.45 85.53  ? 109 AG2 A HB1    1 
HETATM 621 H  HB1    B AG2 J 3 .  ? 0.271  -0.315  2.247  0.55 87.33  ? 109 AG2 A HB1    1 
HETATM 622 H  HB2    A AG2 J 3 .  ? 0.111  -1.704  1.326  0.45 85.53  ? 109 AG2 A HB2    1 
HETATM 623 H  HB2    B AG2 J 3 .  ? -0.150 -1.239  1.032  0.55 87.33  ? 109 AG2 A HB2    1 
HETATM 624 H  HG1    A AG2 J 3 .  ? 2.392  -0.942  0.164  0.45 78.87  ? 109 AG2 A HG1    1 
HETATM 625 H  HG1    B AG2 J 3 .  ? 1.992  -0.888  0.058  0.55 80.66  ? 109 AG2 A HG1    1 
HETATM 626 H  HG2    A AG2 J 3 .  ? 2.324  -0.151  1.532  0.45 78.87  ? 109 AG2 A HG2    1 
HETATM 627 H  HG2    B AG2 J 3 .  ? 2.408  -0.033  1.321  0.55 80.66  ? 109 AG2 A HG2    1 
HETATM 628 H  HD1    A AG2 J 3 .  ? 1.764  -2.453  2.427  0.45 62.38  ? 109 AG2 A HD1    1 
HETATM 629 H  HD1    B AG2 J 3 .  ? 1.622  -2.331  2.349  0.55 63.85  ? 109 AG2 A HD1    1 
HETATM 630 H  HD2    A AG2 J 3 .  ? 2.602  -2.906  1.164  0.45 62.38  ? 109 AG2 A HD2    1 
HETATM 631 H  HD2    B AG2 J 3 .  ? 2.457  -2.754  1.073  0.55 63.85  ? 109 AG2 A HD2    1 
HETATM 632 H  HE1    A AG2 J 3 .  ? 4.291  -1.417  2.206  0.45 71.65  ? 109 AG2 A HE1    1 
HETATM 633 H  HE1    B AG2 J 3 .  ? 4.127  -1.260  2.163  0.55 62.10  ? 109 AG2 A HE1    1 
HETATM 634 H  HH11   A AG2 J 3 .  ? 3.107  -3.763  5.035  0.45 111.75 ? 109 AG2 A HH11   1 
HETATM 635 H  HH11   B AG2 J 3 .  ? 3.122  -3.816  4.881  0.55 113.59 ? 109 AG2 A HH11   1 
HETATM 636 H  HH21   A AG2 J 3 .  ? 5.235  -2.760  5.322  0.45 72.00  ? 109 AG2 A HH21   1 
HETATM 637 H  HH21   B AG2 J 3 .  ? 5.198  -2.750  5.158  0.55 74.26  ? 109 AG2 A HH21   1 
HETATM 638 H  HH22   A AG2 J 3 .  ? 5.727  -1.848  4.252  0.45 72.00  ? 109 AG2 A HH22   1 
HETATM 639 H  HH22   B AG2 J 3 .  ? 5.623  -1.757  4.132  0.55 74.26  ? 109 AG2 A HH22   1 
HETATM 640 O  O      . HOH K 4 .  ? 5.959  -2.040  7.353  1.00 69.87  ? 201 HOH A O      1 
HETATM 641 O  O      . HOH K 4 .  ? 8.111  7.463   4.597  1.00 53.76  ? 202 HOH A O      1 
HETATM 642 O  O      . HOH K 4 .  ? 0.186  10.217  8.074  1.00 48.61  ? 203 HOH A O      1 
HETATM 643 O  O      . HOH K 4 .  ? 11.052 6.221   15.443 1.00 49.57  ? 204 HOH A O      1 
HETATM 644 O  O      . HOH K 4 .  ? -7.253 7.474   14.524 1.00 43.33  ? 205 HOH A O      1 
HETATM 645 O  O      . HOH K 4 .  ? 5.202  8.774   22.011 1.00 47.03  ? 206 HOH A O      1 
HETATM 646 O  O      . HOH K 4 .  ? 0.646  11.522  12.621 1.00 49.88  ? 207 HOH A O      1 
HETATM 647 O  O      . HOH K 4 .  ? -5.425 15.522  20.167 1.00 46.00  ? 208 HOH A O      1 
HETATM 648 O  O      . HOH K 4 .  ? -0.454 15.206  19.380 1.00 46.93  ? 209 HOH A O      1 
HETATM 649 O  O      . HOH K 4 .  ? 17.139 14.585  15.602 1.00 48.52  ? 210 HOH A O      1 
HETATM 650 O  O      . HOH K 4 .  ? -1.361 3.556   3.470  1.00 61.26  ? 211 HOH A O      1 
HETATM 651 O  O      . HOH K 4 .  ? 15.376 10.665  21.323 1.00 48.23  ? 212 HOH A O      1 
HETATM 652 O  O      . HOH K 4 .  ? -2.934 2.194   8.199  1.00 43.14  ? 213 HOH A O      1 
HETATM 653 O  O      . HOH K 4 .  ? 0.551  3.502   20.594 1.00 64.90  ? 214 HOH A O      1 
HETATM 654 O  O      . HOH K 4 .  ? -5.652 15.821  14.247 1.00 63.15  ? 215 HOH A O      1 
# 
loop_
_atom_site_anisotrop.id 
_atom_site_anisotrop.type_symbol 
_atom_site_anisotrop.pdbx_label_atom_id 
_atom_site_anisotrop.pdbx_label_alt_id 
_atom_site_anisotrop.pdbx_label_comp_id 
_atom_site_anisotrop.pdbx_label_asym_id 
_atom_site_anisotrop.pdbx_label_seq_id 
_atom_site_anisotrop.pdbx_PDB_ins_code 
_atom_site_anisotrop.U[1][1] 
_atom_site_anisotrop.U[2][2] 
_atom_site_anisotrop.U[3][3] 
_atom_site_anisotrop.U[1][2] 
_atom_site_anisotrop.U[1][3] 
_atom_site_anisotrop.U[2][3] 
_atom_site_anisotrop.pdbx_auth_seq_id 
_atom_site_anisotrop.pdbx_auth_comp_id 
_atom_site_anisotrop.pdbx_auth_asym_id 
_atom_site_anisotrop.pdbx_auth_atom_id 
1   O  "O5'" . G   A 1  ? 0.7129 0.5618 0.6693 -0.0790 0.1176  0.0149  1  G   A "O5'" 
2   C  "C5'" . G   A 1  ? 0.5850 0.4619 0.5708 -0.0970 0.1346  0.0000  1  G   A "C5'" 
3   C  "C4'" . G   A 1  ? 0.5104 0.4209 0.5437 -0.0832 0.1231  -0.0043 1  G   A "C4'" 
4   O  "O4'" . G   A 1  ? 0.5335 0.4139 0.5467 -0.0758 0.1101  0.0066  1  G   A "O4'" 
5   C  "C3'" . G   A 1  ? 0.4770 0.4203 0.5451 -0.0606 0.1071  -0.0044 1  G   A "C3'" 
6   O  "O3'" . G   A 1  ? 0.5220 0.5032 0.6289 -0.0622 0.1126  -0.0196 1  G   A "O3'" 
7   C  "C2'" . G   A 1  ? 0.4317 0.3813 0.5156 -0.0531 0.0937  -0.0022 1  G   A "C2'" 
8   O  "O2'" . G   A 1  ? 0.4451 0.4200 0.5614 -0.0636 0.0986  -0.0148 1  G   A "O2'" 
9   C  "C1'" . G   A 1  ? 0.4243 0.3308 0.4686 -0.0573 0.0942  0.0066  1  G   A "C1'" 
10  N  N9    . G   A 1  ? 0.4613 0.3485 0.4860 -0.0397 0.0795  0.0156  1  G   A N9    
11  C  C8    . G   A 1  ? 0.5459 0.3985 0.5334 -0.0360 0.0762  0.0234  1  G   A C8    
12  N  N7    . G   A 1  ? 0.5230 0.3727 0.5100 -0.0172 0.0600  0.0254  1  G   A N7    
13  C  C5    . G   A 1  ? 0.4459 0.3296 0.4673 -0.0120 0.0561  0.0186  1  G   A C5    
14  C  C6    . G   A 1  ? 0.4259 0.3256 0.4612 0.0011  0.0444  0.0130  1  G   A C6    
15  O  O6    . G   A 1  ? 0.4647 0.3582 0.4942 0.0144  0.0340  0.0106  1  G   A O6    
16  N  N1    . G   A 1  ? 0.4346 0.3626 0.4937 -0.0049 0.0455  0.0073  1  G   A N1    
17  C  C2    . G   A 1  ? 0.3321 0.2711 0.4038 -0.0174 0.0521  0.0072  1  G   A C2    
18  N  N2    . G   A 1  ? 0.3762 0.3360 0.4632 -0.0222 0.0473  0.0024  1  G   A N2    
19  N  N3    . G   A 1  ? 0.3718 0.3026 0.4401 -0.0268 0.0625  0.0091  1  G   A N3    
20  C  C4    . G   A 1  ? 0.4436 0.3468 0.4849 -0.0252 0.0659  0.0146  1  G   A C4    
33  P  P     . G   A 2  ? 0.5071 0.5074 0.6335 -0.0437 0.0991  -0.0195 2  G   A P     
34  O  OP1   . G   A 2  ? 0.4725 0.5079 0.6415 -0.0482 0.1067  -0.0413 2  G   A OP1   
35  O  OP2   . G   A 2  ? 0.4797 0.4537 0.5677 -0.0365 0.0967  -0.0059 2  G   A OP2   
36  O  "O5'" . G   A 2  ? 0.4130 0.4210 0.5554 -0.0301 0.0767  -0.0131 2  G   A "O5'" 
37  C  "C5'" . G   A 2  ? 0.3188 0.3465 0.4935 -0.0325 0.0688  -0.0222 2  G   A "C5'" 
38  C  "C4'" . G   A 2  ? 0.4322 0.4541 0.6006 -0.0258 0.0494  -0.0124 2  G   A "C4'" 
39  O  "O4'" . G   A 2  ? 0.4583 0.4586 0.5958 -0.0282 0.0543  -0.0030 2  G   A "O4'" 
40  C  "C3'" . G   A 2  ? 0.4198 0.4393 0.5816 -0.0151 0.0335  -0.0057 2  G   A "C3'" 
41  O  "O3'" . G   A 2  ? 0.4499 0.4822 0.6397 -0.0096 0.0173  -0.0134 2  G   A "O3'" 
42  C  "C2'" . G   A 2  ? 0.3505 0.3589 0.4906 -0.0182 0.0256  0.0024  2  G   A "C2'" 
43  O  "O2'" . G   A 2  ? 0.4108 0.4239 0.5619 -0.0245 0.0126  -0.0005 2  G   A "O2'" 
44  C  "C1'" . G   A 2  ? 0.4037 0.4004 0.5290 -0.0221 0.0414  0.0035  2  G   A "C1'" 
45  N  N9    . G   A 2  ? 0.3799 0.3632 0.4833 -0.0146 0.0456  0.0086  2  G   A N9    
46  C  C8    . G   A 2  ? 0.3319 0.3026 0.4222 -0.0126 0.0554  0.0106  2  G   A C8    
47  N  N7    . G   A 2  ? 0.3667 0.3257 0.4384 -0.0040 0.0516  0.0147  2  G   A N7    
48  C  C5    . G   A 2  ? 0.3244 0.2940 0.4013 -0.0014 0.0422  0.0122  2  G   A C5    
49  C  C6    . G   A 2  ? 0.3686 0.3398 0.4383 0.0059  0.0362  0.0090  2  G   A C6    
50  O  O6    . G   A 2  ? 0.3828 0.3446 0.4417 0.0156  0.0339  0.0088  2  G   A O6    
51  N  N1    . G   A 2  ? 0.3285 0.3144 0.4042 -0.0015 0.0321  0.0030  2  G   A N1    
52  C  C2    . G   A 2  ? 0.3472 0.3388 0.4287 -0.0130 0.0298  0.0035  2  G   A C2    
53  N  N2    . G   A 2  ? 0.3113 0.3117 0.3871 -0.0237 0.0262  -0.0027 2  G   A N2    
54  N  N3    . G   A 2  ? 0.3725 0.3621 0.4640 -0.0159 0.0310  0.0072  2  G   A N3    
55  C  C4    . G   A 2  ? 0.3891 0.3708 0.4806 -0.0098 0.0389  0.0099  2  G   A C4    
67  P  P     . U   A 3  ? 0.4404 0.4698 0.6296 0.0009  0.0068  -0.0118 3  U   A P     
68  O  OP1   . U   A 3  ? 0.3957 0.4335 0.6188 0.0075  -0.0158 -0.0230 3  U   A OP1   
69  O  OP2   . U   A 3  ? 0.3646 0.3948 0.5448 0.0028  0.0258  -0.0126 3  U   A OP2   
70  O  "O5'" . U   A 3  ? 0.4729 0.4827 0.6257 -0.0016 -0.0042 0.0027  3  U   A "O5'" 
71  C  "C5'" . U   A 3  ? 0.4344 0.4346 0.5772 -0.0091 -0.0221 0.0066  3  U   A "C5'" 
72  C  "C4'" . U   A 3  ? 0.4630 0.4500 0.5685 -0.0181 -0.0222 0.0149  3  U   A "C4'" 
73  O  "O4'" . U   A 3  ? 0.4026 0.3961 0.5010 -0.0190 -0.0019 0.0139  3  U   A "O4'" 
74  C  "C3'" . U   A 3  ? 0.3506 0.3290 0.4403 -0.0154 -0.0262 0.0187  3  U   A "C3'" 
75  O  "O3'" . U   A 3  ? 0.4230 0.3815 0.5032 -0.0185 -0.0513 0.0222  3  U   A "O3'" 
76  C  "C2'" . U   A 3  ? 0.3720 0.3516 0.4359 -0.0253 -0.0147 0.0190  3  U   A "C2'" 
77  O  "O2'" . U   A 3  ? 0.3829 0.3512 0.4222 -0.0438 -0.0244 0.0202  3  U   A "O2'" 
78  C  "C1'" . U   A 3  ? 0.3726 0.3640 0.4505 -0.0204 0.0015  0.0149  3  U   A "C1'" 
79  N  N1    . U   A 3  ? 0.3355 0.3306 0.4178 -0.0083 0.0140  0.0140  3  U   A N1    
80  C  C2    . U   A 3  ? 0.3202 0.3180 0.3898 -0.0072 0.0181  0.0106  3  U   A C2    
81  O  O2    . U   A 3  ? 0.3602 0.3620 0.4186 -0.0179 0.0157  0.0058  3  U   A O2    
82  N  N3    . U   A 3  ? 0.3150 0.3108 0.3844 0.0046  0.0244  0.0107  3  U   A N3    
83  C  C4    . U   A 3  ? 0.3695 0.3583 0.4429 0.0105  0.0304  0.0145  3  U   A C4    
84  O  O4    . U   A 3  ? 0.3840 0.3646 0.4467 0.0176  0.0341  0.0155  3  U   A O4    
85  C  C5    . U   A 3  ? 0.4074 0.3995 0.4968 0.0057  0.0308  0.0144  3  U   A C5    
86  C  C6    . U   A 3  ? 0.3966 0.3928 0.4933 -0.0011 0.0209  0.0139  3  U   A C6    
97  P  P     . G   A 4  ? 0.4701 0.4184 0.5493 -0.0099 -0.0601 0.0230  4  G   A P     
98  O  OP1   . G   A 4  ? 0.5646 0.4833 0.6344 -0.0126 -0.0934 0.0262  4  G   A OP1   
99  O  OP2   . G   A 4  ? 0.4261 0.3954 0.5352 0.0053  -0.0436 0.0155  4  G   A OP2   
100 O  "O5'" . G   A 4  ? 0.4092 0.3522 0.4513 -0.0227 -0.0493 0.0273  4  G   A "O5'" 
101 C  "C5'" . G   A 4  ? 0.5045 0.4258 0.5057 -0.0452 -0.0592 0.0320  4  G   A "C5'" 
102 C  "C4'" . G   A 4  ? 0.4692 0.3977 0.4466 -0.0576 -0.0432 0.0282  4  G   A "C4'" 
103 O  "O4'" . G   A 4  ? 0.4244 0.3836 0.4200 -0.0524 -0.0208 0.0193  4  G   A "O4'" 
104 C  "C3'" . G   A 4  ? 0.4315 0.3606 0.4108 -0.0489 -0.0405 0.0276  4  G   A "C3'" 
105 O  "O3'" . G   A 4  ? 0.5330 0.4275 0.4832 -0.0592 -0.0607 0.0341  4  G   A "O3'" 
106 C  "C2'" . G   A 4  ? 0.4234 0.3761 0.3962 -0.0570 -0.0197 0.0174  4  G   A "C2'" 
107 O  "O2'" . G   A 4  ? 0.4596 0.4004 0.3937 -0.0869 -0.0203 0.0138  4  G   A "O2'" 
108 C  "C1'" . G   A 4  ? 0.4026 0.3764 0.3985 -0.0491 -0.0085 0.0124  4  G   A "C1'" 
109 N  N9    . G   A 4  ? 0.3927 0.3803 0.4173 -0.0254 -0.0002 0.0120  4  G   A N9    
110 C  C8    . G   A 4  ? 0.3833 0.3690 0.4289 -0.0117 -0.0018 0.0168  4  G   A C8    
111 N  N7    . G   A 4  ? 0.3413 0.3353 0.3979 0.0016  0.0087  0.0151  4  G   A N7    
112 C  C5    . G   A 4  ? 0.3226 0.3246 0.3690 0.0009  0.0134  0.0091  4  G   A C5    
113 C  C6    . G   A 4  ? 0.3750 0.3827 0.4232 0.0130  0.0191  0.0052  4  G   A C6    
114 O  O6    . G   A 4  ? 0.3667 0.3676 0.4171 0.0233  0.0227  0.0091  4  G   A O6    
115 N  N1    . G   A 4  ? 0.3167 0.3375 0.3607 0.0093  0.0196  -0.0058 4  G   A N1    
116 C  C2    . G   A 4  ? 0.3452 0.3734 0.3801 -0.0089 0.0196  -0.0133 4  G   A C2    
117 N  N2    . G   A 4  ? 0.3771 0.4248 0.4136 -0.0135 0.0236  -0.0297 4  G   A N2    
118 N  N3    . G   A 4  ? 0.4452 0.4612 0.4679 -0.0245 0.0152  -0.0068 4  G   A N3    
119 C  C4    . G   A 4  ? 0.4624 0.4652 0.4934 -0.0159 0.0101  0.0048  4  G   A C4    
131 P  P     . G   A 5  ? 0.5640 0.4520 0.5296 -0.0416 -0.0677 0.0345  5  G   A P     
132 O  OP1   . G   A 5  ? 0.7573 0.5975 0.6845 -0.0559 -0.0947 0.0423  5  G   A OP1   
133 O  OP2   . G   A 5  ? 0.4956 0.4044 0.5093 -0.0158 -0.0648 0.0299  5  G   A OP2   
134 O  "O5'" . G   A 5  ? 0.6613 0.5752 0.6265 -0.0420 -0.0439 0.0271  5  G   A "O5'" 
135 C  "C5'" . G   A 5  ? 0.5727 0.4811 0.5017 -0.0666 -0.0382 0.0236  5  G   A "C5'" 
136 C  "C4'" . G   A 5  ? 0.4279 0.3711 0.3695 -0.0628 -0.0169 0.0112  5  G   A "C4'" 
137 O  "O4'" . G   A 5  ? 0.4534 0.4276 0.4235 -0.0496 -0.0036 0.0044  5  G   A "O4'" 
138 C  "C3'" . G   A 5  ? 0.3682 0.3180 0.3260 -0.0445 -0.0148 0.0102  5  G   A "C3'" 
139 O  "O3'" . G   A 5  ? 0.3839 0.3088 0.3157 -0.0567 -0.0237 0.0123  5  G   A "O3'" 
140 C  "C2'" . G   A 5  ? 0.3245 0.3108 0.2980 -0.0389 0.0026  -0.0030 5  G   A "C2'" 
141 O  "O2'" . G   A 5  ? 0.3677 0.3639 0.3221 -0.0618 0.0098  -0.0159 5  G   A "O2'" 
142 C  "C1'" . G   A 5  ? 0.4130 0.4103 0.4008 -0.0346 0.0065  -0.0038 5  G   A "C1'" 
143 N  N9    . G   A 5  ? 0.3549 0.3556 0.3668 -0.0109 0.0076  0.0019  5  G   A N9    
144 C  C8    . G   A 5  ? 0.3324 0.3217 0.3555 -0.0032 0.0025  0.0106  5  G   A C8    
145 N  N7    . G   A 5  ? 0.3689 0.3644 0.4073 0.0120  0.0092  0.0111  5  G   A N7    
146 C  C5    . G   A 5  ? 0.3385 0.3446 0.3724 0.0169  0.0149  0.0052  5  G   A C5    
147 C  C6    . G   A 5  ? 0.3560 0.3631 0.3910 0.0298  0.0196  0.0049  5  G   A C6    
148 O  O6    . G   A 5  ? 0.4261 0.4251 0.4634 0.0350  0.0239  0.0095  5  G   A O6    
149 N  N1    . G   A 5  ? 0.3466 0.3639 0.3771 0.0332  0.0182  -0.0036 5  G   A N1    
150 C  C2    . G   A 5  ? 0.3628 0.3948 0.3928 0.0236  0.0173  -0.0141 5  G   A C2    
151 N  N2    . G   A 5  ? 0.4221 0.4682 0.4550 0.0301  0.0154  -0.0262 5  G   A N2    
152 N  N3    . G   A 5  ? 0.3999 0.4301 0.4233 0.0063  0.0172  -0.0141 5  G   A N3    
153 C  C4    . G   A 5  ? 0.2867 0.3006 0.3102 0.0051  0.0140  -0.0025 5  G   A C4    
165 P  P     . G   A 6  ? 0.4391 0.3543 0.3862 -0.0374 -0.0312 0.0149  6  G   A P     
166 O  OP1   . G   A 6  ? 0.4520 0.3318 0.3623 -0.0563 -0.0436 0.0176  6  G   A OP1   
167 O  OP2   . G   A 6  ? 0.3929 0.3064 0.3707 -0.0166 -0.0394 0.0188  6  G   A OP2   
168 O  "O5'" . G   A 6  ? 0.3897 0.3410 0.3564 -0.0247 -0.0126 0.0053  6  G   A "O5'" 
169 C  "C5'" . G   A 6  ? 0.3858 0.3502 0.3374 -0.0387 -0.0037 -0.0048 6  G   A "C5'" 
170 C  "C4'" . G   A 6  ? 0.3378 0.3347 0.3114 -0.0220 0.0076  -0.0142 6  G   A "C4'" 
171 O  "O4'" . G   A 6  ? 0.3586 0.3723 0.3507 -0.0099 0.0120  -0.0150 6  G   A "O4'" 
172 C  "C3'" . G   A 6  ? 0.3672 0.3610 0.3524 -0.0033 0.0067  -0.0108 6  G   A "C3'" 
173 O  "O3'" . G   A 6  ? 0.4263 0.4103 0.3986 -0.0103 0.0042  -0.0139 6  G   A "O3'" 
174 C  "C2'" . G   A 6  ? 0.3332 0.3512 0.3312 0.0106  0.0139  -0.0170 6  G   A "C2'" 
175 O  "O2'" . G   A 6  ? 0.3750 0.4127 0.3702 0.0045  0.0165  -0.0309 6  G   A "O2'" 
176 C  "C1'" . G   A 6  ? 0.3376 0.3603 0.3427 0.0099  0.0147  -0.0155 6  G   A "C1'" 
177 N  N9    . G   A 6  ? 0.2843 0.2954 0.2985 0.0209  0.0144  -0.0051 6  G   A N9    
178 C  C8    . G   A 6  ? 0.3685 0.3655 0.3875 0.0179  0.0098  0.0022  6  G   A C8    
179 N  N7    . G   A 6  ? 0.3572 0.3533 0.3891 0.0279  0.0137  0.0052  6  G   A N7    
180 C  C5    . G   A 6  ? 0.3384 0.3408 0.3651 0.0356  0.0206  0.0029  6  G   A C5    
181 C  C6    . G   A 6  ? 0.3932 0.3910 0.4183 0.0417  0.0280  0.0049  6  G   A C6    
182 O  O6    . G   A 6  ? 0.3672 0.3618 0.4012 0.0406  0.0339  0.0059  6  G   A O6    
183 N  N1    . G   A 6  ? 0.3403 0.3361 0.3485 0.0468  0.0277  0.0035  6  G   A N1    
184 C  C2    . G   A 6  ? 0.3417 0.3470 0.3461 0.0490  0.0210  -0.0024 6  G   A C2    
185 N  N2    . G   A 6  ? 0.3974 0.3982 0.3875 0.0565  0.0164  -0.0045 6  G   A N2    
186 N  N3    . G   A 6  ? 0.3246 0.3416 0.3362 0.0418  0.0184  -0.0078 6  G   A N3    
187 C  C4    . G   A 6  ? 0.3449 0.3562 0.3628 0.0341  0.0185  -0.0030 6  G   A C4    
199 P  P     . G   A 7  ? 0.4323 0.4034 0.4139 0.0036  0.0007  -0.0116 7  G   A P     
200 O  OP1   . G   A 7  ? 0.4524 0.4082 0.4139 -0.0097 -0.0039 -0.0153 7  G   A OP1   
201 O  OP2   . G   A 7  ? 0.4034 0.3607 0.4011 0.0127  -0.0066 -0.0056 7  G   A OP2   
202 O  "O5'" . G   A 7  ? 0.3781 0.3725 0.3712 0.0186  0.0113  -0.0161 7  G   A "O5'" 
203 C  "C5'" . G   A 7  ? 0.3767 0.3894 0.3632 0.0173  0.0151  -0.0248 7  G   A "C5'" 
204 C  "C4'" . G   A 7  ? 0.3938 0.4154 0.3829 0.0320  0.0185  -0.0254 7  G   A "C4'" 
205 O  "O4'" . G   A 7  ? 0.4256 0.4476 0.4199 0.0386  0.0188  -0.0200 7  G   A "O4'" 
206 C  "C3'" . G   A 7  ? 0.4548 0.4661 0.4437 0.0380  0.0232  -0.0233 7  G   A "C3'" 
207 O  "O3'" . G   A 7  ? 0.4356 0.4469 0.4182 0.0353  0.0236  -0.0302 7  G   A "O3'" 
208 C  "C2'" . G   A 7  ? 0.4076 0.4189 0.3874 0.0459  0.0257  -0.0203 7  G   A "C2'" 
209 O  "O2'" . G   A 7  ? 0.4879 0.5062 0.4551 0.0498  0.0196  -0.0258 7  G   A "O2'" 
210 C  "C1'" . G   A 7  ? 0.4739 0.4869 0.4613 0.0467  0.0225  -0.0157 7  G   A "C1'" 
211 N  N9    . G   A 7  ? 0.3725 0.3767 0.3697 0.0456  0.0280  -0.0097 7  G   A N9    
212 C  C8    . G   A 7  ? 0.3827 0.3843 0.3951 0.0413  0.0256  -0.0084 7  G   A C8    
213 N  N7    . G   A 7  ? 0.4281 0.4265 0.4530 0.0427  0.0302  -0.0070 7  G   A N7    
214 C  C5    . G   A 7  ? 0.4566 0.4532 0.4682 0.0441  0.0393  -0.0067 7  G   A C5    
215 C  C6    . G   A 7  ? 0.5003 0.4934 0.5134 0.0406  0.0505  -0.0078 7  G   A C6    
216 O  O6    . G   A 7  ? 0.4264 0.4250 0.4627 0.0385  0.0544  -0.0121 7  G   A O6    
217 N  N1    . G   A 7  ? 0.4474 0.4279 0.4290 0.0375  0.0558  -0.0050 7  G   A N1    
218 C  C2    . G   A 7  ? 0.4551 0.4285 0.4125 0.0417  0.0472  -0.0023 7  G   A C2    
219 N  N2    . G   A 7  ? 0.4882 0.4401 0.4090 0.0372  0.0486  0.0016  7  G   A N2    
220 N  N3    . G   A 7  ? 0.4478 0.4329 0.4139 0.0479  0.0369  -0.0047 7  G   A N3    
221 C  C4    . G   A 7  ? 0.3371 0.3328 0.3283 0.0467  0.0356  -0.0066 7  G   A C4    
233 P  P     . A   A 8  ? 0.4643 0.4669 0.4520 0.0380  0.0295  -0.0342 8  A   A P     
234 O  OP1   . A   A 8  ? 0.4519 0.4559 0.4335 0.0418  0.0389  -0.0339 8  A   A OP1   
235 O  OP2   . A   A 8  ? 0.5189 0.5194 0.5002 0.0331  0.0271  -0.0417 8  A   A OP2   
236 O  "O5'" . A   A 8  ? 0.4152 0.4059 0.4236 0.0386  0.0249  -0.0326 8  A   A "O5'" 
237 C  "C5'" . A   A 8  ? 0.5115 0.4865 0.5178 0.0319  0.0122  -0.0294 8  A   A "C5'" 
238 C  "C4'" . A   A 8  ? 0.4888 0.4451 0.5130 0.0365  0.0023  -0.0347 8  A   A "C4'" 
239 O  "O4'" . A   A 8  ? 0.5335 0.4905 0.5598 0.0389  0.0065  -0.0459 8  A   A "O4'" 
240 C  "C3'" . A   A 8  ? 0.5222 0.4863 0.5772 0.0468  0.0050  -0.0400 8  A   A "C3'" 
241 O  "O3'" . A   A 8  ? 0.5412 0.4969 0.6016 0.0463  -0.0055 -0.0318 8  A   A "O3'" 
242 C  "C2'" . A   A 8  ? 0.6094 0.5652 0.6880 0.0543  -0.0017 -0.0557 8  A   A "C2'" 
243 O  "O2'" . A   A 8  ? 0.6833 0.6067 0.7627 0.0555  -0.0274 -0.0528 8  A   A "O2'" 
244 C  "C1'" . A   A 8  ? 0.5189 0.4771 0.5766 0.0492  0.0066  -0.0590 8  A   A "C1'" 
245 N  N9    . A   A 8  ? 0.4911 0.4734 0.5512 0.0499  0.0278  -0.0683 8  A   A N9    
246 C  C8    . A   A 8  ? 0.5652 0.5575 0.5965 0.0440  0.0389  -0.0625 8  A   A C8    
247 N  N7    . A   A 8  ? 0.4998 0.5038 0.5282 0.0419  0.0551  -0.0709 8  A   A N7    
248 C  C5    . A   A 8  ? 0.4704 0.4802 0.5343 0.0455  0.0589  -0.0868 8  A   A C5    
249 C  C6    . A   A 8  ? 0.6059 0.6323 0.6851 0.0407  0.0780  -0.1062 8  A   A C6    
250 N  N6    . A   A 8  ? 0.5259 0.5565 0.5733 0.0282  0.0962  -0.1074 8  A   A N6    
251 N  N1    . A   A 8  ? 0.4571 0.4940 0.5841 0.0473  0.0766  -0.1267 8  A   A N1    
252 C  C2    . A   A 8  ? 0.5560 0.5787 0.7068 0.0599  0.0522  -0.1230 8  A   A C2    
253 N  N3    . A   A 8  ? 0.4426 0.4409 0.5711 0.0621  0.0323  -0.1015 8  A   A N3    
254 C  C4    . A   A 8  ? 0.4679 0.4648 0.5551 0.0535  0.0396  -0.0858 8  A   A C4    
266 P  P     . C   A 9  ? 0.5487 0.5231 0.6264 0.0501  0.0051  -0.0316 9  C   A P     
267 O  OP1   . C   A 9  ? 0.8463 0.8076 0.9307 0.0495  -0.0109 -0.0249 9  C   A OP1   
268 O  OP2   . C   A 9  ? 0.5418 0.5298 0.5982 0.0462  0.0208  -0.0256 9  C   A OP2   
269 O  "O5'" . C   A 9  ? 0.5168 0.5059 0.6288 0.0577  0.0142  -0.0511 9  C   A "O5'" 
270 C  "C5'" . C   A 9  ? 0.5339 0.5171 0.6824 0.0672  -0.0017 -0.0653 9  C   A "C5'" 
271 C  "C4'" . C   A 9  ? 0.5272 0.5389 0.7153 0.0708  0.0146  -0.0896 9  C   A "C4'" 
272 O  "O4'" . C   A 9  ? 0.5245 0.5466 0.7074 0.0673  0.0314  -0.1023 9  C   A "O4'" 
273 C  "C3'" . C   A 9  ? 0.4810 0.5125 0.6656 0.0618  0.0359  -0.0876 9  C   A "C3'" 
274 O  "O3'" . C   A 9  ? 0.5239 0.5574 0.7322 0.0656  0.0248  -0.0874 9  C   A "O3'" 
275 C  "C2'" . C   A 9  ? 0.4429 0.4994 0.6457 0.0556  0.0605  -0.1131 9  C   A "C2'" 
276 O  "O2'" . C   A 9  ? 0.5383 0.6158 0.8001 0.0634  0.0566  -0.1423 9  C   A "O2'" 
277 C  "C1'" . C   A 9  ? 0.5054 0.5528 0.6925 0.0573  0.0591  -0.1150 9  C   A "C1'" 
278 N  N1    . C   A 9  ? 0.3888 0.4297 0.5239 0.0456  0.0738  -0.0992 9  C   A N1    
279 C  C2    . C   A 9  ? 0.4136 0.4671 0.5351 0.0308  0.0996  -0.1103 9  C   A C2    
280 O  O2    . C   A 9  ? 0.4265 0.5021 0.5831 0.0260  0.1135  -0.1351 9  C   A O2    
281 N  N3    . C   A 9  ? 0.4586 0.4987 0.5283 0.0208  0.1076  -0.0960 9  C   A N3    
282 C  C4    . C   A 9  ? 0.5772 0.6012 0.6204 0.0276  0.0918  -0.0758 9  C   A C4    
283 N  N4    . C   A 9  ? 0.8805 0.8922 0.8781 0.0204  0.0953  -0.0654 9  C   A N4    
284 C  C5    . C   A 9  ? 0.5888 0.6072 0.6491 0.0398  0.0708  -0.0675 9  C   A C5    
285 C  C6    . C   A 9  ? 0.4919 0.5145 0.5925 0.0471  0.0620  -0.0776 9  C   A C6    
297 P  P     . G   A 10 ? 0.5650 0.5963 0.7479 0.0571  0.0316  -0.0678 10 G   A P     
298 O  OP1   . G   A 10 ? 0.9812 1.0102 1.1914 0.0633  0.0123  -0.0693 10 G   A OP1   
299 O  OP2   . G   A 10 ? 0.5712 0.5866 0.7073 0.0520  0.0321  -0.0458 10 G   A OP2   
300 O  "O5'" . G   A 10 ? 0.5891 0.6420 0.7740 0.0452  0.0613  -0.0803 10 G   A "O5'" 
301 C  "C5'" . G   A 10 ? 0.6091 0.6889 0.8406 0.0438  0.0714  -0.1094 10 G   A "C5'" 
302 C  "C4'" . G   A 10 ? 0.5881 0.6807 0.8015 0.0233  0.1043  -0.1193 10 G   A "C4'" 
303 O  "O4'" . G   A 10 ? 0.4969 0.5854 0.6843 0.0171  0.1163  -0.1228 10 G   A "O4'" 
304 C  "C3'" . G   A 10 ? 0.6642 0.7368 0.8277 0.0109  0.1127  -0.0951 10 G   A "C3'" 
305 O  "O3'" . G   A 10 ? 0.6013 0.6812 0.7834 0.0078  0.1127  -0.0963 10 G   A "O3'" 
306 C  "C2'" . G   A 10 ? 0.6574 0.7266 0.7840 -0.0105 0.1396  -0.1021 10 G   A "C2'" 
307 O  "O2'" . G   A 10 ? 0.6404 0.7361 0.7940 -0.0283 0.1637  -0.1311 10 G   A "O2'" 
308 C  "C1'" . G   A 10 ? 0.6260 0.6994 0.7583 -0.0025 0.1358  -0.1107 10 G   A "C1'" 
309 N  N9    . G   A 10 ? 0.5249 0.5707 0.6105 0.0037  0.1229  -0.0847 10 G   A N9    
310 C  C8    . G   A 10 ? 0.4328 0.4698 0.5218 0.0210  0.0996  -0.0708 10 G   A C8    
311 N  N7    . G   A 10 ? 0.4387 0.4577 0.4856 0.0210  0.0949  -0.0545 10 G   A N7    
312 C  C5    . G   A 10 ? 0.4807 0.4893 0.4902 0.0046  0.1121  -0.0546 10 G   A C5    
313 C  C6    . G   A 10 ? 0.4889 0.4723 0.4438 -0.0013 0.1101  -0.0413 10 G   A C6    
314 O  O6    . G   A 10 ? 0.5063 0.4800 0.4444 0.0092  0.0940  -0.0299 10 G   A O6    
315 N  N1    . G   A 10 ? 0.4886 0.4562 0.4054 -0.0233 0.1280  -0.0443 10 G   A N1    
316 C  C2    . G   A 10 ? 0.5007 0.4826 0.4346 -0.0406 0.1504  -0.0617 10 G   A C2    
317 N  N2    . G   A 10 ? 0.5570 0.5158 0.4393 -0.0680 0.1681  -0.0629 10 G   A N2    
318 N  N3    . G   A 10 ? 0.5089 0.5237 0.5042 -0.0333 0.1536  -0.0787 10 G   A N3    
319 C  C4    . G   A 10 ? 0.4503 0.4734 0.4787 -0.0091 0.1314  -0.0723 10 G   A C4    
331 P  P     . A   A 11 ? 0.5874 0.8866 0.7861 0.0947  0.1190  -0.2074 11 A   A P     
332 O  OP1   . A   A 11 ? 0.8467 1.2283 1.1111 0.0972  0.1087  -0.2248 11 A   A OP1   
333 O  OP2   . A   A 11 ? 0.4703 0.6662 0.6037 0.0807  0.1030  -0.1625 11 A   A OP2   
334 O  "O5'" . A   A 11 ? 0.7708 1.1010 0.9597 0.0455  0.1680  -0.2208 11 A   A "O5'" 
335 C  "C5'" . A   A 11 ? 0.6010 1.0256 0.8388 0.0206  0.1899  -0.2500 11 A   A "C5'" 
336 C  "C4'" . A   A 11 ? 0.5747 0.9828 0.7684 -0.0430 0.2286  -0.2446 11 A   A "C4'" 
337 O  "O4'" . A   A 11 ? 0.7721 1.2345 0.9834 -0.0435 0.2465  -0.2747 11 A   A "O4'" 
338 C  "C3'" . A   A 11 ? 0.7715 1.0791 0.8831 -0.0621 0.2414  -0.2153 11 A   A "C3'" 
339 O  "O3'" . A   A 11 ? 0.6598 0.9286 0.7200 -0.1234 0.2621  -0.1977 11 A   A "O3'" 
340 C  "C2'" . A   A 11 ? 0.8610 1.1654 0.9559 -0.0421 0.2518  -0.2323 11 A   A "C2'" 
341 O  "O2'" . A   A 11 ? 1.2237 1.4522 1.2384 -0.0750 0.2703  -0.2132 11 A   A "O2'" 
342 C  "C1'" . A   A 11 ? 0.8896 1.2904 1.0398 -0.0509 0.2652  -0.2667 11 A   A "C1'" 
343 N  N9    . A   A 11 ? 1.0343 1.4711 1.2114 -0.0025 0.2615  -0.2949 11 A   A N9    
344 C  C8    . A   A 11 ? 1.0532 1.4329 1.2006 0.0451  0.2478  -0.2924 11 A   A C8    
345 N  N7    . A   A 11 ? 1.3378 1.7562 1.5114 0.0844  0.2467  -0.3213 11 A   A N7    
346 C  C5    . A   A 11 ? 1.1330 1.6541 1.3656 0.0611  0.2609  -0.3472 11 A   A C5    
347 C  C6    . A   A 11 ? 1.2012 1.8126 1.4868 0.0822  0.2674  -0.3874 11 A   A C6    
348 N  N6    . A   A 11 ? 1.3601 1.9644 1.6456 0.1382  0.2599  -0.4066 11 A   A N6    
349 N  N1    . A   A 11 ? 1.2450 1.9520 1.5786 0.0421  0.2817  -0.4100 11 A   A N1    
350 C  C2    . A   A 11 ? 1.1822 1.8788 1.5024 -0.0152 0.2888  -0.3906 11 A   A C2    
351 N  N3    . A   A 11 ? 1.0776 1.6858 1.3470 -0.0365 0.2837  -0.3508 11 A   A N3    
352 C  C4    . A   A 11 ? 1.0605 1.5903 1.2922 0.0047  0.2700  -0.3315 11 A   A C4    
364 P  P     . C   A 12 ? 0.7153 0.9032 0.7273 -0.1438 0.2491  -0.1578 12 C   A P     
365 O  OP1   . C   A 12 ? 0.9020 1.0606 0.8667 -0.2022 0.2687  -0.1532 12 C   A OP1   
366 O  OP2   . C   A 12 ? 0.5427 0.7480 0.6052 -0.1072 0.2129  -0.1499 12 C   A OP2   
367 O  "O5'" . C   A 12 ? 0.6795 0.7682 0.6210 -0.1278 0.2316  -0.1241 12 C   A "O5'" 
368 C  "C5'" . C   A 12 ? 0.6473 0.6860 0.5163 -0.1588 0.2551  -0.1193 12 C   A "C5'" 
369 C  "C4'" . C   A 12 ? 0.6228 0.5820 0.4380 -0.1368 0.2282  -0.0883 12 C   A "C4'" 
370 O  "O4'" . C   A 12 ? 0.6260 0.6087 0.4688 -0.0989 0.2189  -0.1032 12 C   A "O4'" 
371 C  "C3'" . C   A 12 ? 0.6221 0.5412 0.4360 -0.1150 0.1901  -0.0563 12 C   A "C3'" 
372 O  "O3'" . C   A 12 ? 0.7367 0.5947 0.4943 -0.1396 0.1884  -0.0332 12 C   A "O3'" 
373 C  "C2'" . C   A 12 ? 0.6123 0.5007 0.4054 -0.0881 0.1672  -0.0441 12 C   A "C2'" 
374 O  "O2'" . C   A 12 ? 0.7098 0.5384 0.4260 -0.1078 0.1713  -0.0293 12 C   A "O2'" 
375 C  "C1'" . C   A 12 ? 0.6305 0.5677 0.4603 -0.0716 0.1817  -0.0764 12 C   A "C1'" 
376 N  N1    . C   A 12 ? 0.5860 0.5625 0.4778 -0.0350 0.1606  -0.0862 12 C   A N1    
377 C  C2    . C   A 12 ? 0.5491 0.4879 0.4280 -0.0119 0.1285  -0.0681 12 C   A C2    
378 O  O2    . C   A 12 ? 0.5732 0.4635 0.4021 -0.0222 0.1186  -0.0467 12 C   A O2    
379 N  N3    . C   A 12 ? 0.4864 0.4426 0.4028 0.0179  0.1080  -0.0751 12 C   A N3    
380 C  C4    . C   A 12 ? 0.5113 0.5275 0.4836 0.0320  0.1144  -0.0998 12 C   A C4    
381 N  N4    . C   A 12 ? 0.5342 0.5554 0.5312 0.0643  0.0882  -0.1041 12 C   A N4    
382 C  C5    . C   A 12 ? 0.6151 0.6896 0.6154 0.0102  0.1468  -0.1222 12 C   A C5    
383 C  C6    . C   A 12 ? 0.5760 0.6247 0.5308 -0.0264 0.1713  -0.1145 12 C   A C6    
395 P  P     . C   A 13 ? 0.7483 0.5909 0.5224 -0.1248 0.1624  -0.0145 13 C   A P     
396 O  OP1   . C   A 13 ? 0.7954 0.5587 0.4904 -0.1509 0.1664  0.0035  13 C   A OP1   
397 O  OP2   . C   A 13 ? 0.7736 0.6876 0.6254 -0.1162 0.1633  -0.0339 13 C   A OP2   
398 O  "O5'" . C   A 13 ? 0.6936 0.5228 0.4720 -0.0867 0.1271  0.0044  13 C   A "O5'" 
399 C  "C5'" . C   A 13 ? 0.6717 0.4486 0.3896 -0.0837 0.1135  0.0233  13 C   A "C5'" 
400 C  "C4'" . C   A 13 ? 0.6023 0.3964 0.3419 -0.0556 0.0847  0.0316  13 C   A "C4'" 
401 O  "O4'" . C   A 13 ? 0.5491 0.3809 0.3263 -0.0484 0.0900  0.0140  13 C   A "O4'" 
402 C  "C3'" . C   A 13 ? 0.5565 0.3702 0.3335 -0.0355 0.0632  0.0393  13 C   A "C3'" 
403 O  "O3'" . C   A 13 ? 0.7085 0.4873 0.4507 -0.0262 0.0468  0.0559  13 C   A "O3'" 
404 C  "C2'" . C   A 13 ? 0.5182 0.3606 0.3189 -0.0228 0.0474  0.0370  13 C   A "C2'" 
405 O  "O2'" . C   A 13 ? 0.5782 0.4054 0.3414 -0.0217 0.0311  0.0482  13 C   A "O2'" 
406 C  "C1'" . C   A 13 ? 0.5340 0.3851 0.3422 -0.0291 0.0664  0.0187  13 C   A "C1'" 
407 N  N1    . C   A 13 ? 0.4535 0.3404 0.3140 -0.0189 0.0702  0.0030  13 C   A N1    
408 C  C2    . C   A 13 ? 0.4457 0.3396 0.3237 -0.0037 0.0501  0.0037  13 C   A C2    
409 O  O2    . C   A 13 ? 0.5054 0.3838 0.3588 -0.0058 0.0342  0.0155  13 C   A O2    
410 N  N3    . C   A 13 ? 0.4910 0.4081 0.4064 0.0098  0.0474  -0.0096 13 C   A N3    
411 C  C4    . C   A 13 ? 0.4353 0.3859 0.3832 0.0095  0.0638  -0.0264 13 C   A C4    
412 N  N4    . C   A 13 ? 0.4237 0.4036 0.4100 0.0276  0.0547  -0.0408 13 C   A N4    
413 C  C5    . C   A 13 ? 0.5013 0.4557 0.4375 -0.0130 0.0893  -0.0304 13 C   A C5    
414 C  C6    . C   A 13 ? 0.4715 0.3846 0.3577 -0.0266 0.0913  -0.0136 13 C   A C6    
426 P  P     . C   A 14 ? 0.6829 0.4637 0.4475 -0.0124 0.0382  0.0587  14 C   A P     
427 O  OP1   . C   A 14 ? 0.7008 0.4209 0.4038 -0.0016 0.0252  0.0729  14 C   A OP1   
428 O  OP2   . C   A 14 ? 0.6557 0.4526 0.4520 -0.0292 0.0588  0.0456  14 C   A OP2   
429 O  "O5'" . C   A 14 ? 0.5827 0.4178 0.3955 0.0071  0.0185  0.0572  14 C   A "O5'" 
430 C  "C5'" . C   A 14 ? 0.5221 0.3746 0.3256 0.0167  -0.0007 0.0625  14 C   A "C5'" 
431 C  "C4'" . C   A 14 ? 0.5351 0.4402 0.3796 0.0179  -0.0102 0.0564  14 C   A "C4'" 
432 O  "O4'" . C   A 14 ? 0.5482 0.4549 0.4027 0.0031  0.0002  0.0485  14 C   A "O4'" 
433 C  "C3'" . C   A 14 ? 0.5370 0.4660 0.4166 0.0270  -0.0120 0.0521  14 C   A "C3'" 
434 O  "O3'" . C   A 14 ? 0.5515 0.4957 0.4309 0.0486  -0.0261 0.0538  14 C   A "O3'" 
435 C  "C2'" . C   A 14 ? 0.4945 0.4538 0.3949 0.0135  -0.0140 0.0456  14 C   A "C2'" 
436 O  "O2'" . C   A 14 ? 0.5268 0.5210 0.4230 0.0081  -0.0272 0.0451  14 C   A "O2'" 
437 C  "C1'" . C   A 14 ? 0.5698 0.5012 0.4541 0.0026  -0.0044 0.0433  14 C   A "C1'" 
438 N  N1    . C   A 14 ? 0.4326 0.3564 0.3374 0.0036  0.0073  0.0356  14 C   A N1    
439 C  C2    . C   A 14 ? 0.4275 0.3585 0.3471 0.0035  0.0009  0.0297  14 C   A C2    
440 O  O2    . C   A 14 ? 0.4753 0.4115 0.3834 -0.0042 -0.0104 0.0322  14 C   A O2    
441 N  N3    . C   A 14 ? 0.4230 0.3557 0.3640 0.0094  0.0061  0.0201  14 C   A N3    
442 C  C4    . C   A 14 ? 0.4364 0.3741 0.3889 0.0082  0.0219  0.0140  14 C   A C4    
443 N  N4    . C   A 14 ? 0.4196 0.3779 0.4018 0.0123  0.0261  0.0000  14 C   A N4    
444 C  C5    . C   A 14 ? 0.4807 0.4020 0.4091 -0.0002 0.0333  0.0207  14 C   A C5    
445 C  C6    . C   A 14 ? 0.4800 0.3897 0.3824 0.0015  0.0229  0.0327  14 C   A C6    
457 P  P     . C   A 15 ? 0.5433 0.4788 0.4353 0.0640  -0.0233 0.0501  15 C   A P     
458 O  OP1   . C   A 15 ? 0.5144 0.4660 0.3992 0.0956  -0.0419 0.0489  15 C   A OP1   
459 O  OP2   . C   A 15 ? 0.5742 0.4565 0.4487 0.0530  -0.0071 0.0520  15 C   A OP2   
460 O  "O5'" . C   A 15 ? 0.4302 0.4117 0.3621 0.0505  -0.0194 0.0408  15 C   A "O5'" 
461 C  "C5'" . C   A 15 ? 0.3491 0.3883 0.2986 0.0478  -0.0285 0.0341  15 C   A "C5'" 
462 C  "C4'" . C   A 15 ? 0.2913 0.3483 0.2566 0.0269  -0.0225 0.0277  15 C   A "C4'" 
463 O  "O4'" . C   A 15 ? 0.3467 0.3700 0.2990 0.0089  -0.0188 0.0319  15 C   A "O4'" 
464 C  "C3'" . C   A 15 ? 0.3474 0.3929 0.3242 0.0332  -0.0158 0.0231  15 C   A "C3'" 
465 O  "O3'" . C   A 15 ? 0.3630 0.4453 0.3533 0.0504  -0.0175 0.0129  15 C   A "O3'" 
466 C  "C2'" . C   A 15 ? 0.3362 0.3769 0.3106 0.0084  -0.0144 0.0218  15 C   A "C2'" 
467 O  "O2'" . C   A 15 ? 0.3708 0.4506 0.3424 -0.0099 -0.0163 0.0152  15 C   A "O2'" 
468 C  "C1'" . C   A 15 ? 0.3279 0.3411 0.2868 0.0013  -0.0162 0.0283  15 C   A "C1'" 
469 N  N1    . C   A 15 ? 0.3208 0.3028 0.2848 0.0076  -0.0104 0.0291  15 C   A N1    
470 C  C2    . C   A 15 ? 0.3371 0.3093 0.3061 0.0032  -0.0136 0.0247  15 C   A C2    
471 O  O2    . C   A 15 ? 0.3962 0.3702 0.3530 -0.0074 -0.0210 0.0237  15 C   A O2    
472 N  N3    . C   A 15 ? 0.3789 0.3434 0.3624 0.0082  -0.0092 0.0198  15 C   A N3    
473 C  C4    . C   A 15 ? 0.3655 0.3261 0.3518 0.0098  0.0028  0.0198  15 C   A C4    
474 N  N4    . C   A 15 ? 0.4185 0.3854 0.4222 0.0072  0.0110  0.0103  15 C   A N4    
475 C  C5    . C   A 15 ? 0.4352 0.3867 0.4025 0.0123  0.0064  0.0279  15 C   A C5    
476 C  C6    . C   A 15 ? 0.3812 0.3469 0.3413 0.0151  -0.0029 0.0320  15 C   A C6    
488 P  P     . A   A 16 ? 0.3913 0.4416 0.3780 0.0726  -0.0128 0.0086  16 A   A P     
489 O  OP1   . A   A 16 ? 0.3687 0.4647 0.3683 0.1009  -0.0177 -0.0057 16 A   A OP1   
490 O  OP2   . A   A 16 ? 0.4186 0.4014 0.3789 0.0778  -0.0104 0.0192  16 A   A OP2   
491 O  "O5'" . A   A 16 ? 0.3484 0.3912 0.3400 0.0482  -0.0048 0.0052  16 A   A "O5'" 
492 C  "C5'" . A   A 16 ? 0.3350 0.4213 0.3346 0.0301  -0.0030 -0.0038 16 A   A "C5'" 
493 C  "C4'" . A   A 16 ? 0.3405 0.3992 0.3292 0.0073  -0.0017 -0.0022 16 A   A "C4'" 
494 O  "O4'" . A   A 16 ? 0.3360 0.3644 0.3168 -0.0023 -0.0082 0.0084  16 A   A "O4'" 
495 C  "C3'" . A   A 16 ? 0.3215 0.3471 0.3081 0.0149  0.0022  -0.0052 16 A   A "C3'" 
496 O  "O3'" . A   A 16 ? 0.3573 0.4016 0.3428 0.0202  0.0092  -0.0189 16 A   A "O3'" 
497 C  "C2'" . A   A 16 ? 0.2901 0.2929 0.2691 -0.0047 -0.0049 -0.0005 16 A   A "C2'" 
498 O  "O2'" . A   A 16 ? 0.3584 0.3697 0.3195 -0.0244 -0.0078 -0.0044 16 A   A "O2'" 
499 C  "C1'" . A   A 16 ? 0.3427 0.3428 0.3228 -0.0055 -0.0106 0.0083  16 A   A "C1'" 
500 N  N9    . A   A 16 ? 0.3444 0.3267 0.3349 0.0038  -0.0078 0.0116  16 A   A N9    
501 C  C8    . A   A 16 ? 0.3815 0.3575 0.3709 0.0141  -0.0019 0.0159  16 A   A C8    
502 N  N7    . A   A 16 ? 0.4170 0.3758 0.4090 0.0109  0.0038  0.0160  16 A   A N7    
503 C  C5    . A   A 16 ? 0.3500 0.3163 0.3556 0.0022  -0.0010 0.0092  16 A   A C5    
504 C  C6    . A   A 16 ? 0.3702 0.3445 0.3932 -0.0048 0.0010  0.0009  16 A   A C6    
505 N  N6    . A   A 16 ? 0.3875 0.3610 0.4138 -0.0118 0.0146  -0.0023 16 A   A N6    
506 N  N1    . A   A 16 ? 0.3000 0.2879 0.3348 -0.0065 -0.0117 -0.0062 16 A   A N1    
507 C  C2    . A   A 16 ? 0.3303 0.3094 0.3486 -0.0059 -0.0238 -0.0026 16 A   A C2    
508 N  N3    . A   A 16 ? 0.3220 0.2938 0.3207 -0.0067 -0.0214 0.0040  16 A   A N3    
509 C  C4    . A   A 16 ? 0.3758 0.3488 0.3755 -0.0005 -0.0105 0.0084  16 A   A C4    
521 O  O3P   . CBV A 17 ? 0.7628 0.8162 0.7497 0.0250  0.0114  -0.0234 17 CBV A O3P   
522 P  P     . CBV A 17 ? 0.3936 0.4003 0.3679 0.0376  0.0152  -0.0266 17 CBV A P     
523 O  O1P   . CBV A 17 ? 0.4098 0.3755 0.3745 0.0573  0.0131  -0.0182 17 CBV A O1P   
524 O  O2P   . CBV A 17 ? 0.3295 0.3686 0.3043 0.0482  0.0238  -0.0456 17 CBV A O2P   
525 O  "O5'" . CBV A 17 ? 0.3452 0.3203 0.3096 0.0115  0.0123  -0.0229 17 CBV A "O5'" 
526 C  "C5'" . CBV A 17 ? 0.3466 0.3310 0.2996 -0.0083 0.0116  -0.0296 17 CBV A "C5'" 
527 C  "C4'" . CBV A 17 ? 0.3875 0.3452 0.3329 -0.0259 0.0008  -0.0256 17 CBV A "C4'" 
528 O  "O4'" . CBV A 17 ? 0.3950 0.3546 0.3551 -0.0263 -0.0102 -0.0152 17 CBV A "O4'" 
529 C  "C3'" . CBV A 17 ? 0.3724 0.2991 0.3134 -0.0261 0.0043  -0.0306 17 CBV A "C3'" 
530 O  "O3'" . CBV A 17 ? 0.4135 0.3245 0.3314 -0.0293 0.0117  -0.0427 17 CBV A "O3'" 
531 C  "C2'" . CBV A 17 ? 0.3588 0.2893 0.3107 -0.0413 -0.0112 -0.0272 17 CBV A "C2'" 
532 O  "O2'" . CBV A 17 ? 0.4309 0.3601 0.3640 -0.0548 -0.0241 -0.0302 17 CBV A "O2'" 
533 C  "C1'" . CBV A 17 ? 0.3530 0.3018 0.3215 -0.0323 -0.0171 -0.0173 17 CBV A "C1'" 
534 N  N1    . CBV A 17 ? 0.3510 0.2991 0.3372 -0.0255 -0.0091 -0.0147 17 CBV A N1    
535 C  C2    . CBV A 17 ? 0.3589 0.3178 0.3642 -0.0358 -0.0126 -0.0204 17 CBV A C2    
536 O  O2    . CBV A 17 ? 0.3943 0.3665 0.4059 -0.0431 -0.0263 -0.0269 17 CBV A O2    
537 N  N3    . CBV A 17 ? 0.3318 0.2893 0.3457 -0.0381 0.0006  -0.0199 17 CBV A N3    
538 C  C4    . CBV A 17 ? 0.3827 0.3166 0.3794 -0.0263 0.0112  -0.0105 17 CBV A C4    
539 N  N4    . CBV A 17 ? 0.3957 0.3150 0.3849 -0.0326 0.0238  -0.0085 17 CBV A N4    
540 C  C5    . CBV A 17 ? 0.4573 0.3857 0.4407 -0.0091 0.0089  -0.0053 17 CBV A C5    
541 C  C6    . CBV A 17 ? 0.3329 0.2746 0.3147 -0.0112 0.0015  -0.0094 17 CBV A C6    
542 BR BR    . CBV A 17 ? 0.9903 0.9010 0.9550 0.0150  0.0142  0.0034  17 CBV A BR    
554 P  P     . C   A 18 ? 0.5009 0.3633 0.3957 -0.0222 0.0222  -0.0510 18 C   A P     
555 O  OP1   . C   A 18 ? 0.4737 0.3284 0.3436 -0.0224 0.0298  -0.0663 18 C   A OP1   
556 O  OP2   . C   A 18 ? 0.5403 0.3834 0.4340 0.0020  0.0275  -0.0456 18 C   A OP2   
557 O  "O5'" . C   A 18 ? 0.4827 0.3308 0.3782 -0.0504 0.0144  -0.0497 18 C   A "O5'" 
558 C  "C5'" . C   A 18 ? 0.5067 0.3697 0.4011 -0.0717 0.0013  -0.0540 18 C   A "C5'" 
559 C  "C4'" . C   A 18 ? 0.4859 0.3605 0.3972 -0.0929 -0.0086 -0.0563 18 C   A "C4'" 
560 O  "O4'" . C   A 18 ? 0.4809 0.3905 0.4295 -0.0841 -0.0139 -0.0484 18 C   A "O4'" 
561 C  "C3'" . C   A 18 ? 0.5911 0.4275 0.4813 -0.1110 0.0054  -0.0639 18 C   A "C3'" 
562 O  "O3'" . C   A 18 ? 0.6337 0.4334 0.4849 -0.1288 0.0078  -0.0756 18 C   A "O3'" 
563 C  "C2'" . C   A 18 ? 0.5319 0.4148 0.4602 -0.1301 -0.0016 -0.0668 18 C   A "C2'" 
564 O  "O2'" . C   A 18 ? 0.5328 0.4543 0.4765 -0.1471 -0.0215 -0.0771 18 C   A "O2'" 
565 C  "C1'" . C   A 18 ? 0.4129 0.3325 0.3762 -0.1031 -0.0089 -0.0552 18 C   A "C1'" 
566 N  N1    . C   A 18 ? 0.4569 0.3597 0.4188 -0.0950 0.0076  -0.0477 18 C   A N1    
567 C  C2    . C   A 18 ? 0.4842 0.4080 0.4633 -0.1156 0.0155  -0.0539 18 C   A C2    
568 O  O2    . C   A 18 ? 0.4193 0.3869 0.4231 -0.1375 0.0082  -0.0679 18 C   A O2    
569 N  N3    . C   A 18 ? 0.4609 0.3618 0.4281 -0.1127 0.0306  -0.0465 18 C   A N3    
570 C  C4    . C   A 18 ? 0.4559 0.3173 0.3986 -0.0857 0.0333  -0.0334 18 C   A C4    
571 N  N4    . C   A 18 ? 0.5125 0.3464 0.4359 -0.0836 0.0442  -0.0257 18 C   A N4    
572 C  C5    . C   A 18 ? 0.4881 0.3422 0.4238 -0.0619 0.0249  -0.0302 18 C   A C5    
573 C  C6    . C   A 18 ? 0.4775 0.3511 0.4209 -0.0701 0.0147  -0.0377 18 C   A C6    
# 
